data_7RKF
#
_entry.id   7RKF
#
_cell.length_a   1.00
_cell.length_b   1.00
_cell.length_c   1.00
_cell.angle_alpha   90.00
_cell.angle_beta   90.00
_cell.angle_gamma   90.00
#
_symmetry.space_group_name_H-M   'P 1'
#
loop_
_entity.id
_entity.type
_entity.pdbx_description
1 polymer 'Guanine nucleotide-binding protein subunit alpha-11'
2 polymer 'Guanine nucleotide-binding protein G(I)/G(S)/G(T) subunit beta-1'
3 polymer 'Guanine nucleotide-binding protein G(I)/G(S)/G(O) subunit gamma-2'
4 polymer 'Antibody fragment scFv16'
5 polymer Fractalkine
6 polymer 'G-protein coupled receptor homolog US28'
7 non-polymer "GUANOSINE-5'-DIPHOSPHATE"
8 non-polymer 2-acetamido-2-deoxy-beta-D-glucopyranose
#
loop_
_entity_poly.entity_id
_entity_poly.type
_entity_poly.pdbx_seq_one_letter_code
_entity_poly.pdbx_strand_id
1 'polypeptide(L)'
;GCTLSAEDKAAVERSKMIEKQLRRDKRDARRELKLLLLGTGESGKSTFIKQMRIIHGAGYSEEDKRGFTKLVYQNIFTAM
QAMIRAMETLKILYKYEQNKANALLIREVDVEKVTTFEHQYVSAIKTLWEDPGIQECYDRRREYQLSDSAKYYLTDVDRI
ATLGYLPTQQDVLRVRVPTTGIIEYPFDLENIIFRMVDVGGQRSERRKWIHCFENVTSIMFLVALSEYDQVLVESDNENR
MEESKALFRTIITYPWFQNSSVILFLNKKDLLEDKILYSHLVDYFPEFDGPQRDAQAAREFILKMFVDLNPDSDKIIYSH
FTCATDTENIRFVFAAVKDTILQLNLKEYNLV
;
A
2 'polypeptide(L)'
;GPGSSGSELDQLRQEAEQLKNQIRDARKACADATLSQITNNIDPVGRIQMRTRRTLRGHLAKIYAMHWGTDSRLLVSASQ
DGKLIIWDSYTTNKVHAIPLRSSWVMTCAYAPSGNYVACGGLDNICSIYNLKTREGNVRVSRELAGHTGYLSCCRFLDDN
QIVTSSGDTTCALWDIETGQQTTTFTGHTGDVMSLSLAPDTRLFVSGACDASAKLWDVREGMCRQTFTGHESDINAICFF
PNGNAFATGSDDATCRLFDLRADQELMTYSHDNIICGITSVSFSKSGRLLLAGYDDFNCNVWDALKADRAGVLAGHDNRV
SCLGVTDDGMAVATGSWDSFLKIWN
;
B
3 'polypeptide(L)' ASNNTASIAQARKLVEQLKMEANIDRIKVSKAAADLMAYCEAHAKEDPLLTPVPASENPFREKKFFC C
4 'polypeptide(L)'
;DVQLVESGGGLVQPGGSRKLSCSASGFAFSSFGMHWVRQAPEKGLEWVAYISSGSGTIYYADTVKGRFTISRDDPKNTLF
LQMTSLRSEDTAMYYCVRSIYYYGSSPFDFWGQGTTLTVSSGGGGSGGGGSGGGGSDIVMTQATSSVPVTPGESVSISCR
SSKSLLHSNGNTYLYWFLQRPGQSPQLLIYRMSNLASGVPDRFSGSGSGTAFTLTISRLEAEDVGVYYCMQHLEYPLTFG
AGTKLELKGSLEVLFQ
;
D
5 'polypeptide(L)'
;(PCA)HHGVTKCNITCSKMTSKIPVALLIHYQQNQASCGKRAIILETRQHRLFCADPKEQWVKDAMQHLDRQAAALTRNG
GSGSGSAAALEVLFQ
;
L
6 'polypeptide(L)'
;DYKDDDDAMTPTTTTAELTTEFDYDEDATPCVFTDVLNQSKPVTLFLYGVVFLFGSIGNFLVIFTITWRRRIQCSGDVYF
INLAAADLLFVCTLPLWMQYLLDHNSLASVPCTLLTACFYVAMFASLCFITEIALDRYYAIVYMRYRPVKQACLFSIFWW
IFAVIIAIPHFMVVTKKDNQCMTDYDYLEVSYPIILNVELMLGAFVIPLSVISYCYYRISRIVAVSQSRHKGRIVRVLIA
VVLVFIIFWLPYHLTLFVDTLKLLKWISSSCEFERSLKRALILTESLAFCHCCLNPLLYVFVGTKFRQELHCLLAEFRQR
LFSRDVSWYHSMSFSRRSSPSRRETSSDTLSDEVCRVSQIIP
;
R
#
# COMPACT_ATOMS: atom_id res chain seq x y z
N THR A 3 5.97 -15.73 -24.96
CA THR A 3 4.65 -15.98 -25.55
C THR A 3 3.84 -14.70 -25.61
N LEU A 4 4.51 -13.57 -25.41
CA LEU A 4 3.85 -12.27 -25.41
C LEU A 4 3.67 -11.78 -26.84
N SER A 5 3.30 -10.51 -26.97
CA SER A 5 3.18 -9.84 -28.26
C SER A 5 4.19 -8.71 -28.32
N ALA A 6 4.05 -7.79 -29.27
CA ALA A 6 4.92 -6.63 -29.34
C ALA A 6 4.14 -5.33 -29.09
N GLU A 7 3.03 -5.44 -28.39
CA GLU A 7 2.24 -4.27 -28.01
C GLU A 7 1.95 -4.24 -26.52
N ASP A 8 1.75 -5.40 -25.89
CA ASP A 8 1.52 -5.42 -24.44
C ASP A 8 2.78 -5.07 -23.66
N LYS A 9 3.95 -5.17 -24.27
CA LYS A 9 5.17 -4.78 -23.58
C LYS A 9 5.09 -3.33 -23.11
N ALA A 10 4.38 -2.49 -23.87
CA ALA A 10 4.14 -1.14 -23.38
C ALA A 10 3.33 -1.14 -22.09
N ALA A 11 2.33 -2.02 -21.99
CA ALA A 11 1.56 -2.08 -20.76
C ALA A 11 2.41 -2.54 -19.58
N VAL A 12 3.30 -3.51 -19.82
CA VAL A 12 4.18 -3.95 -18.76
C VAL A 12 5.11 -2.82 -18.33
N GLU A 13 5.64 -2.07 -19.28
CA GLU A 13 6.49 -0.93 -18.94
C GLU A 13 5.71 0.10 -18.14
N ARG A 14 4.45 0.31 -18.49
CA ARG A 14 3.64 1.28 -17.76
C ARG A 14 3.42 0.85 -16.32
N SER A 15 3.08 -0.42 -16.10
CA SER A 15 2.86 -0.85 -14.73
C SER A 15 4.14 -0.83 -13.91
N LYS A 16 5.26 -1.18 -14.53
CA LYS A 16 6.54 -1.07 -13.82
C LYS A 16 6.80 0.37 -13.39
N MET A 17 6.59 1.32 -14.31
CA MET A 17 6.86 2.70 -13.95
C MET A 17 5.86 3.25 -12.94
N ILE A 18 4.65 2.70 -12.87
CA ILE A 18 3.71 3.16 -11.85
C ILE A 18 4.08 2.60 -10.49
N GLU A 19 4.58 1.37 -10.42
CA GLU A 19 5.11 0.90 -9.14
C GLU A 19 6.29 1.74 -8.68
N LYS A 20 7.18 2.08 -9.61
CA LYS A 20 8.30 2.94 -9.26
C LYS A 20 7.83 4.31 -8.79
N GLN A 21 6.70 4.78 -9.30
CA GLN A 21 6.12 6.03 -8.82
C GLN A 21 5.55 5.86 -7.41
N LEU A 22 4.89 4.72 -7.15
CA LEU A 22 4.25 4.52 -5.85
C LEU A 22 5.26 4.41 -4.72
N ARG A 23 6.44 3.85 -4.99
CA ARG A 23 7.39 3.61 -3.90
C ARG A 23 7.93 4.92 -3.31
N ARG A 24 8.00 5.98 -4.12
CA ARG A 24 8.43 7.27 -3.58
C ARG A 24 7.43 7.79 -2.55
N ASP A 25 6.14 7.70 -2.84
CA ASP A 25 5.14 8.09 -1.84
C ASP A 25 5.19 7.14 -0.64
N LYS A 26 5.61 5.90 -0.85
CA LYS A 26 5.75 4.98 0.28
C LYS A 26 6.75 5.55 1.26
N ARG A 27 7.96 5.86 0.78
CA ARG A 27 8.96 6.42 1.69
C ARG A 27 8.50 7.76 2.26
N ASP A 28 7.87 8.59 1.43
CA ASP A 28 7.39 9.90 1.85
C ASP A 28 6.44 9.83 3.04
N ALA A 29 5.61 8.79 3.13
CA ALA A 29 4.62 8.75 4.21
C ALA A 29 5.07 7.95 5.42
N ARG A 30 6.35 8.05 5.80
CA ARG A 30 6.84 7.41 7.01
C ARG A 30 7.28 8.41 8.07
N ARG A 31 7.03 9.70 7.86
CA ARG A 31 7.45 10.74 8.78
C ARG A 31 6.29 11.52 9.40
N GLU A 32 5.13 10.91 9.53
CA GLU A 32 3.96 11.63 10.03
C GLU A 32 3.44 10.97 11.30
N LEU A 33 2.90 11.80 12.19
CA LEU A 33 2.36 11.37 13.48
C LEU A 33 1.00 12.02 13.65
N LYS A 34 -0.08 11.28 13.44
CA LYS A 34 -1.41 11.84 13.65
C LYS A 34 -1.76 11.88 15.14
N LEU A 35 -2.17 13.04 15.62
CA LEU A 35 -2.54 13.25 17.02
C LEU A 35 -4.05 13.42 17.10
N LEU A 36 -4.74 12.39 17.56
CA LEU A 36 -6.20 12.44 17.57
C LEU A 36 -6.70 13.19 18.80
N LEU A 37 -7.41 14.29 18.58
CA LEU A 37 -7.98 15.08 19.66
C LEU A 37 -9.34 14.55 20.05
N LEU A 38 -9.64 14.57 21.35
CA LEU A 38 -10.97 14.20 21.83
C LEU A 38 -11.37 15.04 23.02
N GLY A 39 -12.64 14.96 23.34
CA GLY A 39 -13.22 15.69 24.45
C GLY A 39 -14.65 16.07 24.15
N THR A 40 -15.42 16.27 25.21
CA THR A 40 -16.83 16.57 25.08
C THR A 40 -17.02 17.97 24.53
N GLY A 41 -18.29 18.35 24.34
CA GLY A 41 -18.59 19.65 23.76
C GLY A 41 -18.19 20.80 24.64
N GLU A 42 -17.96 21.95 23.99
CA GLU A 42 -17.63 23.24 24.59
C GLU A 42 -16.32 23.18 25.37
N SER A 43 -15.63 22.04 25.33
CA SER A 43 -14.34 21.93 26.01
C SER A 43 -13.31 22.88 25.41
N GLY A 44 -13.40 23.16 24.11
CA GLY A 44 -12.43 24.04 23.48
C GLY A 44 -11.56 23.41 22.42
N LYS A 45 -12.06 22.35 21.77
CA LYS A 45 -11.24 21.61 20.81
C LYS A 45 -10.77 22.49 19.65
N SER A 46 -11.66 23.30 19.10
CA SER A 46 -11.29 24.12 17.93
C SER A 46 -10.26 25.19 18.28
N THR A 47 -10.33 25.75 19.49
CA THR A 47 -9.48 26.88 19.82
C THR A 47 -8.01 26.48 19.82
N PHE A 48 -7.72 25.24 20.19
CA PHE A 48 -6.35 24.76 20.11
C PHE A 48 -5.84 24.78 18.67
N ILE A 49 -6.63 24.20 17.75
CA ILE A 49 -6.25 24.22 16.34
C ILE A 49 -6.02 25.64 15.86
N LYS A 50 -6.89 26.57 16.26
CA LYS A 50 -6.74 27.95 15.80
C LYS A 50 -5.42 28.55 16.27
N GLN A 51 -5.18 28.51 17.59
CA GLN A 51 -3.91 29.00 18.12
C GLN A 51 -2.74 28.37 17.37
N MET A 52 -2.71 27.05 17.32
CA MET A 52 -1.75 26.27 16.56
C MET A 52 -1.51 26.82 15.17
N ARG A 53 -2.59 27.18 14.47
CA ARG A 53 -2.43 27.80 13.15
C ARG A 53 -1.68 29.11 13.26
N ILE A 54 -2.01 29.92 14.28
CA ILE A 54 -1.38 31.22 14.42
C ILE A 54 0.12 31.09 14.70
N ILE A 55 0.51 30.18 15.59
CA ILE A 55 1.90 30.17 16.07
C ILE A 55 2.87 29.77 14.95
N HIS A 56 2.53 28.77 14.15
CA HIS A 56 3.43 28.30 13.09
C HIS A 56 3.00 28.71 11.68
N GLY A 57 1.77 28.39 11.28
CA GLY A 57 1.35 28.70 9.92
C GLY A 57 1.32 30.18 9.62
N ALA A 58 0.83 30.98 10.57
CA ALA A 58 0.73 32.44 10.41
C ALA A 58 -0.04 32.80 9.15
N GLY A 59 -1.13 32.09 8.90
CA GLY A 59 -1.87 32.25 7.67
C GLY A 59 -2.96 33.30 7.66
N TYR A 60 -3.25 33.95 8.79
CA TYR A 60 -4.32 34.93 8.81
C TYR A 60 -4.00 36.16 7.96
N SER A 61 -5.01 36.62 7.22
CA SER A 61 -4.91 37.76 6.33
C SER A 61 -6.14 38.63 6.54
N GLU A 62 -6.07 39.87 6.07
CA GLU A 62 -7.15 40.82 6.34
C GLU A 62 -8.48 40.33 5.79
N GLU A 63 -8.48 39.81 4.56
CA GLU A 63 -9.71 39.28 3.98
C GLU A 63 -10.22 38.07 4.76
N ASP A 64 -9.30 37.20 5.18
CA ASP A 64 -9.71 36.05 5.97
C ASP A 64 -10.33 36.48 7.30
N LYS A 65 -9.73 37.48 7.94
CA LYS A 65 -10.30 38.01 9.17
C LYS A 65 -11.68 38.62 8.92
N ARG A 66 -11.82 39.35 7.81
CA ARG A 66 -13.12 39.92 7.46
C ARG A 66 -14.18 38.85 7.30
N GLY A 67 -13.83 37.73 6.67
CA GLY A 67 -14.78 36.66 6.35
C GLY A 67 -15.57 36.11 7.53
N PHE A 68 -15.27 36.52 8.77
CA PHE A 68 -15.93 36.00 9.95
C PHE A 68 -17.02 36.91 10.52
N THR A 69 -17.09 38.16 10.08
CA THR A 69 -18.08 39.13 10.56
C THR A 69 -19.49 38.56 10.69
N LYS A 70 -19.98 37.88 9.64
CA LYS A 70 -21.31 37.28 9.68
C LYS A 70 -21.44 36.33 10.87
N LEU A 71 -20.43 35.50 11.10
CA LEU A 71 -20.47 34.58 12.22
C LEU A 71 -20.46 35.32 13.54
N VAL A 72 -19.75 36.46 13.60
CA VAL A 72 -19.75 37.28 14.81
C VAL A 72 -21.17 37.75 15.13
N TYR A 73 -21.87 38.30 14.13
CA TYR A 73 -23.25 38.71 14.35
C TYR A 73 -24.13 37.54 14.77
N GLN A 74 -23.98 36.39 14.10
CA GLN A 74 -24.76 35.22 14.46
C GLN A 74 -24.55 34.84 15.92
N ASN A 75 -23.28 34.75 16.35
CA ASN A 75 -22.95 34.50 17.74
C ASN A 75 -23.65 35.46 18.68
N ILE A 76 -23.50 36.76 18.46
CA ILE A 76 -24.09 37.71 19.40
C ILE A 76 -25.60 37.52 19.48
N PHE A 77 -26.27 37.32 18.34
CA PHE A 77 -27.72 37.13 18.39
C PHE A 77 -28.13 35.84 19.08
N THR A 78 -27.46 34.72 18.78
CA THR A 78 -27.86 33.47 19.42
C THR A 78 -27.64 33.54 20.93
N ALA A 79 -26.52 34.12 21.36
CA ALA A 79 -26.30 34.35 22.79
C ALA A 79 -27.45 35.15 23.40
N MET A 80 -27.80 36.27 22.76
CA MET A 80 -28.84 37.12 23.33
C MET A 80 -30.18 36.37 23.40
N GLN A 81 -30.53 35.65 22.33
CA GLN A 81 -31.76 34.87 22.32
C GLN A 81 -31.77 33.85 23.44
N ALA A 82 -30.65 33.19 23.67
CA ALA A 82 -30.53 32.30 24.82
C ALA A 82 -30.80 33.05 26.12
N MET A 83 -30.30 34.29 26.22
CA MET A 83 -30.58 35.10 27.40
C MET A 83 -32.07 35.32 27.61
N ILE A 84 -32.79 35.69 26.54
CA ILE A 84 -34.24 35.89 26.69
C ILE A 84 -34.93 34.58 27.09
N ARG A 85 -34.55 33.48 26.45
CA ARG A 85 -35.19 32.21 26.78
C ARG A 85 -34.97 31.85 28.24
N ALA A 86 -33.74 32.01 28.73
CA ALA A 86 -33.46 31.76 30.13
C ALA A 86 -34.27 32.69 31.02
N MET A 87 -34.38 33.96 30.63
CA MET A 87 -35.15 34.92 31.40
C MET A 87 -36.59 34.47 31.58
N GLU A 88 -37.24 34.07 30.48
CA GLU A 88 -38.63 33.65 30.59
C GLU A 88 -38.77 32.26 31.19
N THR A 89 -37.68 31.48 31.27
CA THR A 89 -37.77 30.13 31.81
C THR A 89 -37.96 30.15 33.32
N LEU A 90 -37.20 31.00 34.02
CA LEU A 90 -37.20 31.00 35.48
C LEU A 90 -38.32 31.85 36.08
N LYS A 91 -39.14 32.49 35.24
CA LYS A 91 -40.29 33.27 35.69
C LYS A 91 -39.87 34.38 36.64
N ILE A 92 -39.11 35.33 36.08
CA ILE A 92 -38.58 36.46 36.81
C ILE A 92 -39.22 37.73 36.25
N LEU A 93 -39.84 38.51 37.11
CA LEU A 93 -40.60 39.67 36.68
C LEU A 93 -39.68 40.78 36.18
N TYR A 94 -40.16 41.52 35.18
CA TYR A 94 -39.45 42.66 34.63
C TYR A 94 -39.82 43.92 35.39
N LYS A 95 -38.86 44.82 35.51
CA LYS A 95 -39.08 46.08 36.21
C LYS A 95 -39.51 47.21 35.29
N TYR A 96 -39.23 47.11 33.99
CA TYR A 96 -39.53 48.17 33.04
C TYR A 96 -40.50 47.64 31.99
N GLU A 97 -41.51 48.45 31.67
CA GLU A 97 -42.54 48.01 30.73
C GLU A 97 -42.02 48.00 29.30
N GLN A 98 -41.19 48.98 28.94
CA GLN A 98 -40.62 49.03 27.60
C GLN A 98 -39.77 47.80 27.31
N ASN A 99 -39.04 47.30 28.32
CA ASN A 99 -38.22 46.12 28.14
C ASN A 99 -39.07 44.91 27.75
N LYS A 100 -40.26 44.79 28.34
CA LYS A 100 -41.15 43.69 27.98
C LYS A 100 -41.51 43.72 26.50
N ALA A 101 -41.78 44.92 25.97
CA ALA A 101 -42.08 45.06 24.55
C ALA A 101 -40.85 44.74 23.70
N ASN A 102 -39.68 45.19 24.14
CA ASN A 102 -38.45 45.04 23.36
C ASN A 102 -38.02 43.59 23.18
N ALA A 103 -38.78 42.61 23.69
CA ALA A 103 -38.40 41.22 23.54
C ALA A 103 -38.99 40.58 22.30
N LEU A 104 -40.22 40.97 21.92
CA LEU A 104 -40.88 40.40 20.76
C LEU A 104 -40.08 40.67 19.49
N LEU A 105 -39.48 41.86 19.38
CA LEU A 105 -38.79 42.24 18.15
C LEU A 105 -37.48 41.48 17.97
N ILE A 106 -36.90 40.96 19.04
CA ILE A 106 -35.63 40.25 18.97
C ILE A 106 -35.77 38.74 19.14
N ARG A 107 -36.93 38.25 19.60
CA ARG A 107 -37.05 36.82 19.86
C ARG A 107 -37.18 36.01 18.57
N GLU A 108 -38.28 36.20 17.85
CA GLU A 108 -38.55 35.43 16.64
C GLU A 108 -37.80 36.03 15.45
N VAL A 109 -36.48 35.90 15.50
CA VAL A 109 -35.59 36.41 14.47
C VAL A 109 -34.79 35.24 13.91
N ASP A 110 -34.81 35.08 12.59
CA ASP A 110 -34.02 34.04 11.94
C ASP A 110 -32.54 34.38 12.08
N VAL A 111 -31.81 33.54 12.82
CA VAL A 111 -30.40 33.82 13.10
C VAL A 111 -29.56 33.77 11.83
N GLU A 112 -29.83 32.78 10.96
CA GLU A 112 -28.97 32.59 9.79
C GLU A 112 -29.07 33.74 8.80
N LYS A 113 -30.27 34.28 8.59
CA LYS A 113 -30.46 35.28 7.55
C LYS A 113 -29.70 36.57 7.85
N VAL A 114 -29.61 36.96 9.12
CA VAL A 114 -29.09 38.28 9.46
C VAL A 114 -27.63 38.40 9.04
N THR A 115 -27.30 39.51 8.38
CA THR A 115 -25.95 39.78 7.91
C THR A 115 -25.37 41.10 8.41
N THR A 116 -26.19 42.11 8.67
CA THR A 116 -25.69 43.42 9.06
C THR A 116 -26.59 44.03 10.12
N PHE A 117 -26.17 45.17 10.64
CA PHE A 117 -26.92 45.94 11.63
C PHE A 117 -27.52 47.20 11.03
N GLU A 118 -28.59 47.65 11.69
CA GLU A 118 -29.13 48.99 11.55
C GLU A 118 -29.24 49.59 12.95
N HIS A 119 -29.77 50.81 13.05
CA HIS A 119 -29.82 51.46 14.35
C HIS A 119 -30.84 50.80 15.26
N GLN A 120 -31.87 50.16 14.69
CA GLN A 120 -32.93 49.58 15.51
C GLN A 120 -32.40 48.47 16.41
N TYR A 121 -31.64 47.54 15.85
CA TYR A 121 -31.14 46.42 16.64
C TYR A 121 -30.12 46.88 17.66
N VAL A 122 -29.29 47.87 17.30
CA VAL A 122 -28.32 48.40 18.25
C VAL A 122 -29.03 49.03 19.45
N SER A 123 -30.05 49.85 19.17
CA SER A 123 -30.80 50.47 20.26
C SER A 123 -31.51 49.43 21.11
N ALA A 124 -32.11 48.42 20.46
CA ALA A 124 -32.78 47.36 21.20
C ALA A 124 -31.82 46.64 22.14
N ILE A 125 -30.64 46.28 21.64
CA ILE A 125 -29.69 45.52 22.45
C ILE A 125 -29.15 46.38 23.58
N LYS A 126 -28.84 47.64 23.29
CA LYS A 126 -28.36 48.55 24.33
C LYS A 126 -29.39 48.71 25.44
N THR A 127 -30.66 48.90 25.08
CA THR A 127 -31.70 49.07 26.09
C THR A 127 -31.93 47.78 26.88
N LEU A 128 -31.89 46.63 26.19
CA LEU A 128 -32.13 45.36 26.88
C LEU A 128 -31.01 45.04 27.86
N TRP A 129 -29.76 45.32 27.50
CA TRP A 129 -28.64 45.00 28.37
C TRP A 129 -28.72 45.75 29.69
N GLU A 130 -29.31 46.95 29.70
CA GLU A 130 -29.30 47.80 30.87
C GLU A 130 -30.10 47.24 32.04
N ASP A 131 -30.93 46.23 31.83
CA ASP A 131 -31.84 45.80 32.89
C ASP A 131 -31.08 45.02 33.95
N PRO A 132 -31.22 45.38 35.23
CA PRO A 132 -30.60 44.57 36.29
C PRO A 132 -31.19 43.17 36.41
N GLY A 133 -32.38 42.92 35.86
CA GLY A 133 -32.87 41.56 35.79
C GLY A 133 -32.01 40.69 34.90
N ILE A 134 -31.62 41.23 33.74
CA ILE A 134 -30.67 40.52 32.88
C ILE A 134 -29.36 40.30 33.62
N GLN A 135 -28.93 41.29 34.41
CA GLN A 135 -27.68 41.16 35.14
C GLN A 135 -27.75 40.02 36.16
N GLU A 136 -28.83 39.96 36.93
CA GLU A 136 -28.96 38.87 37.90
C GLU A 136 -29.11 37.52 37.22
N CYS A 137 -29.83 37.46 36.09
CA CYS A 137 -29.93 36.22 35.34
C CYS A 137 -28.56 35.75 34.86
N TYR A 138 -27.74 36.69 34.38
CA TYR A 138 -26.35 36.36 34.05
C TYR A 138 -25.60 35.86 35.27
N ASP A 139 -25.84 36.48 36.43
CA ASP A 139 -25.22 36.01 37.66
C ASP A 139 -25.72 34.63 38.08
N ARG A 140 -26.83 34.16 37.53
CA ARG A 140 -27.37 32.85 37.84
C ARG A 140 -27.30 31.91 36.64
N ARG A 141 -26.24 32.05 35.84
CA ARG A 141 -26.02 31.31 34.60
C ARG A 141 -25.71 29.84 34.81
N ARG A 142 -25.83 29.35 36.03
CA ARG A 142 -25.58 27.94 36.30
C ARG A 142 -26.53 27.04 35.52
N GLU A 143 -27.84 27.31 35.64
CA GLU A 143 -28.83 26.34 35.19
C GLU A 143 -28.91 26.23 33.66
N TYR A 144 -29.02 27.36 32.98
CA TYR A 144 -29.46 27.37 31.59
C TYR A 144 -28.34 27.26 30.55
N GLN A 145 -27.11 27.02 30.98
CA GLN A 145 -25.95 26.77 30.11
C GLN A 145 -25.89 27.71 28.91
N LEU A 146 -25.75 29.00 29.21
CA LEU A 146 -25.49 29.99 28.19
C LEU A 146 -24.03 29.88 27.72
N SER A 147 -23.77 30.33 26.50
CA SER A 147 -22.42 30.24 25.96
C SER A 147 -21.43 30.97 26.84
N ASP A 148 -20.27 30.36 27.05
CA ASP A 148 -19.29 30.93 27.97
C ASP A 148 -18.77 32.28 27.49
N SER A 149 -18.51 32.43 26.20
CA SER A 149 -17.90 33.65 25.67
C SER A 149 -18.96 34.67 25.25
N ALA A 150 -19.85 35.02 26.19
CA ALA A 150 -20.82 36.08 25.96
C ALA A 150 -20.46 37.40 26.61
N LYS A 151 -19.70 37.36 27.72
CA LYS A 151 -19.34 38.60 28.41
C LYS A 151 -18.50 39.51 27.53
N TYR A 152 -17.55 38.94 26.79
CA TYR A 152 -16.69 39.73 25.92
C TYR A 152 -17.50 40.54 24.92
N TYR A 153 -18.43 39.90 24.20
CA TYR A 153 -19.15 40.59 23.13
C TYR A 153 -20.17 41.59 23.67
N LEU A 154 -20.92 41.21 24.70
CA LEU A 154 -22.01 42.06 25.18
C LEU A 154 -21.56 43.36 25.82
N THR A 155 -20.28 43.50 26.15
CA THR A 155 -19.78 44.77 26.66
C THR A 155 -19.17 45.66 25.58
N ASP A 156 -19.01 45.14 24.36
CA ASP A 156 -18.40 45.89 23.27
C ASP A 156 -19.30 45.89 22.04
N VAL A 157 -20.60 46.04 22.25
CA VAL A 157 -21.54 46.03 21.13
C VAL A 157 -21.38 47.28 20.28
N ASP A 158 -21.05 48.42 20.89
CA ASP A 158 -20.88 49.65 20.12
C ASP A 158 -19.65 49.60 19.24
N ARG A 159 -18.60 48.90 19.66
CA ARG A 159 -17.43 48.76 18.81
C ARG A 159 -17.73 47.93 17.56
N ILE A 160 -18.78 47.10 17.63
CA ILE A 160 -19.23 46.36 16.45
C ILE A 160 -20.24 47.16 15.64
N ALA A 161 -21.03 48.00 16.30
CA ALA A 161 -22.11 48.74 15.64
C ALA A 161 -21.61 49.73 14.60
N THR A 162 -20.33 50.06 14.60
CA THR A 162 -19.81 51.00 13.62
C THR A 162 -19.81 50.40 12.23
N LEU A 163 -19.67 51.26 11.22
CA LEU A 163 -19.74 50.80 9.83
C LEU A 163 -18.43 50.19 9.37
N GLY A 164 -17.30 50.82 9.67
CA GLY A 164 -16.01 50.29 9.26
C GLY A 164 -15.49 49.26 10.24
N TYR A 165 -16.06 48.06 10.23
CA TYR A 165 -15.72 47.02 11.19
C TYR A 165 -14.71 46.06 10.59
N LEU A 166 -13.53 45.99 11.21
CA LEU A 166 -12.55 44.97 10.90
C LEU A 166 -12.28 44.15 12.15
N PRO A 167 -12.58 42.85 12.17
CA PRO A 167 -12.31 42.05 13.36
C PRO A 167 -10.82 41.96 13.63
N THR A 168 -10.46 42.04 14.91
CA THR A 168 -9.07 42.03 15.31
C THR A 168 -8.59 40.61 15.58
N GLN A 169 -7.27 40.48 15.77
CA GLN A 169 -6.68 39.17 16.02
C GLN A 169 -7.25 38.53 17.27
N GLN A 170 -7.39 39.30 18.35
CA GLN A 170 -7.92 38.75 19.59
C GLN A 170 -9.35 38.25 19.42
N ASP A 171 -10.19 39.03 18.74
CA ASP A 171 -11.61 38.68 18.65
C ASP A 171 -11.83 37.35 17.92
N VAL A 172 -11.11 37.13 16.83
CA VAL A 172 -11.40 35.99 15.97
C VAL A 172 -11.25 34.66 16.72
N LEU A 173 -10.42 34.63 17.76
CA LEU A 173 -10.15 33.36 18.44
C LEU A 173 -11.34 32.87 19.26
N ARG A 174 -12.43 33.62 19.35
CA ARG A 174 -13.56 33.22 20.17
C ARG A 174 -14.82 32.93 19.38
N VAL A 175 -14.82 33.18 18.06
CA VAL A 175 -15.97 32.83 17.24
C VAL A 175 -16.02 31.33 17.02
N ARG A 176 -17.23 30.79 16.89
CA ARG A 176 -17.44 29.36 16.72
C ARG A 176 -18.02 29.08 15.34
N VAL A 177 -17.20 28.47 14.48
CA VAL A 177 -17.52 28.36 13.06
C VAL A 177 -18.23 27.03 12.80
N PRO A 178 -19.39 27.06 12.17
CA PRO A 178 -20.12 25.80 11.93
C PRO A 178 -19.53 24.95 10.82
N THR A 179 -18.85 23.86 11.19
CA THR A 179 -18.29 22.91 10.23
C THR A 179 -18.72 21.50 10.60
N THR A 180 -19.46 20.84 9.71
CA THR A 180 -19.90 19.46 9.96
C THR A 180 -18.79 18.45 9.73
N GLY A 181 -18.01 18.60 8.65
CA GLY A 181 -16.97 17.63 8.36
C GLY A 181 -15.79 17.74 9.30
N ILE A 182 -15.02 16.65 9.40
CA ILE A 182 -13.80 16.68 10.19
C ILE A 182 -12.82 17.69 9.60
N ILE A 183 -12.11 18.39 10.48
CA ILE A 183 -11.11 19.36 10.06
C ILE A 183 -9.74 18.77 10.34
N GLU A 184 -8.88 18.81 9.32
CA GLU A 184 -7.54 18.22 9.32
C GLU A 184 -6.53 19.32 9.06
N TYR A 185 -5.56 19.49 9.94
CA TYR A 185 -4.55 20.55 9.76
C TYR A 185 -3.12 20.02 9.77
N PRO A 186 -2.50 19.85 8.60
CA PRO A 186 -1.09 19.48 8.55
C PRO A 186 -0.14 20.67 8.64
N PHE A 187 1.01 20.45 9.27
CA PHE A 187 2.07 21.45 9.31
C PHE A 187 3.38 20.71 9.59
N ASP A 188 4.50 21.43 9.46
CA ASP A 188 5.81 20.80 9.59
C ASP A 188 6.71 21.55 10.56
N LEU A 189 7.37 20.82 11.45
CA LEU A 189 8.40 21.40 12.31
C LEU A 189 9.62 20.48 12.34
N GLU A 190 10.81 21.06 12.14
CA GLU A 190 12.10 20.36 12.24
C GLU A 190 12.16 19.10 11.39
N ASN A 191 11.59 19.17 10.19
CA ASN A 191 11.52 18.08 9.23
C ASN A 191 10.64 16.92 9.70
N ILE A 192 9.68 17.17 10.56
CA ILE A 192 8.66 16.20 10.95
C ILE A 192 7.31 16.85 10.66
N ILE A 193 6.50 16.19 9.84
CA ILE A 193 5.17 16.69 9.51
C ILE A 193 4.16 16.12 10.48
N PHE A 194 3.53 17.00 11.24
CA PHE A 194 2.43 16.63 12.11
C PHE A 194 1.12 16.88 11.38
N ARG A 195 0.15 16.02 11.64
CA ARG A 195 -1.21 16.22 11.14
C ARG A 195 -2.16 15.84 12.25
N MET A 196 -3.16 16.66 12.50
CA MET A 196 -4.16 16.34 13.49
C MET A 196 -5.56 16.59 12.95
N VAL A 197 -6.48 15.80 13.49
CA VAL A 197 -7.85 15.70 13.02
C VAL A 197 -8.78 16.07 14.16
N ASP A 198 -10.00 16.44 13.81
CA ASP A 198 -11.00 16.78 14.81
C ASP A 198 -12.26 15.98 14.57
N VAL A 199 -12.79 15.37 15.62
CA VAL A 199 -13.96 14.52 15.50
C VAL A 199 -15.07 15.03 16.39
N GLY A 200 -15.17 16.35 16.53
CA GLY A 200 -16.28 16.95 17.25
C GLY A 200 -17.47 17.33 16.40
N GLY A 201 -17.40 17.15 15.09
CA GLY A 201 -18.46 17.56 14.19
C GLY A 201 -19.41 16.47 13.71
N GLN A 202 -19.23 15.22 14.13
CA GLN A 202 -20.05 14.12 13.65
C GLN A 202 -21.09 13.75 14.72
N ARG A 203 -22.35 13.72 14.32
CA ARG A 203 -23.44 13.47 15.25
C ARG A 203 -24.05 12.07 15.15
N SER A 204 -23.55 11.23 14.24
CA SER A 204 -24.09 9.89 14.08
C SER A 204 -23.47 8.94 15.11
N GLU A 205 -23.97 7.71 15.13
CA GLU A 205 -23.45 6.68 16.01
C GLU A 205 -21.94 6.57 15.88
N ARG A 206 -21.29 6.24 16.99
CA ARG A 206 -19.83 6.22 17.04
C ARG A 206 -19.23 4.89 16.61
N ARG A 207 -19.87 3.77 16.99
CA ARG A 207 -19.33 2.45 16.72
C ARG A 207 -18.97 2.25 15.24
N LYS A 208 -19.75 2.82 14.33
CA LYS A 208 -19.55 2.55 12.91
C LYS A 208 -18.27 3.16 12.35
N TRP A 209 -17.91 4.39 12.75
CA TRP A 209 -16.78 5.05 12.12
C TRP A 209 -15.53 5.09 12.97
N ILE A 210 -15.54 4.50 14.18
CA ILE A 210 -14.40 4.64 15.07
C ILE A 210 -13.25 3.75 14.63
N HIS A 211 -13.54 2.53 14.17
CA HIS A 211 -12.48 1.62 13.77
C HIS A 211 -11.66 2.14 12.60
N CYS A 212 -12.15 3.16 11.90
CA CYS A 212 -11.35 3.79 10.86
C CYS A 212 -10.14 4.53 11.42
N PHE A 213 -9.94 4.56 12.74
CA PHE A 213 -8.85 5.31 13.35
C PHE A 213 -7.84 4.39 14.03
N GLU A 214 -7.75 3.16 13.56
CA GLU A 214 -6.82 2.20 14.16
C GLU A 214 -5.37 2.68 14.10
N ASN A 215 -4.67 2.50 15.21
CA ASN A 215 -3.24 2.81 15.32
C ASN A 215 -2.95 4.27 15.01
N VAL A 216 -3.60 5.15 15.75
CA VAL A 216 -3.15 6.52 15.85
C VAL A 216 -2.03 6.58 16.87
N THR A 217 -1.09 7.50 16.68
CA THR A 217 0.08 7.54 17.55
C THR A 217 -0.30 8.01 18.96
N SER A 218 -1.07 9.09 19.06
CA SER A 218 -1.34 9.68 20.35
C SER A 218 -2.79 10.11 20.45
N ILE A 219 -3.32 10.05 21.66
CA ILE A 219 -4.63 10.61 21.97
C ILE A 219 -4.42 11.80 22.88
N MET A 220 -4.99 12.94 22.52
CA MET A 220 -4.96 14.14 23.34
C MET A 220 -6.38 14.39 23.82
N PHE A 221 -6.62 14.11 25.08
CA PHE A 221 -7.92 14.34 25.70
C PHE A 221 -7.96 15.75 26.25
N LEU A 222 -9.11 16.41 26.18
CA LEU A 222 -9.24 17.75 26.73
C LEU A 222 -10.40 17.81 27.71
N VAL A 223 -10.15 18.30 28.92
CA VAL A 223 -11.20 18.42 29.93
C VAL A 223 -11.29 19.85 30.43
N ALA A 224 -12.51 20.35 30.58
CA ALA A 224 -12.78 21.66 31.15
C ALA A 224 -12.84 21.57 32.67
N LEU A 225 -12.17 22.50 33.35
CA LEU A 225 -12.20 22.52 34.81
C LEU A 225 -13.47 23.15 35.35
N SER A 226 -13.86 24.31 34.82
CA SER A 226 -14.95 25.09 35.41
C SER A 226 -16.31 24.43 35.25
N GLU A 227 -16.42 23.37 34.44
CA GLU A 227 -17.71 22.76 34.17
C GLU A 227 -18.31 22.04 35.37
N TYR A 228 -17.51 21.82 36.42
CA TYR A 228 -17.87 20.85 37.45
C TYR A 228 -19.21 21.13 38.12
N ASP A 229 -19.62 22.39 38.21
CA ASP A 229 -20.78 22.75 39.01
C ASP A 229 -22.02 23.07 38.19
N GLN A 230 -22.06 22.65 36.92
CA GLN A 230 -23.19 22.93 36.06
C GLN A 230 -24.19 21.77 36.09
N VAL A 231 -25.45 22.08 36.37
CA VAL A 231 -26.53 21.10 36.44
C VAL A 231 -27.60 21.52 35.44
N LEU A 232 -28.48 20.57 35.10
CA LEU A 232 -29.53 20.78 34.12
C LEU A 232 -30.90 20.54 34.75
N VAL A 233 -31.87 21.39 34.39
CA VAL A 233 -33.23 21.26 34.91
C VAL A 233 -33.92 20.00 34.38
N GLU A 234 -33.63 19.62 33.13
CA GLU A 234 -34.41 18.57 32.48
C GLU A 234 -34.32 17.25 33.24
N SER A 235 -33.12 16.86 33.66
CA SER A 235 -32.92 15.69 34.51
C SER A 235 -32.60 16.18 35.91
N ASP A 236 -33.31 15.61 36.91
CA ASP A 236 -33.19 16.11 38.27
C ASP A 236 -31.75 16.07 38.77
N ASN A 237 -31.01 15.03 38.40
CA ASN A 237 -29.59 14.92 38.72
C ASN A 237 -28.80 15.01 37.43
N GLU A 238 -27.86 15.96 37.37
CA GLU A 238 -27.08 16.20 36.17
C GLU A 238 -25.70 16.70 36.61
N ASN A 239 -24.65 15.99 36.20
CA ASN A 239 -23.29 16.42 36.49
C ASN A 239 -22.48 16.30 35.21
N ARG A 240 -22.02 17.45 34.70
CA ARG A 240 -21.23 17.42 33.47
C ARG A 240 -19.92 16.66 33.66
N MET A 241 -19.34 16.74 34.86
CA MET A 241 -18.15 15.95 35.15
C MET A 241 -18.39 14.46 34.93
N GLU A 242 -19.49 13.93 35.46
CA GLU A 242 -19.76 12.50 35.32
C GLU A 242 -19.86 12.07 33.86
N GLU A 243 -20.43 12.92 33.01
CA GLU A 243 -20.48 12.62 31.58
C GLU A 243 -19.08 12.45 31.00
N SER A 244 -18.19 13.42 31.24
CA SER A 244 -16.84 13.33 30.71
C SER A 244 -16.09 12.13 31.31
N LYS A 245 -16.37 11.82 32.57
CA LYS A 245 -15.76 10.65 33.19
C LYS A 245 -16.22 9.37 32.50
N ALA A 246 -17.50 9.28 32.16
CA ALA A 246 -18.00 8.10 31.48
C ALA A 246 -17.37 7.95 30.11
N LEU A 247 -17.27 9.06 29.37
CA LEU A 247 -16.57 9.02 28.09
C LEU A 247 -15.14 8.53 28.26
N PHE A 248 -14.42 9.09 29.23
CA PHE A 248 -13.03 8.68 29.43
C PHE A 248 -12.90 7.21 29.77
N ARG A 249 -13.78 6.70 30.63
CA ARG A 249 -13.76 5.28 30.95
C ARG A 249 -14.02 4.43 29.71
N THR A 250 -14.94 4.87 28.86
CA THR A 250 -15.21 4.11 27.65
C THR A 250 -14.02 4.10 26.69
N ILE A 251 -13.31 5.22 26.57
CA ILE A 251 -12.24 5.33 25.59
C ILE A 251 -11.16 4.28 25.82
N ILE A 252 -10.77 4.04 27.08
CA ILE A 252 -9.62 3.17 27.32
C ILE A 252 -9.94 1.70 27.22
N THR A 253 -11.23 1.33 27.11
CA THR A 253 -11.59 -0.07 27.03
C THR A 253 -11.67 -0.58 25.60
N TYR A 254 -11.75 0.31 24.61
CA TYR A 254 -11.60 -0.10 23.22
C TYR A 254 -10.19 -0.65 22.99
N PRO A 255 -10.06 -1.85 22.42
CA PRO A 255 -8.73 -2.35 22.06
C PRO A 255 -8.00 -1.51 21.04
N TRP A 256 -8.72 -0.73 20.23
CA TRP A 256 -8.12 -0.04 19.10
C TRP A 256 -7.00 0.91 19.53
N PHE A 257 -7.02 1.40 20.77
CA PHE A 257 -6.07 2.43 21.20
C PHE A 257 -5.09 1.93 22.26
N GLN A 258 -4.91 0.62 22.40
CA GLN A 258 -4.03 0.12 23.45
C GLN A 258 -2.58 0.52 23.20
N ASN A 259 -2.13 0.51 21.95
CA ASN A 259 -0.76 0.89 21.63
C ASN A 259 -0.53 2.38 21.85
N SER A 260 -1.51 3.21 21.48
CA SER A 260 -1.35 4.66 21.55
C SER A 260 -1.25 5.16 22.97
N SER A 261 -0.38 6.15 23.18
CA SER A 261 -0.26 6.82 24.46
C SER A 261 -1.38 7.84 24.65
N VAL A 262 -1.64 8.17 25.91
CA VAL A 262 -2.76 9.03 26.31
C VAL A 262 -2.22 10.22 27.08
N ILE A 263 -2.48 11.44 26.59
CA ILE A 263 -2.13 12.66 27.31
C ILE A 263 -3.40 13.46 27.53
N LEU A 264 -3.67 13.87 28.77
CA LEU A 264 -4.92 14.60 29.04
C LEU A 264 -4.63 16.02 29.52
N PHE A 265 -5.00 17.00 28.69
CA PHE A 265 -4.88 18.42 28.98
C PHE A 265 -6.08 18.92 29.78
N LEU A 266 -5.83 19.80 30.74
CA LEU A 266 -6.91 20.52 31.40
C LEU A 266 -6.97 21.97 30.92
N ASN A 267 -8.17 22.52 30.87
CA ASN A 267 -8.37 23.88 30.36
C ASN A 267 -9.26 24.67 31.28
N LYS A 268 -9.37 25.97 30.98
CA LYS A 268 -10.18 26.93 31.76
C LYS A 268 -9.77 27.01 33.22
N LYS A 269 -8.45 27.08 33.48
CA LYS A 269 -8.00 27.22 34.86
C LYS A 269 -8.30 28.62 35.40
N ASP A 270 -8.27 29.61 34.52
CA ASP A 270 -8.47 30.99 34.96
C ASP A 270 -9.87 31.15 35.54
N LEU A 271 -10.89 30.74 34.80
CA LEU A 271 -12.24 30.85 35.33
C LEU A 271 -12.32 30.16 36.69
N LEU A 272 -11.66 29.00 36.81
CA LEU A 272 -11.69 28.27 38.07
C LEU A 272 -11.17 29.11 39.21
N GLU A 273 -10.09 29.87 38.96
CA GLU A 273 -9.55 30.67 40.06
C GLU A 273 -10.40 31.90 40.34
N ASP A 274 -11.32 32.26 39.44
CA ASP A 274 -12.26 33.35 39.66
C ASP A 274 -13.64 32.86 40.06
N LYS A 275 -13.83 31.56 40.25
CA LYS A 275 -15.14 30.99 40.53
C LYS A 275 -15.27 30.35 41.90
N ILE A 276 -14.16 29.86 42.48
CA ILE A 276 -14.22 29.14 43.73
C ILE A 276 -14.47 30.05 44.93
N LEU A 277 -14.39 31.37 44.74
CA LEU A 277 -14.39 32.30 45.86
C LEU A 277 -15.71 32.33 46.62
N TYR A 278 -16.79 31.77 46.08
CA TYR A 278 -18.02 31.69 46.84
C TYR A 278 -18.74 30.35 46.68
N SER A 279 -18.10 29.34 46.09
CA SER A 279 -18.69 28.02 45.92
C SER A 279 -17.78 26.98 46.52
N HIS A 280 -18.38 25.95 47.12
CA HIS A 280 -17.65 24.91 47.84
C HIS A 280 -17.70 23.63 47.03
N LEU A 281 -16.52 23.09 46.69
CA LEU A 281 -16.47 21.82 45.98
C LEU A 281 -17.00 20.68 46.84
N VAL A 282 -16.77 20.75 48.15
CA VAL A 282 -17.17 19.67 49.06
C VAL A 282 -18.68 19.44 48.99
N ASP A 283 -19.45 20.50 48.72
CA ASP A 283 -20.89 20.32 48.57
C ASP A 283 -21.21 19.39 47.41
N TYR A 284 -20.54 19.57 46.27
CA TYR A 284 -20.79 18.73 45.11
C TYR A 284 -20.27 17.31 45.32
N PHE A 285 -19.07 17.17 45.86
CA PHE A 285 -18.44 15.86 46.06
C PHE A 285 -18.16 15.65 47.54
N PRO A 286 -18.80 14.66 48.18
CA PRO A 286 -18.53 14.44 49.62
C PRO A 286 -17.11 14.02 49.90
N GLU A 287 -16.48 13.27 49.00
CA GLU A 287 -15.16 12.70 49.25
C GLU A 287 -14.14 13.75 49.69
N PHE A 288 -14.20 14.93 49.08
CA PHE A 288 -13.21 15.96 49.41
C PHE A 288 -13.32 16.40 50.87
N ASP A 289 -12.17 16.56 51.51
CA ASP A 289 -12.13 16.92 52.92
C ASP A 289 -11.09 17.98 53.25
N GLY A 290 -10.32 18.46 52.27
CA GLY A 290 -9.28 19.43 52.52
C GLY A 290 -9.82 20.82 52.84
N PRO A 291 -8.97 21.82 52.71
CA PRO A 291 -9.38 23.19 53.02
C PRO A 291 -10.30 23.77 51.95
N GLN A 292 -10.88 24.91 52.26
CA GLN A 292 -11.74 25.64 51.33
C GLN A 292 -11.00 26.85 50.77
N ARG A 293 -11.60 27.42 49.73
CA ARG A 293 -11.04 28.59 49.03
C ARG A 293 -9.61 28.31 48.60
N ASP A 294 -9.39 27.14 48.01
CA ASP A 294 -8.06 26.70 47.61
C ASP A 294 -8.10 26.19 46.18
N ALA A 295 -7.41 26.90 45.29
CA ALA A 295 -7.28 26.41 43.92
C ALA A 295 -6.44 25.14 43.87
N GLN A 296 -5.35 25.12 44.61
CA GLN A 296 -4.41 24.00 44.55
C GLN A 296 -5.09 22.69 44.95
N ALA A 297 -5.88 22.71 46.02
CA ALA A 297 -6.55 21.50 46.47
C ALA A 297 -7.49 20.94 45.41
N ALA A 298 -8.27 21.82 44.77
CA ALA A 298 -9.23 21.34 43.78
C ALA A 298 -8.52 20.81 42.53
N ARG A 299 -7.51 21.53 42.06
CA ARG A 299 -6.73 21.05 40.92
C ARG A 299 -6.13 19.68 41.21
N GLU A 300 -5.48 19.53 42.37
CA GLU A 300 -4.87 18.26 42.71
C GLU A 300 -5.90 17.15 42.80
N PHE A 301 -7.06 17.44 43.41
CA PHE A 301 -8.09 16.42 43.53
C PHE A 301 -8.56 15.96 42.15
N ILE A 302 -8.83 16.90 41.25
CA ILE A 302 -9.35 16.52 39.94
C ILE A 302 -8.34 15.70 39.16
N LEU A 303 -7.08 16.15 39.14
CA LEU A 303 -6.06 15.42 38.42
C LEU A 303 -5.87 14.03 39.00
N LYS A 304 -5.80 13.95 40.33
CA LYS A 304 -5.64 12.66 40.99
C LYS A 304 -6.77 11.70 40.60
N MET A 305 -8.01 12.19 40.60
CA MET A 305 -9.12 11.28 40.32
C MET A 305 -9.10 10.78 38.88
N PHE A 306 -8.80 11.66 37.93
CA PHE A 306 -8.70 11.18 36.54
C PHE A 306 -7.56 10.17 36.38
N VAL A 307 -6.40 10.45 36.97
CA VAL A 307 -5.30 9.49 36.86
C VAL A 307 -5.70 8.16 37.49
N ASP A 308 -6.40 8.21 38.63
CA ASP A 308 -6.81 7.01 39.33
C ASP A 308 -7.84 6.22 38.54
N LEU A 309 -8.54 6.86 37.61
CA LEU A 309 -9.57 6.12 36.87
C LEU A 309 -8.98 5.41 35.65
N ASN A 310 -7.89 4.67 35.86
CA ASN A 310 -7.28 3.86 34.81
C ASN A 310 -7.50 2.37 35.07
N PRO A 311 -8.34 1.68 34.28
CA PRO A 311 -8.55 0.24 34.53
C PRO A 311 -7.31 -0.62 34.36
N ASP A 312 -6.51 -0.38 33.31
CA ASP A 312 -5.35 -1.21 33.06
C ASP A 312 -4.29 -1.09 34.16
N SER A 313 -4.02 0.12 34.61
CA SER A 313 -3.03 0.44 35.65
C SER A 313 -1.60 0.22 35.19
N ASP A 314 -1.39 -0.03 33.90
CA ASP A 314 -0.06 -0.19 33.33
C ASP A 314 0.31 0.90 32.36
N LYS A 315 -0.54 1.92 32.19
CA LYS A 315 -0.33 3.01 31.27
C LYS A 315 -0.07 4.28 32.06
N ILE A 316 1.07 4.92 31.81
CA ILE A 316 1.43 6.15 32.49
C ILE A 316 0.87 7.32 31.69
N ILE A 317 -0.20 7.90 32.20
CA ILE A 317 -0.87 9.01 31.54
C ILE A 317 -0.30 10.32 32.08
N TYR A 318 -0.04 11.26 31.18
CA TYR A 318 0.52 12.55 31.55
C TYR A 318 -0.55 13.63 31.51
N SER A 319 -0.23 14.77 32.10
CA SER A 319 -1.18 15.85 32.19
C SER A 319 -0.46 17.19 32.19
N HIS A 320 -1.20 18.22 31.78
CA HIS A 320 -0.73 19.59 31.86
C HIS A 320 -1.92 20.50 32.14
N PHE A 321 -1.62 21.66 32.71
CA PHE A 321 -2.61 22.69 32.98
C PHE A 321 -2.36 23.87 32.04
N THR A 322 -3.37 24.23 31.26
CA THR A 322 -3.22 25.27 30.25
C THR A 322 -4.44 26.19 30.26
N CYS A 323 -4.24 27.39 29.74
CA CYS A 323 -5.31 28.35 29.50
C CYS A 323 -5.45 28.55 28.00
N ALA A 324 -6.67 28.36 27.49
CA ALA A 324 -6.87 28.29 26.04
C ALA A 324 -6.66 29.65 25.38
N THR A 325 -7.14 30.73 25.99
CA THR A 325 -7.10 32.02 25.31
C THR A 325 -5.67 32.56 25.22
N ASP A 326 -4.84 32.30 26.21
CA ASP A 326 -3.46 32.78 26.21
C ASP A 326 -2.70 32.23 25.02
N THR A 327 -1.64 32.94 24.63
CA THR A 327 -0.81 32.54 23.50
C THR A 327 0.57 32.04 23.89
N GLU A 328 1.15 32.54 24.97
CA GLU A 328 2.47 32.06 25.39
C GLU A 328 2.38 30.73 26.13
N ASN A 329 1.28 30.50 26.85
CA ASN A 329 1.11 29.26 27.57
C ASN A 329 1.10 28.06 26.63
N ILE A 330 0.33 28.16 25.55
CA ILE A 330 0.31 27.10 24.55
C ILE A 330 1.67 26.96 23.90
N ARG A 331 2.30 28.09 23.56
CA ARG A 331 3.65 28.07 23.01
C ARG A 331 4.61 27.25 23.86
N PHE A 332 4.42 27.25 25.17
CA PHE A 332 5.33 26.46 26.01
C PHE A 332 4.87 25.02 26.20
N VAL A 333 3.57 24.79 26.38
CA VAL A 333 3.08 23.45 26.64
C VAL A 333 3.27 22.55 25.42
N PHE A 334 3.08 23.10 24.22
CA PHE A 334 3.24 22.27 23.04
C PHE A 334 4.71 21.94 22.81
N ALA A 335 5.60 22.89 23.09
CA ALA A 335 7.03 22.59 23.06
C ALA A 335 7.37 21.45 24.02
N ALA A 336 6.76 21.44 25.20
CA ALA A 336 6.97 20.33 26.13
C ALA A 336 6.48 19.00 25.54
N VAL A 337 5.24 18.98 25.07
CA VAL A 337 4.65 17.72 24.63
C VAL A 337 5.42 17.16 23.43
N LYS A 338 5.88 18.03 22.53
CA LYS A 338 6.66 17.55 21.38
C LYS A 338 7.78 16.62 21.86
N ASP A 339 8.58 17.10 22.81
CA ASP A 339 9.68 16.31 23.34
C ASP A 339 9.18 15.03 23.99
N THR A 340 8.22 15.16 24.92
CA THR A 340 7.82 13.95 25.65
C THR A 340 6.99 12.97 24.83
N ILE A 341 6.66 13.27 23.57
CA ILE A 341 6.02 12.30 22.69
C ILE A 341 6.97 11.75 21.63
N LEU A 342 7.86 12.59 21.09
CA LEU A 342 8.76 12.11 20.03
C LEU A 342 9.74 11.06 20.52
N GLN A 343 10.23 11.18 21.77
CA GLN A 343 11.20 10.19 22.24
C GLN A 343 10.54 8.85 22.49
N LEU A 344 9.28 8.85 22.94
CA LEU A 344 8.54 7.65 23.30
C LEU A 344 7.86 6.99 22.09
N ASN A 345 8.33 7.29 20.88
CA ASN A 345 7.79 6.69 19.66
C ASN A 345 8.92 6.09 18.84
N LEU A 346 8.68 4.91 18.27
CA LEU A 346 9.70 4.23 17.48
C LEU A 346 9.08 3.61 16.24
N LYS A 347 9.92 3.47 15.21
CA LYS A 347 9.57 2.81 13.96
C LYS A 347 10.37 1.53 13.83
N GLU A 348 9.70 0.45 13.43
CA GLU A 348 10.33 -0.86 13.45
C GLU A 348 11.49 -0.94 12.46
N TYR A 349 11.21 -0.79 11.17
CA TYR A 349 12.22 -0.85 10.12
C TYR A 349 13.03 -2.14 10.21
N ASN A 350 12.34 -3.24 9.95
CA ASN A 350 12.94 -4.59 9.83
C ASN A 350 13.78 -4.97 11.05
N LEU A 351 13.46 -4.41 12.21
CA LEU A 351 14.08 -4.84 13.45
C LEU A 351 13.38 -6.06 14.04
N VAL A 352 12.35 -6.57 13.37
CA VAL A 352 11.65 -7.77 13.79
C VAL A 352 10.94 -7.53 15.12
N ASP B 10 -52.02 10.21 21.33
CA ASP B 10 -51.96 9.01 22.15
C ASP B 10 -52.79 7.90 21.51
N GLN B 11 -54.02 8.25 21.11
CA GLN B 11 -54.86 7.33 20.36
C GLN B 11 -54.18 6.89 19.06
N LEU B 12 -53.35 7.76 18.49
CA LEU B 12 -52.60 7.38 17.30
C LEU B 12 -51.68 6.20 17.59
N ARG B 13 -51.08 6.16 18.78
CA ARG B 13 -50.20 5.04 19.13
C ARG B 13 -50.96 3.73 19.19
N GLN B 14 -52.13 3.72 19.83
CA GLN B 14 -52.91 2.49 19.90
C GLN B 14 -53.44 2.08 18.54
N GLU B 15 -53.81 3.05 17.69
CA GLU B 15 -54.20 2.70 16.32
C GLU B 15 -53.04 2.08 15.57
N ALA B 16 -51.83 2.61 15.76
CA ALA B 16 -50.66 2.02 15.11
C ALA B 16 -50.41 0.60 15.61
N GLU B 17 -50.60 0.37 16.91
CA GLU B 17 -50.46 -0.97 17.46
C GLU B 17 -51.49 -1.91 16.86
N GLN B 18 -52.73 -1.44 16.70
CA GLN B 18 -53.77 -2.26 16.09
C GLN B 18 -53.43 -2.60 14.65
N LEU B 19 -52.95 -1.63 13.88
CA LEU B 19 -52.53 -1.92 12.51
C LEU B 19 -51.37 -2.90 12.48
N LYS B 20 -50.45 -2.79 13.44
CA LYS B 20 -49.37 -3.76 13.53
C LYS B 20 -49.90 -5.16 13.77
N ASN B 21 -50.89 -5.29 14.65
CA ASN B 21 -51.50 -6.59 14.89
C ASN B 21 -52.18 -7.11 13.62
N GLN B 22 -52.84 -6.23 12.88
CA GLN B 22 -53.50 -6.64 11.65
C GLN B 22 -52.51 -7.16 10.62
N ILE B 23 -51.41 -6.43 10.41
CA ILE B 23 -50.43 -6.87 9.42
C ILE B 23 -49.77 -8.17 9.86
N ARG B 24 -49.50 -8.31 11.17
CA ARG B 24 -48.89 -9.54 11.66
C ARG B 24 -49.81 -10.73 11.45
N ASP B 25 -51.09 -10.60 11.83
CA ASP B 25 -51.98 -11.74 11.68
C ASP B 25 -52.18 -12.10 10.22
N ALA B 26 -52.27 -11.09 9.35
CA ALA B 26 -52.46 -11.38 7.93
C ALA B 26 -51.27 -12.13 7.36
N ARG B 27 -50.05 -11.65 7.64
CA ARG B 27 -48.88 -12.34 7.10
C ARG B 27 -48.76 -13.74 7.69
N LYS B 28 -49.13 -13.90 8.97
CA LYS B 28 -49.13 -15.24 9.55
C LYS B 28 -50.11 -16.15 8.83
N ALA B 29 -51.27 -15.62 8.45
CA ALA B 29 -52.25 -16.40 7.71
C ALA B 29 -51.70 -16.85 6.36
N CYS B 30 -50.92 -15.97 5.70
CA CYS B 30 -50.41 -16.31 4.38
C CYS B 30 -49.47 -17.51 4.41
N ALA B 31 -48.62 -17.60 5.44
CA ALA B 31 -47.59 -18.64 5.51
C ALA B 31 -48.20 -20.03 5.68
N ASP B 32 -48.15 -20.85 4.63
CA ASP B 32 -48.66 -22.22 4.73
C ASP B 32 -47.57 -23.21 5.15
N ALA B 33 -46.53 -23.35 4.35
CA ALA B 33 -45.52 -24.37 4.57
C ALA B 33 -44.12 -23.78 4.46
N THR B 34 -43.17 -24.43 5.12
CA THR B 34 -41.79 -23.99 5.11
C THR B 34 -41.07 -24.47 3.85
N LEU B 35 -39.92 -23.85 3.59
CA LEU B 35 -39.14 -24.20 2.41
C LEU B 35 -38.49 -25.57 2.56
N SER B 36 -38.07 -25.92 3.77
CA SER B 36 -37.38 -27.18 3.99
C SER B 36 -38.25 -28.38 3.60
N GLN B 37 -39.54 -28.31 3.92
CA GLN B 37 -40.44 -29.42 3.59
C GLN B 37 -40.52 -29.65 2.08
N ILE B 38 -40.60 -28.56 1.31
CA ILE B 38 -40.63 -28.69 -0.14
C ILE B 38 -39.29 -29.19 -0.66
N THR B 39 -38.18 -28.71 -0.10
CA THR B 39 -36.85 -29.00 -0.61
C THR B 39 -36.24 -30.28 -0.05
N ASN B 40 -37.03 -31.25 0.38
CA ASN B 40 -36.45 -32.49 0.89
C ASN B 40 -35.90 -33.37 -0.22
N ASN B 41 -36.63 -33.49 -1.34
CA ASN B 41 -36.24 -34.36 -2.44
C ASN B 41 -35.39 -33.61 -3.46
N ILE B 42 -34.23 -33.12 -3.01
CA ILE B 42 -33.28 -32.46 -3.89
C ILE B 42 -31.90 -33.03 -3.64
N ASP B 43 -31.22 -33.43 -4.71
CA ASP B 43 -29.86 -33.93 -4.59
C ASP B 43 -28.94 -32.83 -4.08
N PRO B 44 -28.05 -33.12 -3.15
CA PRO B 44 -27.19 -32.08 -2.56
C PRO B 44 -26.08 -31.68 -3.52
N VAL B 45 -25.41 -30.58 -3.15
CA VAL B 45 -24.30 -30.10 -3.95
C VAL B 45 -23.08 -30.99 -3.79
N GLY B 46 -22.79 -31.42 -2.56
CA GLY B 46 -21.67 -32.29 -2.31
C GLY B 46 -20.52 -31.58 -1.63
N ARG B 47 -19.37 -31.53 -2.30
CA ARG B 47 -18.21 -30.82 -1.78
C ARG B 47 -17.51 -30.10 -2.93
N ILE B 48 -17.29 -28.80 -2.75
CA ILE B 48 -16.61 -27.98 -3.73
C ILE B 48 -15.42 -27.30 -3.05
N GLN B 49 -14.27 -27.34 -3.72
CA GLN B 49 -13.08 -26.65 -3.27
C GLN B 49 -12.77 -25.50 -4.20
N MET B 50 -11.95 -24.56 -3.72
CA MET B 50 -11.61 -23.38 -4.49
C MET B 50 -10.12 -23.13 -4.35
N ARG B 51 -9.49 -22.62 -5.41
CA ARG B 51 -8.07 -22.35 -5.40
C ARG B 51 -7.80 -20.88 -5.68
N THR B 52 -6.69 -20.38 -5.14
CA THR B 52 -6.25 -19.02 -5.40
C THR B 52 -5.56 -18.95 -6.76
N ARG B 53 -6.09 -18.13 -7.68
CA ARG B 53 -5.49 -18.08 -9.00
C ARG B 53 -4.54 -16.91 -9.21
N ARG B 54 -4.67 -15.83 -8.43
CA ARG B 54 -3.88 -14.62 -8.62
C ARG B 54 -3.80 -13.89 -7.29
N THR B 55 -2.68 -13.20 -7.06
CA THR B 55 -2.51 -12.35 -5.89
C THR B 55 -2.09 -10.96 -6.34
N LEU B 56 -3.00 -10.00 -6.22
CA LEU B 56 -2.75 -8.62 -6.60
C LEU B 56 -2.29 -7.85 -5.37
N ARG B 57 -1.08 -7.29 -5.42
CA ARG B 57 -0.49 -6.61 -4.26
C ARG B 57 0.10 -5.26 -4.67
N GLY B 58 -0.61 -4.17 -4.36
CA GLY B 58 -0.05 -2.85 -4.58
C GLY B 58 -0.40 -1.76 -3.59
N HIS B 59 -0.82 -2.11 -2.38
CA HIS B 59 -1.25 -1.10 -1.42
C HIS B 59 -0.38 -1.10 -0.17
N LEU B 60 -0.49 0.02 0.56
CA LEU B 60 0.25 0.25 1.79
C LEU B 60 -0.64 0.29 3.02
N ALA B 61 -1.95 0.10 2.86
CA ALA B 61 -2.87 0.25 3.97
C ALA B 61 -4.06 -0.66 3.76
N LYS B 62 -4.88 -0.77 4.80
CA LYS B 62 -6.06 -1.62 4.73
C LYS B 62 -7.06 -1.16 3.68
N ILE B 63 -7.64 -2.13 2.97
CA ILE B 63 -8.54 -1.93 1.84
C ILE B 63 -9.98 -1.85 2.33
N TYR B 64 -10.74 -0.84 1.90
CA TYR B 64 -12.14 -0.84 2.33
C TYR B 64 -13.15 -1.33 1.30
N ALA B 65 -13.09 -0.89 0.06
CA ALA B 65 -14.10 -1.34 -0.88
C ALA B 65 -13.49 -1.58 -2.25
N MET B 66 -14.13 -2.46 -3.01
CA MET B 66 -13.80 -2.66 -4.41
C MET B 66 -15.06 -3.02 -5.16
N HIS B 67 -15.02 -2.82 -6.48
CA HIS B 67 -16.18 -3.14 -7.31
C HIS B 67 -15.71 -3.62 -8.67
N TRP B 68 -16.35 -4.67 -9.18
CA TRP B 68 -16.05 -5.17 -10.50
C TRP B 68 -16.50 -4.17 -11.56
N GLY B 69 -16.06 -4.38 -12.78
CA GLY B 69 -16.53 -3.61 -13.90
C GLY B 69 -17.54 -4.41 -14.70
N THR B 70 -18.37 -3.69 -15.47
CA THR B 70 -19.33 -4.40 -16.31
C THR B 70 -18.64 -5.22 -17.39
N ASP B 71 -17.48 -4.76 -17.86
CA ASP B 71 -16.74 -5.49 -18.89
C ASP B 71 -16.33 -6.87 -18.42
N SER B 72 -16.29 -7.09 -17.10
CA SER B 72 -15.92 -8.34 -16.45
C SER B 72 -14.42 -8.55 -16.49
N ARG B 73 -13.65 -7.51 -16.75
CA ARG B 73 -12.21 -7.61 -16.76
C ARG B 73 -11.51 -6.61 -15.83
N LEU B 74 -12.03 -5.39 -15.70
CA LEU B 74 -11.40 -4.35 -14.91
C LEU B 74 -12.01 -4.26 -13.51
N LEU B 75 -11.18 -3.94 -12.52
CA LEU B 75 -11.66 -3.73 -11.16
C LEU B 75 -10.99 -2.51 -10.55
N VAL B 76 -11.68 -1.87 -9.62
CA VAL B 76 -11.19 -0.65 -8.97
C VAL B 76 -11.21 -0.86 -7.45
N SER B 77 -10.10 -0.50 -6.80
CA SER B 77 -9.98 -0.71 -5.35
C SER B 77 -9.63 0.60 -4.65
N ALA B 78 -10.26 0.81 -3.49
CA ALA B 78 -10.11 2.01 -2.67
C ALA B 78 -9.48 1.71 -1.31
N SER B 79 -8.39 2.40 -1.01
CA SER B 79 -7.61 2.23 0.21
C SER B 79 -7.48 3.56 0.95
N GLN B 80 -7.10 3.47 2.22
CA GLN B 80 -6.97 4.64 3.08
C GLN B 80 -5.80 5.55 2.70
N ASP B 81 -4.95 5.13 1.79
CA ASP B 81 -3.75 5.90 1.47
C ASP B 81 -4.06 7.12 0.60
N GLY B 82 -5.34 7.49 0.48
CA GLY B 82 -5.72 8.59 -0.38
C GLY B 82 -5.54 8.34 -1.85
N LYS B 83 -5.45 7.08 -2.27
CA LYS B 83 -5.25 6.74 -3.67
C LYS B 83 -6.13 5.55 -4.00
N LEU B 84 -6.82 5.61 -5.14
CA LEU B 84 -7.58 4.46 -5.58
C LEU B 84 -7.05 4.04 -6.93
N ILE B 85 -6.92 2.74 -7.13
CA ILE B 85 -6.24 2.23 -8.32
C ILE B 85 -7.12 1.27 -9.08
N ILE B 86 -6.89 1.21 -10.40
CA ILE B 86 -7.60 0.32 -11.30
C ILE B 86 -6.67 -0.82 -11.71
N TRP B 87 -7.12 -2.05 -11.54
CA TRP B 87 -6.37 -3.23 -11.91
C TRP B 87 -7.03 -3.91 -13.10
N ASP B 88 -6.19 -4.47 -13.97
CA ASP B 88 -6.62 -5.39 -15.02
C ASP B 88 -6.48 -6.81 -14.49
N SER B 89 -7.58 -7.55 -14.49
CA SER B 89 -7.60 -8.82 -13.75
C SER B 89 -6.83 -9.93 -14.44
N TYR B 90 -6.80 -9.95 -15.77
CA TYR B 90 -6.23 -11.10 -16.46
C TYR B 90 -4.72 -11.19 -16.26
N THR B 91 -4.01 -10.08 -16.46
CA THR B 91 -2.55 -10.09 -16.41
C THR B 91 -1.98 -9.18 -15.32
N THR B 92 -2.81 -8.80 -14.34
CA THR B 92 -2.37 -8.16 -13.10
C THR B 92 -1.69 -6.81 -13.25
N ASN B 93 -1.53 -6.29 -14.46
CA ASN B 93 -0.84 -5.02 -14.60
C ASN B 93 -1.75 -3.86 -14.21
N LYS B 94 -1.15 -2.68 -14.01
CA LYS B 94 -1.84 -1.50 -13.49
C LYS B 94 -2.00 -0.43 -14.57
N VAL B 95 -3.22 0.05 -14.73
CA VAL B 95 -3.52 1.06 -15.74
C VAL B 95 -3.60 2.48 -15.17
N HIS B 96 -4.39 2.70 -14.12
CA HIS B 96 -4.68 4.05 -13.62
C HIS B 96 -4.62 4.09 -12.11
N ALA B 97 -3.61 4.75 -11.55
CA ALA B 97 -3.56 5.07 -10.13
C ALA B 97 -3.90 6.53 -9.96
N ILE B 98 -4.98 6.85 -9.24
CA ILE B 98 -5.44 8.22 -9.13
C ILE B 98 -5.45 8.65 -7.67
N PRO B 99 -4.79 9.75 -7.33
CA PRO B 99 -4.87 10.30 -5.98
C PRO B 99 -6.17 11.05 -5.76
N LEU B 100 -6.62 11.06 -4.51
CA LEU B 100 -7.79 11.83 -4.12
C LEU B 100 -7.46 12.68 -2.90
N ARG B 101 -8.12 13.83 -2.81
CA ARG B 101 -7.82 14.81 -1.77
C ARG B 101 -8.17 14.32 -0.37
N SER B 102 -9.46 14.12 -0.11
CA SER B 102 -9.91 13.81 1.25
C SER B 102 -9.54 12.38 1.60
N SER B 103 -8.45 12.22 2.33
CA SER B 103 -7.81 10.92 2.47
C SER B 103 -8.60 9.92 3.27
N TRP B 104 -9.84 10.15 3.70
CA TRP B 104 -10.60 9.16 4.44
C TRP B 104 -11.75 8.67 3.55
N VAL B 105 -11.52 7.56 2.86
CA VAL B 105 -12.46 7.02 1.88
C VAL B 105 -13.23 5.88 2.52
N MET B 106 -14.47 5.66 2.07
CA MET B 106 -15.27 4.60 2.64
C MET B 106 -16.12 3.83 1.63
N THR B 107 -16.14 4.21 0.36
CA THR B 107 -16.83 3.40 -0.64
C THR B 107 -16.35 3.79 -2.03
N CYS B 108 -16.44 2.85 -2.97
CA CYS B 108 -16.13 3.10 -4.37
C CYS B 108 -17.26 2.56 -5.24
N ALA B 109 -17.25 2.95 -6.51
CA ALA B 109 -18.26 2.50 -7.45
C ALA B 109 -17.77 2.75 -8.87
N TYR B 110 -18.18 1.87 -9.79
CA TYR B 110 -17.72 1.91 -11.17
C TYR B 110 -18.89 2.08 -12.13
N ALA B 111 -18.73 2.98 -13.09
CA ALA B 111 -19.79 3.27 -14.05
C ALA B 111 -20.01 2.11 -15.00
N PRO B 112 -21.27 1.77 -15.32
CA PRO B 112 -21.51 0.79 -16.38
C PRO B 112 -20.94 1.19 -17.72
N SER B 113 -20.94 2.48 -18.04
CA SER B 113 -20.42 2.91 -19.34
C SER B 113 -18.93 2.68 -19.46
N GLY B 114 -18.20 2.64 -18.35
CA GLY B 114 -16.77 2.60 -18.40
C GLY B 114 -16.11 3.95 -18.60
N ASN B 115 -16.79 5.02 -18.23
CA ASN B 115 -16.22 6.36 -18.32
C ASN B 115 -15.98 7.03 -16.98
N TYR B 116 -16.71 6.66 -15.93
CA TYR B 116 -16.66 7.37 -14.67
C TYR B 116 -16.33 6.42 -13.53
N VAL B 117 -15.89 6.99 -12.41
CA VAL B 117 -15.63 6.25 -11.18
C VAL B 117 -16.04 7.14 -10.01
N ALA B 118 -16.88 6.61 -9.13
CA ALA B 118 -17.41 7.39 -8.01
C ALA B 118 -16.79 6.90 -6.71
N CYS B 119 -16.31 7.84 -5.90
CA CYS B 119 -15.74 7.53 -4.59
C CYS B 119 -16.31 8.51 -3.57
N GLY B 120 -16.53 8.02 -2.35
CA GLY B 120 -17.09 8.85 -1.31
C GLY B 120 -16.45 8.53 0.03
N GLY B 121 -16.61 9.46 0.96
CA GLY B 121 -15.95 9.23 2.24
C GLY B 121 -16.48 9.99 3.43
N LEU B 122 -15.56 10.37 4.32
CA LEU B 122 -15.89 10.94 5.62
C LEU B 122 -16.01 12.45 5.60
N ASP B 123 -15.61 13.10 4.52
CA ASP B 123 -15.68 14.55 4.43
C ASP B 123 -17.02 15.02 3.88
N ASN B 124 -17.90 14.08 3.53
CA ASN B 124 -19.27 14.32 3.04
C ASN B 124 -19.31 14.86 1.61
N ILE B 125 -18.27 14.68 0.82
CA ILE B 125 -18.25 15.13 -0.56
C ILE B 125 -17.86 13.96 -1.45
N CYS B 126 -18.78 13.50 -2.30
CA CYS B 126 -18.51 12.43 -3.24
C CYS B 126 -18.07 13.03 -4.58
N SER B 127 -16.78 12.93 -4.89
CA SER B 127 -16.22 13.52 -6.10
C SER B 127 -16.25 12.50 -7.23
N ILE B 128 -16.91 12.85 -8.33
CA ILE B 128 -16.98 12.02 -9.53
C ILE B 128 -15.82 12.34 -10.46
N TYR B 129 -15.20 11.31 -11.03
CA TYR B 129 -13.98 11.44 -11.84
C TYR B 129 -14.25 11.04 -13.27
N ASN B 130 -13.97 11.93 -14.21
CA ASN B 130 -13.97 11.62 -15.64
C ASN B 130 -12.69 10.88 -16.02
N LEU B 131 -12.84 9.69 -16.60
CA LEU B 131 -11.67 8.89 -17.02
C LEU B 131 -11.18 9.25 -18.42
N LYS B 132 -11.96 8.91 -19.44
CA LYS B 132 -11.55 9.14 -20.83
C LYS B 132 -11.62 10.63 -21.17
N THR B 133 -10.46 11.27 -21.26
CA THR B 133 -10.41 12.68 -21.62
C THR B 133 -9.16 12.95 -22.44
N ARG B 134 -9.16 14.09 -23.12
CA ARG B 134 -7.97 14.54 -23.83
C ARG B 134 -6.88 14.87 -22.81
N GLU B 135 -5.63 14.72 -23.22
CA GLU B 135 -4.39 14.91 -22.46
C GLU B 135 -4.10 13.70 -21.57
N GLY B 136 -4.99 12.71 -21.51
CA GLY B 136 -4.74 11.49 -20.78
C GLY B 136 -4.47 11.65 -19.29
N ASN B 137 -5.08 12.64 -18.64
CA ASN B 137 -5.01 12.76 -17.19
C ASN B 137 -6.40 12.93 -16.61
N VAL B 138 -6.72 12.09 -15.62
CA VAL B 138 -8.03 12.15 -14.98
C VAL B 138 -8.17 13.43 -14.17
N ARG B 139 -9.37 14.02 -14.20
CA ARG B 139 -9.65 15.23 -13.44
C ARG B 139 -11.01 15.08 -12.78
N VAL B 140 -11.26 15.89 -11.76
CA VAL B 140 -12.53 15.87 -11.06
C VAL B 140 -13.57 16.64 -11.87
N SER B 141 -14.72 16.03 -12.10
CA SER B 141 -15.76 16.65 -12.92
C SER B 141 -16.73 17.49 -12.09
N ARG B 142 -17.45 16.87 -11.16
CA ARG B 142 -18.49 17.54 -10.40
C ARG B 142 -18.23 17.33 -8.92
N GLU B 143 -18.03 18.42 -8.19
CA GLU B 143 -17.82 18.36 -6.75
C GLU B 143 -19.19 18.37 -6.06
N LEU B 144 -19.87 17.23 -6.19
CA LEU B 144 -21.23 17.11 -5.70
C LEU B 144 -21.24 17.23 -4.18
N ALA B 145 -22.13 18.07 -3.65
CA ALA B 145 -22.13 18.38 -2.24
C ALA B 145 -23.54 18.74 -1.79
N GLY B 146 -23.71 18.85 -0.47
CA GLY B 146 -24.99 19.22 0.10
C GLY B 146 -25.48 18.28 1.18
N HIS B 147 -25.01 17.04 1.17
CA HIS B 147 -25.45 16.07 2.15
C HIS B 147 -24.72 16.32 3.46
N THR B 148 -25.34 15.92 4.57
CA THR B 148 -24.76 16.10 5.90
C THR B 148 -24.62 14.76 6.61
N GLY B 149 -23.50 14.57 7.30
CA GLY B 149 -23.24 13.34 8.01
C GLY B 149 -21.97 12.66 7.53
N TYR B 150 -22.12 11.50 6.90
CA TYR B 150 -20.98 10.82 6.29
C TYR B 150 -21.51 9.80 5.29
N LEU B 151 -21.11 9.93 4.02
CA LEU B 151 -21.59 9.03 2.98
C LEU B 151 -21.14 7.61 3.25
N SER B 152 -21.96 6.65 2.82
CA SER B 152 -21.72 5.25 3.08
C SER B 152 -21.57 4.41 1.82
N CYS B 153 -22.26 4.74 0.73
CA CYS B 153 -22.13 4.00 -0.51
C CYS B 153 -22.63 4.84 -1.67
N CYS B 154 -22.36 4.36 -2.88
CA CYS B 154 -22.77 5.01 -4.11
C CYS B 154 -22.95 3.95 -5.18
N ARG B 155 -23.98 4.11 -6.00
CA ARG B 155 -24.23 3.21 -7.12
C ARG B 155 -24.76 4.01 -8.29
N PHE B 156 -24.09 3.95 -9.42
CA PHE B 156 -24.63 4.58 -10.61
C PHE B 156 -25.90 3.87 -11.06
N LEU B 157 -26.80 4.62 -11.70
CA LEU B 157 -27.96 4.08 -12.38
C LEU B 157 -27.86 4.20 -13.89
N ASP B 158 -27.16 5.23 -14.36
CA ASP B 158 -26.85 5.48 -15.75
C ASP B 158 -25.61 6.37 -15.73
N ASP B 159 -25.30 7.01 -16.84
CA ASP B 159 -24.23 7.98 -16.77
C ASP B 159 -24.66 9.28 -16.13
N ASN B 160 -25.89 9.39 -15.63
CA ASN B 160 -26.36 10.64 -15.03
C ASN B 160 -26.77 10.50 -13.58
N GLN B 161 -27.78 9.70 -13.28
CA GLN B 161 -28.35 9.67 -11.94
C GLN B 161 -27.50 8.83 -10.99
N ILE B 162 -27.30 9.32 -9.76
CA ILE B 162 -26.62 8.54 -8.74
C ILE B 162 -27.42 8.59 -7.45
N VAL B 163 -27.56 7.45 -6.80
CA VAL B 163 -28.16 7.40 -5.47
C VAL B 163 -27.07 7.52 -4.43
N THR B 164 -27.37 8.20 -3.32
CA THR B 164 -26.45 8.30 -2.20
C THR B 164 -27.19 8.06 -0.89
N SER B 165 -26.45 7.50 0.08
CA SER B 165 -26.96 7.24 1.42
C SER B 165 -25.88 7.61 2.42
N SER B 166 -26.27 8.28 3.50
CA SER B 166 -25.29 8.74 4.48
C SER B 166 -25.86 8.53 5.88
N GLY B 167 -25.26 9.19 6.87
CA GLY B 167 -25.69 9.08 8.24
C GLY B 167 -26.78 10.04 8.67
N ASP B 168 -27.41 10.73 7.73
CA ASP B 168 -28.47 11.67 8.05
C ASP B 168 -29.84 10.99 8.04
N THR B 169 -29.87 9.65 7.97
CA THR B 169 -31.10 8.86 7.95
C THR B 169 -31.97 9.17 6.73
N THR B 170 -31.33 9.43 5.59
CA THR B 170 -32.06 9.77 4.38
C THR B 170 -31.35 9.16 3.17
N CYS B 171 -32.11 8.92 2.10
CA CYS B 171 -31.54 8.53 0.83
C CYS B 171 -31.82 9.61 -0.20
N ALA B 172 -30.84 9.95 -1.03
CA ALA B 172 -30.99 11.08 -1.94
C ALA B 172 -30.64 10.69 -3.36
N LEU B 173 -31.44 11.16 -4.32
CA LEU B 173 -31.14 10.92 -5.73
C LEU B 173 -30.59 12.21 -6.35
N TRP B 174 -29.43 12.11 -6.99
CA TRP B 174 -28.76 13.26 -7.57
C TRP B 174 -28.65 13.12 -9.08
N ASP B 175 -28.57 14.28 -9.75
CA ASP B 175 -28.30 14.36 -11.18
C ASP B 175 -26.95 15.03 -11.38
N ILE B 176 -26.06 14.38 -12.13
CA ILE B 176 -24.68 14.85 -12.24
C ILE B 176 -24.60 16.18 -12.98
N GLU B 177 -25.35 16.35 -14.07
CA GLU B 177 -25.19 17.57 -14.87
C GLU B 177 -25.72 18.79 -14.13
N THR B 178 -26.93 18.70 -13.59
CA THR B 178 -27.52 19.85 -12.92
C THR B 178 -26.82 20.15 -11.60
N GLY B 179 -26.45 19.11 -10.86
CA GLY B 179 -25.77 19.26 -9.58
C GLY B 179 -26.63 19.57 -8.38
N GLN B 180 -27.94 19.35 -8.45
CA GLN B 180 -28.80 19.61 -7.31
C GLN B 180 -29.72 18.43 -7.06
N GLN B 181 -30.20 18.34 -5.82
CA GLN B 181 -31.02 17.21 -5.40
C GLN B 181 -32.35 17.20 -6.13
N THR B 182 -32.86 16.00 -6.40
CA THR B 182 -34.16 15.82 -7.04
C THR B 182 -35.20 15.19 -6.12
N THR B 183 -34.90 14.04 -5.54
CA THR B 183 -35.87 13.35 -4.70
C THR B 183 -35.21 12.81 -3.44
N THR B 184 -35.90 12.99 -2.31
CA THR B 184 -35.45 12.49 -1.01
C THR B 184 -36.36 11.37 -0.54
N PHE B 185 -35.76 10.29 -0.08
CA PHE B 185 -36.45 9.13 0.47
C PHE B 185 -36.12 9.10 1.96
N THR B 186 -36.97 9.76 2.75
CA THR B 186 -36.80 9.88 4.18
C THR B 186 -37.69 8.82 4.86
N GLY B 187 -37.77 8.87 6.19
CA GLY B 187 -38.60 7.96 6.95
C GLY B 187 -37.86 6.97 7.83
N HIS B 188 -36.54 6.87 7.72
CA HIS B 188 -35.79 6.02 8.64
C HIS B 188 -35.57 6.73 9.97
N THR B 189 -35.18 5.94 10.97
CA THR B 189 -34.89 6.45 12.30
C THR B 189 -33.51 6.10 12.82
N GLY B 190 -32.81 5.16 12.20
CA GLY B 190 -31.50 4.76 12.66
C GLY B 190 -30.37 5.32 11.80
N ASP B 191 -29.84 4.48 10.91
CA ASP B 191 -28.85 4.93 9.94
C ASP B 191 -28.76 3.89 8.83
N VAL B 192 -28.73 4.35 7.58
CA VAL B 192 -28.73 3.45 6.44
C VAL B 192 -27.33 2.89 6.24
N MET B 193 -27.24 1.60 5.94
CA MET B 193 -25.94 0.96 5.79
C MET B 193 -25.61 0.52 4.37
N SER B 194 -26.56 -0.04 3.62
CA SER B 194 -26.23 -0.58 2.32
C SER B 194 -27.35 -0.34 1.31
N LEU B 195 -26.95 -0.33 0.04
CA LEU B 195 -27.83 -0.15 -1.10
C LEU B 195 -27.67 -1.32 -2.05
N SER B 196 -28.67 -1.54 -2.89
CA SER B 196 -28.59 -2.59 -3.90
C SER B 196 -29.62 -2.31 -4.99
N LEU B 197 -29.16 -2.09 -6.21
CA LEU B 197 -30.05 -1.82 -7.33
C LEU B 197 -30.51 -3.13 -7.96
N ALA B 198 -31.75 -3.14 -8.43
CA ALA B 198 -32.28 -4.30 -9.13
C ALA B 198 -31.71 -4.37 -10.54
N PRO B 199 -31.67 -5.56 -11.13
CA PRO B 199 -31.19 -5.67 -12.52
C PRO B 199 -31.96 -4.82 -13.51
N ASP B 200 -33.27 -4.69 -13.36
CA ASP B 200 -34.04 -3.82 -14.25
C ASP B 200 -33.88 -2.35 -13.92
N THR B 201 -33.20 -2.01 -12.81
CA THR B 201 -32.93 -0.63 -12.42
C THR B 201 -34.21 0.17 -12.24
N ARG B 202 -35.16 -0.40 -11.50
CA ARG B 202 -36.40 0.27 -11.19
C ARG B 202 -36.68 0.33 -9.69
N LEU B 203 -36.15 -0.60 -8.91
CA LEU B 203 -36.43 -0.71 -7.48
C LEU B 203 -35.13 -0.96 -6.74
N PHE B 204 -34.95 -0.31 -5.59
CA PHE B 204 -33.83 -0.65 -4.71
C PHE B 204 -34.32 -0.78 -3.28
N VAL B 205 -33.58 -1.60 -2.52
CA VAL B 205 -33.88 -1.84 -1.11
C VAL B 205 -32.72 -1.35 -0.27
N SER B 206 -33.03 -0.79 0.89
CA SER B 206 -32.05 -0.20 1.78
C SER B 206 -32.30 -0.67 3.20
N GLY B 207 -31.25 -1.12 3.87
CA GLY B 207 -31.35 -1.60 5.23
C GLY B 207 -30.75 -0.59 6.21
N ALA B 208 -31.49 -0.33 7.28
CA ALA B 208 -31.12 0.68 8.24
C ALA B 208 -30.48 0.03 9.47
N CYS B 209 -30.01 0.88 10.37
CA CYS B 209 -29.41 0.41 11.62
C CYS B 209 -30.45 0.12 12.69
N ASP B 210 -31.74 0.29 12.37
CA ASP B 210 -32.83 -0.08 13.27
C ASP B 210 -33.28 -1.53 13.09
N ALA B 211 -32.51 -2.35 12.37
CA ALA B 211 -32.87 -3.73 12.06
C ALA B 211 -34.13 -3.79 11.19
N SER B 212 -34.14 -2.95 10.16
CA SER B 212 -35.32 -2.82 9.31
C SER B 212 -34.88 -2.58 7.88
N ALA B 213 -35.46 -3.36 6.96
CA ALA B 213 -35.24 -3.15 5.53
C ALA B 213 -36.42 -2.38 4.95
N LYS B 214 -36.17 -1.67 3.86
CA LYS B 214 -37.23 -0.94 3.18
C LYS B 214 -37.06 -1.06 1.68
N LEU B 215 -38.16 -1.24 0.97
CA LEU B 215 -38.15 -1.22 -0.49
C LEU B 215 -38.64 0.14 -0.97
N TRP B 216 -37.89 0.78 -1.86
CA TRP B 216 -38.23 2.10 -2.34
C TRP B 216 -38.64 2.05 -3.81
N ASP B 217 -39.54 2.94 -4.18
CA ASP B 217 -39.93 3.13 -5.57
C ASP B 217 -39.22 4.37 -6.09
N VAL B 218 -38.35 4.18 -7.09
CA VAL B 218 -37.55 5.29 -7.57
C VAL B 218 -38.40 6.34 -8.29
N ARG B 219 -39.57 5.97 -8.79
CA ARG B 219 -40.39 6.92 -9.53
C ARG B 219 -41.23 7.79 -8.60
N GLU B 220 -42.17 7.18 -7.88
CA GLU B 220 -43.12 7.96 -7.10
C GLU B 220 -42.45 8.63 -5.90
N GLY B 221 -41.57 7.92 -5.21
CA GLY B 221 -40.87 8.47 -4.08
C GLY B 221 -41.43 8.12 -2.72
N MET B 222 -42.14 7.01 -2.58
CA MET B 222 -42.72 6.60 -1.31
C MET B 222 -42.33 5.15 -1.02
N CYS B 223 -42.13 4.85 0.25
CA CYS B 223 -41.63 3.54 0.65
C CYS B 223 -42.74 2.51 0.51
N ARG B 224 -42.55 1.56 -0.41
CA ARG B 224 -43.60 0.59 -0.71
C ARG B 224 -43.80 -0.42 0.41
N GLN B 225 -42.71 -1.01 0.91
CA GLN B 225 -42.80 -2.10 1.88
C GLN B 225 -41.70 -1.99 2.93
N THR B 226 -42.07 -2.29 4.18
CA THR B 226 -41.15 -2.32 5.31
C THR B 226 -40.98 -3.75 5.80
N PHE B 227 -39.76 -4.10 6.20
CA PHE B 227 -39.42 -5.45 6.62
C PHE B 227 -38.75 -5.41 7.99
N THR B 228 -39.47 -5.85 9.01
CA THR B 228 -38.92 -6.06 10.34
C THR B 228 -38.45 -7.50 10.53
N GLY B 229 -37.81 -7.76 11.67
CA GLY B 229 -37.46 -9.11 12.04
C GLY B 229 -36.13 -9.31 12.74
N HIS B 230 -35.08 -8.62 12.30
CA HIS B 230 -33.79 -8.78 12.95
C HIS B 230 -33.79 -8.13 14.34
N GLU B 231 -32.88 -8.61 15.19
CA GLU B 231 -32.75 -8.11 16.54
C GLU B 231 -31.59 -7.13 16.71
N SER B 232 -30.84 -6.86 15.65
CA SER B 232 -29.70 -5.95 15.74
C SER B 232 -29.45 -5.33 14.37
N ASP B 233 -28.49 -4.41 14.34
CA ASP B 233 -28.15 -3.71 13.10
C ASP B 233 -27.67 -4.67 12.02
N ILE B 234 -28.02 -4.37 10.77
CA ILE B 234 -27.65 -5.17 9.63
C ILE B 234 -26.50 -4.48 8.89
N ASN B 235 -25.78 -5.25 8.07
CA ASN B 235 -24.59 -4.71 7.41
C ASN B 235 -24.53 -4.90 5.90
N ALA B 236 -25.25 -5.84 5.32
CA ALA B 236 -25.12 -6.09 3.88
C ALA B 236 -26.45 -6.54 3.30
N ILE B 237 -26.75 -6.08 2.08
CA ILE B 237 -27.96 -6.49 1.36
C ILE B 237 -27.60 -6.75 -0.10
N CYS B 238 -28.31 -7.70 -0.73
CA CYS B 238 -28.05 -8.05 -2.12
C CYS B 238 -29.24 -8.83 -2.67
N PHE B 239 -29.64 -8.48 -3.90
CA PHE B 239 -30.77 -9.13 -4.58
C PHE B 239 -30.45 -10.52 -5.12
N PHE B 240 -31.49 -11.34 -5.13
CA PHE B 240 -31.51 -12.57 -5.93
C PHE B 240 -31.36 -12.22 -7.40
N PRO B 241 -30.66 -13.03 -8.20
CA PRO B 241 -30.45 -12.68 -9.60
C PRO B 241 -31.73 -12.45 -10.39
N ASN B 242 -32.82 -13.18 -10.07
CA ASN B 242 -34.06 -12.99 -10.81
C ASN B 242 -34.76 -11.69 -10.44
N GLY B 243 -34.55 -11.21 -9.22
CA GLY B 243 -35.20 -9.99 -8.77
C GLY B 243 -36.46 -10.19 -7.94
N ASN B 244 -36.56 -11.30 -7.21
CA ASN B 244 -37.77 -11.59 -6.44
C ASN B 244 -37.51 -11.79 -4.95
N ALA B 245 -36.26 -11.72 -4.51
CA ALA B 245 -35.94 -11.94 -3.10
C ALA B 245 -34.59 -11.31 -2.81
N PHE B 246 -34.29 -11.17 -1.53
CA PHE B 246 -32.98 -10.67 -1.14
C PHE B 246 -32.54 -11.27 0.18
N ALA B 247 -31.23 -11.36 0.35
CA ALA B 247 -30.60 -11.92 1.53
C ALA B 247 -29.99 -10.79 2.36
N THR B 248 -29.95 -10.99 3.67
CA THR B 248 -29.42 -10.00 4.59
C THR B 248 -28.43 -10.62 5.56
N GLY B 249 -27.37 -9.88 5.87
CA GLY B 249 -26.39 -10.26 6.87
C GLY B 249 -26.46 -9.30 8.04
N SER B 250 -26.52 -9.86 9.24
CA SER B 250 -26.69 -9.09 10.46
C SER B 250 -25.58 -9.43 11.45
N ASP B 251 -25.40 -8.54 12.43
CA ASP B 251 -24.34 -8.74 13.41
C ASP B 251 -24.59 -9.96 14.29
N ASP B 252 -25.83 -10.43 14.37
CA ASP B 252 -26.12 -11.65 15.12
C ASP B 252 -25.61 -12.90 14.41
N ALA B 253 -24.91 -12.75 13.28
CA ALA B 253 -24.29 -13.80 12.49
C ALA B 253 -25.28 -14.64 11.70
N THR B 254 -26.58 -14.39 11.85
CA THR B 254 -27.62 -15.20 11.22
C THR B 254 -28.10 -14.50 9.95
N CYS B 255 -27.56 -14.89 8.80
CA CYS B 255 -28.08 -14.40 7.53
C CYS B 255 -29.51 -14.89 7.34
N ARG B 256 -30.30 -14.12 6.61
CA ARG B 256 -31.71 -14.45 6.43
C ARG B 256 -32.15 -14.13 5.02
N LEU B 257 -33.19 -14.83 4.55
CA LEU B 257 -33.70 -14.61 3.20
C LEU B 257 -35.15 -14.14 3.26
N PHE B 258 -35.48 -13.13 2.45
CA PHE B 258 -36.85 -12.64 2.36
C PHE B 258 -37.27 -12.57 0.89
N ASP B 259 -38.46 -13.07 0.59
CA ASP B 259 -39.07 -12.90 -0.71
C ASP B 259 -40.05 -11.73 -0.72
N LEU B 260 -40.15 -11.07 -1.88
CA LEU B 260 -41.03 -9.91 -1.98
C LEU B 260 -42.49 -10.31 -2.01
N ARG B 261 -42.83 -11.31 -2.81
CA ARG B 261 -44.24 -11.57 -3.12
C ARG B 261 -45.01 -12.06 -1.90
N ALA B 262 -44.42 -12.95 -1.11
CA ALA B 262 -45.10 -13.48 0.06
C ALA B 262 -44.98 -12.59 1.28
N ASP B 263 -44.07 -11.60 1.26
CA ASP B 263 -43.98 -10.57 2.29
C ASP B 263 -43.66 -11.17 3.65
N GLN B 264 -42.83 -12.22 3.67
CA GLN B 264 -42.40 -12.83 4.91
C GLN B 264 -41.04 -13.49 4.73
N GLU B 265 -40.39 -13.75 5.85
CA GLU B 265 -39.13 -14.48 5.85
C GLU B 265 -39.36 -15.95 5.55
N LEU B 266 -38.46 -16.55 4.79
CA LEU B 266 -38.59 -17.95 4.41
C LEU B 266 -37.56 -18.86 5.05
N MET B 267 -36.32 -18.43 5.21
CA MET B 267 -35.28 -19.34 5.68
C MET B 267 -34.15 -18.55 6.33
N THR B 268 -33.57 -19.16 7.37
CA THR B 268 -32.54 -18.56 8.19
C THR B 268 -31.30 -19.45 8.20
N TYR B 269 -30.14 -18.86 7.95
CA TYR B 269 -28.87 -19.55 8.11
C TYR B 269 -28.35 -19.31 9.53
N SER B 270 -27.96 -20.39 10.21
CA SER B 270 -27.43 -20.23 11.55
C SER B 270 -26.63 -21.46 11.93
N HIS B 271 -25.66 -21.26 12.83
CA HIS B 271 -24.96 -22.38 13.45
C HIS B 271 -24.34 -21.88 14.75
N ASP B 272 -24.02 -22.82 15.64
CA ASP B 272 -23.67 -22.46 17.01
C ASP B 272 -22.22 -22.03 17.15
N ASN B 273 -21.33 -22.53 16.30
CA ASN B 273 -19.90 -22.27 16.48
C ASN B 273 -19.50 -20.86 16.04
N ILE B 274 -20.38 -20.11 15.40
CA ILE B 274 -20.07 -18.79 14.87
C ILE B 274 -20.74 -17.73 15.75
N ILE B 275 -19.98 -16.68 16.08
CA ILE B 275 -20.51 -15.55 16.83
C ILE B 275 -20.13 -14.20 16.24
N CYS B 276 -19.32 -14.17 15.18
CA CYS B 276 -18.82 -12.94 14.61
C CYS B 276 -19.86 -12.27 13.71
N GLY B 277 -19.59 -11.02 13.36
CA GLY B 277 -20.45 -10.25 12.48
C GLY B 277 -20.33 -10.65 11.02
N ILE B 278 -21.00 -9.88 10.18
CA ILE B 278 -21.05 -10.10 8.73
C ILE B 278 -20.53 -8.84 8.04
N THR B 279 -19.53 -9.01 7.19
CA THR B 279 -19.03 -7.88 6.41
C THR B 279 -19.59 -7.83 5.00
N SER B 280 -19.76 -8.96 4.32
CA SER B 280 -20.22 -8.93 2.94
C SER B 280 -21.03 -10.19 2.62
N VAL B 281 -21.97 -10.03 1.70
CA VAL B 281 -22.89 -11.09 1.27
C VAL B 281 -23.12 -10.93 -0.22
N SER B 282 -23.14 -12.05 -0.95
CA SER B 282 -23.39 -11.96 -2.38
C SER B 282 -23.76 -13.32 -2.96
N PHE B 283 -24.84 -13.35 -3.73
CA PHE B 283 -25.21 -14.57 -4.42
C PHE B 283 -24.22 -14.87 -5.56
N SER B 284 -24.47 -15.98 -6.24
CA SER B 284 -23.77 -16.31 -7.48
C SER B 284 -24.72 -16.07 -8.65
N LYS B 285 -24.20 -16.24 -9.87
CA LYS B 285 -24.99 -15.95 -11.06
C LYS B 285 -26.19 -16.88 -11.18
N SER B 286 -25.98 -18.18 -10.97
CA SER B 286 -27.08 -19.13 -11.13
C SER B 286 -28.13 -18.96 -10.04
N GLY B 287 -27.71 -18.62 -8.83
CA GLY B 287 -28.65 -18.37 -7.76
C GLY B 287 -28.68 -19.42 -6.66
N ARG B 288 -27.90 -20.49 -6.78
CA ARG B 288 -27.95 -21.55 -5.79
C ARG B 288 -26.92 -21.41 -4.68
N LEU B 289 -26.01 -20.44 -4.78
CA LEU B 289 -24.92 -20.31 -3.83
C LEU B 289 -24.92 -18.93 -3.20
N LEU B 290 -24.55 -18.86 -1.93
CA LEU B 290 -24.45 -17.60 -1.19
C LEU B 290 -23.06 -17.53 -0.59
N LEU B 291 -22.22 -16.64 -1.11
CA LEU B 291 -20.93 -16.38 -0.50
C LEU B 291 -21.11 -15.36 0.62
N ALA B 292 -20.67 -15.70 1.82
CA ALA B 292 -20.72 -14.79 2.95
C ALA B 292 -19.33 -14.62 3.53
N GLY B 293 -19.08 -13.47 4.12
CA GLY B 293 -17.76 -13.13 4.64
C GLY B 293 -17.81 -12.86 6.12
N TYR B 294 -16.84 -13.41 6.85
CA TYR B 294 -16.87 -13.46 8.30
C TYR B 294 -15.71 -12.68 8.90
N ASP B 295 -15.74 -12.54 10.22
CA ASP B 295 -14.61 -12.04 10.98
C ASP B 295 -13.64 -13.13 11.41
N ASP B 296 -14.01 -14.41 11.25
CA ASP B 296 -13.12 -15.51 11.59
C ASP B 296 -12.11 -15.79 10.50
N PHE B 297 -11.82 -14.79 9.68
CA PHE B 297 -10.76 -14.75 8.68
C PHE B 297 -11.04 -15.67 7.50
N ASN B 298 -12.19 -16.35 7.47
CA ASN B 298 -12.53 -17.25 6.38
C ASN B 298 -13.97 -17.00 5.93
N CYS B 299 -14.16 -16.86 4.61
CA CYS B 299 -15.48 -16.74 4.03
C CYS B 299 -16.06 -18.11 3.75
N ASN B 300 -17.39 -18.22 3.82
CA ASN B 300 -18.08 -19.49 3.69
C ASN B 300 -19.07 -19.47 2.54
N VAL B 301 -19.19 -20.61 1.86
CA VAL B 301 -20.09 -20.79 0.74
C VAL B 301 -21.24 -21.68 1.19
N TRP B 302 -22.44 -21.11 1.26
CA TRP B 302 -23.62 -21.86 1.70
C TRP B 302 -24.54 -22.13 0.53
N ASP B 303 -25.11 -23.33 0.48
CA ASP B 303 -26.11 -23.59 -0.53
C ASP B 303 -27.43 -22.93 -0.16
N ALA B 304 -28.15 -22.47 -1.18
CA ALA B 304 -29.31 -21.62 -0.94
C ALA B 304 -30.47 -22.40 -0.32
N LEU B 305 -30.78 -23.57 -0.87
CA LEU B 305 -32.03 -24.24 -0.60
C LEU B 305 -31.94 -25.32 0.48
N LYS B 306 -30.78 -25.53 1.10
CA LYS B 306 -30.61 -26.62 2.04
C LYS B 306 -29.94 -26.24 3.36
N ALA B 307 -29.26 -25.09 3.45
CA ALA B 307 -28.64 -24.57 4.65
C ALA B 307 -27.44 -25.38 5.14
N ASP B 308 -26.89 -26.26 4.31
CA ASP B 308 -25.64 -26.94 4.62
C ASP B 308 -24.46 -26.18 4.03
N ARG B 309 -23.26 -26.52 4.48
CA ARG B 309 -22.07 -25.86 3.97
C ARG B 309 -21.48 -26.66 2.81
N ALA B 310 -20.48 -26.05 2.16
CA ALA B 310 -19.85 -26.66 1.00
C ALA B 310 -18.33 -26.53 1.00
N GLY B 311 -17.73 -25.83 1.95
CA GLY B 311 -16.30 -25.71 2.03
C GLY B 311 -15.92 -24.40 2.70
N VAL B 312 -14.69 -23.97 2.43
CA VAL B 312 -14.09 -22.81 3.10
C VAL B 312 -13.04 -22.22 2.16
N LEU B 313 -12.94 -20.89 2.16
CA LEU B 313 -11.81 -20.19 1.59
C LEU B 313 -11.01 -19.57 2.72
N ALA B 314 -9.70 -19.80 2.72
CA ALA B 314 -8.84 -19.29 3.78
C ALA B 314 -7.58 -18.71 3.17
N GLY B 315 -6.84 -17.96 3.98
CA GLY B 315 -5.59 -17.38 3.51
C GLY B 315 -5.26 -16.02 4.06
N HIS B 316 -6.16 -15.42 4.83
CA HIS B 316 -6.02 -14.06 5.31
C HIS B 316 -5.63 -14.02 6.79
N ASP B 317 -5.05 -12.89 7.19
CA ASP B 317 -4.70 -12.66 8.58
C ASP B 317 -5.70 -11.78 9.31
N ASN B 318 -6.41 -10.90 8.60
CA ASN B 318 -7.38 -10.01 9.22
C ASN B 318 -8.76 -10.25 8.60
N ARG B 319 -9.72 -9.43 8.97
CA ARG B 319 -11.09 -9.58 8.50
C ARG B 319 -11.19 -9.32 7.00
N VAL B 320 -12.21 -9.91 6.39
CA VAL B 320 -12.48 -9.71 4.97
C VAL B 320 -13.44 -8.52 4.83
N SER B 321 -12.99 -7.48 4.14
CA SER B 321 -13.78 -6.26 4.02
C SER B 321 -14.71 -6.22 2.82
N CYS B 322 -14.46 -7.00 1.77
CA CYS B 322 -15.32 -6.86 0.62
C CYS B 322 -15.28 -8.10 -0.27
N LEU B 323 -16.40 -8.33 -0.95
CA LEU B 323 -16.58 -9.43 -1.88
C LEU B 323 -16.98 -8.87 -3.25
N GLY B 324 -16.73 -9.66 -4.29
CA GLY B 324 -17.22 -9.28 -5.59
C GLY B 324 -17.44 -10.46 -6.52
N VAL B 325 -18.64 -10.59 -7.07
CA VAL B 325 -18.97 -11.65 -8.01
C VAL B 325 -19.09 -11.04 -9.40
N THR B 326 -18.38 -11.61 -10.37
CA THR B 326 -18.42 -11.10 -11.73
C THR B 326 -19.74 -11.46 -12.38
N ASP B 327 -20.16 -10.66 -13.36
CA ASP B 327 -21.45 -10.84 -14.01
C ASP B 327 -21.59 -12.18 -14.71
N ASP B 328 -20.48 -12.83 -15.07
CA ASP B 328 -20.54 -14.14 -15.69
C ASP B 328 -20.56 -15.28 -14.68
N GLY B 329 -20.60 -14.98 -13.39
CA GLY B 329 -20.57 -16.03 -12.38
C GLY B 329 -19.34 -16.89 -12.44
N MET B 330 -18.22 -16.34 -12.90
CA MET B 330 -17.07 -17.14 -13.28
C MET B 330 -15.87 -16.96 -12.35
N ALA B 331 -15.87 -15.94 -11.49
CA ALA B 331 -14.76 -15.72 -10.56
C ALA B 331 -15.29 -14.92 -9.38
N VAL B 332 -14.59 -15.00 -8.24
CA VAL B 332 -14.95 -14.21 -7.07
C VAL B 332 -13.70 -13.52 -6.53
N ALA B 333 -13.80 -12.23 -6.28
CA ALA B 333 -12.69 -11.49 -5.68
C ALA B 333 -12.97 -11.22 -4.20
N THR B 334 -11.90 -11.28 -3.39
CA THR B 334 -11.98 -10.95 -1.98
C THR B 334 -10.93 -9.91 -1.61
N GLY B 335 -11.35 -8.93 -0.81
CA GLY B 335 -10.45 -7.93 -0.27
C GLY B 335 -10.48 -7.87 1.24
N SER B 336 -9.33 -8.01 1.87
CA SER B 336 -9.18 -8.11 3.32
C SER B 336 -8.24 -7.05 3.84
N TRP B 337 -8.28 -6.81 5.15
CA TRP B 337 -7.43 -5.80 5.76
C TRP B 337 -5.97 -6.24 5.80
N ASP B 338 -5.35 -6.39 4.65
CA ASP B 338 -3.93 -6.66 4.64
C ASP B 338 -3.22 -6.04 3.45
N SER B 339 -3.87 -5.13 2.72
CA SER B 339 -3.33 -4.54 1.49
C SER B 339 -3.16 -5.58 0.39
N PHE B 340 -3.95 -6.66 0.45
CA PHE B 340 -3.90 -7.72 -0.55
C PHE B 340 -5.30 -7.94 -1.11
N LEU B 341 -5.36 -8.31 -2.38
CA LEU B 341 -6.58 -8.75 -3.03
C LEU B 341 -6.35 -10.14 -3.59
N LYS B 342 -7.36 -11.01 -3.51
CA LYS B 342 -7.17 -12.36 -3.99
C LYS B 342 -8.35 -12.82 -4.83
N ILE B 343 -8.04 -13.40 -5.99
CA ILE B 343 -9.03 -13.86 -6.94
C ILE B 343 -9.14 -15.38 -6.86
N TRP B 344 -10.38 -15.87 -6.71
CA TRP B 344 -10.65 -17.28 -6.56
C TRP B 344 -11.51 -17.71 -7.75
N ASN B 345 -11.32 -18.95 -8.16
CA ASN B 345 -12.00 -19.48 -9.34
C ASN B 345 -12.74 -20.77 -9.05
N ILE C 8 -47.22 15.60 17.15
CA ILE C 8 -47.88 16.76 16.58
C ILE C 8 -48.18 16.54 15.10
N ALA C 9 -47.13 16.31 14.32
CA ALA C 9 -47.29 16.10 12.88
C ALA C 9 -46.64 14.79 12.44
N GLN C 10 -45.53 14.42 13.07
CA GLN C 10 -44.84 13.18 12.71
C GLN C 10 -45.71 11.97 13.01
N ALA C 11 -46.47 12.02 14.10
CA ALA C 11 -47.39 10.93 14.41
C ALA C 11 -48.46 10.79 13.32
N ARG C 12 -48.99 11.92 12.85
CA ARG C 12 -49.97 11.87 11.77
C ARG C 12 -49.38 11.24 10.52
N LYS C 13 -48.15 11.62 10.17
CA LYS C 13 -47.51 11.03 8.99
C LYS C 13 -47.31 9.55 9.16
N LEU C 14 -46.93 9.11 10.37
CA LEU C 14 -46.68 7.69 10.58
C LEU C 14 -47.97 6.88 10.51
N VAL C 15 -49.04 7.39 11.15
CA VAL C 15 -50.34 6.73 11.04
C VAL C 15 -50.81 6.69 9.60
N GLU C 16 -50.58 7.77 8.86
CA GLU C 16 -50.97 7.80 7.44
C GLU C 16 -50.26 6.71 6.66
N GLN C 17 -48.93 6.65 6.80
CA GLN C 17 -48.16 5.64 6.07
C GLN C 17 -48.58 4.22 6.46
N LEU C 18 -48.86 3.99 7.74
CA LEU C 18 -49.30 2.66 8.15
C LEU C 18 -50.69 2.35 7.60
N LYS C 19 -51.57 3.34 7.52
CA LYS C 19 -52.90 3.10 6.98
C LYS C 19 -52.86 2.79 5.49
N MET C 20 -51.97 3.48 4.76
CA MET C 20 -51.78 3.15 3.35
C MET C 20 -51.09 1.81 3.14
N GLU C 21 -50.57 1.19 4.21
CA GLU C 21 -49.76 -0.02 4.10
C GLU C 21 -50.63 -1.25 4.33
N ALA C 22 -51.64 -1.42 3.49
CA ALA C 22 -52.50 -2.61 3.59
C ALA C 22 -52.94 -3.21 2.26
N ASN C 23 -53.03 -2.43 1.18
CA ASN C 23 -53.63 -2.89 -0.07
C ASN C 23 -52.57 -3.56 -0.95
N ILE C 24 -52.16 -4.75 -0.53
CA ILE C 24 -51.16 -5.53 -1.26
C ILE C 24 -51.65 -6.96 -1.38
N ASP C 25 -51.59 -7.52 -2.58
CA ASP C 25 -51.94 -8.91 -2.78
C ASP C 25 -50.94 -9.82 -2.07
N ARG C 26 -51.43 -10.92 -1.52
CA ARG C 26 -50.61 -11.90 -0.81
C ARG C 26 -50.79 -13.25 -1.50
N ILE C 27 -49.77 -13.69 -2.21
CA ILE C 27 -49.84 -14.95 -2.93
C ILE C 27 -49.36 -16.08 -2.03
N LYS C 28 -49.68 -17.31 -2.41
CA LYS C 28 -49.31 -18.47 -1.62
C LYS C 28 -47.81 -18.65 -1.63
N VAL C 29 -47.24 -18.93 -0.45
CA VAL C 29 -45.81 -19.17 -0.33
C VAL C 29 -45.37 -20.32 -1.23
N SER C 30 -46.18 -21.38 -1.28
CA SER C 30 -45.87 -22.53 -2.13
C SER C 30 -45.57 -22.13 -3.56
N LYS C 31 -46.40 -21.25 -4.13
CA LYS C 31 -46.18 -20.83 -5.52
C LYS C 31 -44.84 -20.14 -5.71
N ALA C 32 -44.47 -19.24 -4.77
CA ALA C 32 -43.19 -18.56 -4.88
C ALA C 32 -42.03 -19.54 -4.74
N ALA C 33 -42.17 -20.51 -3.83
CA ALA C 33 -41.10 -21.49 -3.67
C ALA C 33 -40.95 -22.35 -4.91
N ALA C 34 -42.07 -22.74 -5.51
CA ALA C 34 -42.02 -23.51 -6.76
C ALA C 34 -41.39 -22.68 -7.88
N ASP C 35 -41.73 -21.39 -7.96
CA ASP C 35 -41.10 -20.52 -8.94
C ASP C 35 -39.59 -20.49 -8.76
N LEU C 36 -39.12 -20.41 -7.52
CA LEU C 36 -37.68 -20.30 -7.32
C LEU C 36 -36.98 -21.63 -7.56
N MET C 37 -37.66 -22.74 -7.30
CA MET C 37 -37.09 -24.04 -7.62
C MET C 37 -37.00 -24.23 -9.13
N ALA C 38 -38.04 -23.83 -9.85
CA ALA C 38 -38.00 -23.89 -11.31
C ALA C 38 -36.85 -23.07 -11.86
N TYR C 39 -36.73 -21.82 -11.40
CA TYR C 39 -35.70 -20.95 -11.97
C TYR C 39 -34.30 -21.47 -11.67
N CYS C 40 -34.06 -21.90 -10.42
CA CYS C 40 -32.71 -22.38 -10.10
C CYS C 40 -32.39 -23.65 -10.86
N GLU C 41 -33.33 -24.60 -10.93
CA GLU C 41 -33.11 -25.84 -11.66
C GLU C 41 -32.81 -25.57 -13.13
N ALA C 42 -33.61 -24.71 -13.77
CA ALA C 42 -33.58 -24.61 -15.22
C ALA C 42 -32.21 -24.17 -15.75
N HIS C 43 -31.61 -23.16 -15.13
CA HIS C 43 -30.35 -22.60 -15.59
C HIS C 43 -29.14 -23.15 -14.85
N ALA C 44 -29.32 -24.21 -14.06
CA ALA C 44 -28.24 -24.72 -13.23
C ALA C 44 -27.02 -25.13 -14.05
N LYS C 45 -27.24 -25.60 -15.28
CA LYS C 45 -26.13 -26.09 -16.09
C LYS C 45 -25.10 -24.99 -16.39
N GLU C 46 -25.57 -23.76 -16.59
CA GLU C 46 -24.71 -22.70 -17.11
C GLU C 46 -23.60 -22.32 -16.13
N ASP C 47 -23.91 -22.25 -14.84
CA ASP C 47 -22.97 -21.69 -13.88
C ASP C 47 -21.67 -22.49 -13.85
N PRO C 48 -20.52 -21.85 -13.97
CA PRO C 48 -19.25 -22.59 -13.96
C PRO C 48 -18.80 -22.95 -12.55
N LEU C 49 -19.21 -22.16 -11.55
CA LEU C 49 -18.80 -22.44 -10.18
C LEU C 49 -19.41 -23.73 -9.64
N LEU C 50 -20.52 -24.20 -10.22
CA LEU C 50 -21.17 -25.41 -9.78
C LEU C 50 -20.75 -26.64 -10.57
N THR C 51 -20.61 -26.51 -11.88
CA THR C 51 -20.13 -27.60 -12.74
C THR C 51 -18.90 -27.11 -13.48
N PRO C 52 -17.72 -27.64 -13.18
CA PRO C 52 -16.47 -27.01 -13.66
C PRO C 52 -16.35 -27.03 -15.18
N VAL C 53 -15.32 -26.33 -15.65
CA VAL C 53 -15.08 -26.08 -17.07
C VAL C 53 -13.72 -26.68 -17.43
N PRO C 54 -13.51 -27.16 -18.65
CA PRO C 54 -12.18 -27.57 -19.06
C PRO C 54 -11.20 -26.41 -19.06
N ALA C 55 -9.92 -26.75 -18.93
CA ALA C 55 -8.88 -25.73 -18.78
C ALA C 55 -8.64 -24.94 -20.06
N SER C 56 -9.09 -25.45 -21.21
CA SER C 56 -8.79 -24.77 -22.47
C SER C 56 -9.54 -23.46 -22.59
N GLU C 57 -10.82 -23.44 -22.23
CA GLU C 57 -11.61 -22.22 -22.35
C GLU C 57 -11.27 -21.21 -21.26
N ASN C 58 -10.79 -21.68 -20.11
CA ASN C 58 -10.64 -20.81 -18.95
C ASN C 58 -9.41 -19.94 -19.10
N PRO C 59 -9.54 -18.60 -19.11
CA PRO C 59 -8.37 -17.75 -19.28
C PRO C 59 -7.50 -17.61 -18.04
N PHE C 60 -8.04 -17.87 -16.86
CA PHE C 60 -7.23 -17.76 -15.65
C PHE C 60 -6.15 -18.83 -15.61
N VAL D 2 -2.69 20.57 -27.01
CA VAL D 2 -3.35 20.05 -28.20
C VAL D 2 -2.71 20.63 -29.45
N GLN D 3 -1.48 21.09 -29.32
CA GLN D 3 -0.76 21.70 -30.43
C GLN D 3 0.70 21.27 -30.39
N LEU D 4 1.22 20.81 -31.52
CA LEU D 4 2.61 20.41 -31.65
C LEU D 4 3.21 21.17 -32.82
N VAL D 5 4.30 21.90 -32.56
CA VAL D 5 4.97 22.69 -33.58
C VAL D 5 6.43 22.30 -33.64
N GLU D 6 6.96 22.17 -34.85
CA GLU D 6 8.35 21.81 -35.07
C GLU D 6 9.09 22.97 -35.73
N SER D 7 10.38 22.79 -35.95
CA SER D 7 11.20 23.83 -36.57
C SER D 7 12.34 23.15 -37.34
N GLY D 8 13.36 23.94 -37.68
CA GLY D 8 14.54 23.42 -38.34
C GLY D 8 14.36 23.01 -39.79
N GLY D 9 13.87 23.92 -40.62
CA GLY D 9 13.71 23.67 -42.05
C GLY D 9 14.62 24.57 -42.85
N GLY D 10 15.17 24.04 -43.94
CA GLY D 10 16.05 24.83 -44.79
C GLY D 10 16.87 23.92 -45.70
N LEU D 11 18.04 24.42 -46.07
CA LEU D 11 18.97 23.73 -46.96
C LEU D 11 20.22 23.33 -46.20
N VAL D 12 20.70 22.12 -46.45
CA VAL D 12 21.91 21.61 -45.82
C VAL D 12 22.83 21.08 -46.91
N GLN D 13 24.13 20.96 -46.59
CA GLN D 13 25.15 20.40 -47.46
C GLN D 13 25.53 19.00 -46.99
N PRO D 14 25.76 18.07 -47.92
CA PRO D 14 26.13 16.71 -47.53
C PRO D 14 27.42 16.68 -46.70
N GLY D 15 27.43 15.81 -45.70
CA GLY D 15 28.53 15.72 -44.77
C GLY D 15 28.46 16.78 -43.68
N GLY D 16 27.45 16.71 -42.84
CA GLY D 16 27.29 17.68 -41.79
C GLY D 16 26.42 17.18 -40.66
N SER D 17 25.83 18.13 -39.94
CA SER D 17 24.98 17.84 -38.78
C SER D 17 23.70 18.67 -38.87
N ARG D 18 22.63 18.15 -38.27
CA ARG D 18 21.35 18.85 -38.33
C ARG D 18 20.47 18.44 -37.16
N LYS D 19 20.08 19.40 -36.33
CA LYS D 19 19.16 19.20 -35.24
C LYS D 19 17.73 19.51 -35.67
N LEU D 20 16.78 18.74 -35.16
CA LEU D 20 15.35 18.95 -35.41
C LEU D 20 14.62 18.89 -34.08
N SER D 21 13.70 19.82 -33.88
CA SER D 21 13.01 19.96 -32.60
C SER D 21 11.50 19.82 -32.76
N CYS D 22 10.89 19.05 -31.87
CA CYS D 22 9.44 18.90 -31.78
C CYS D 22 9.03 19.39 -30.40
N SER D 23 8.22 20.44 -30.39
CA SER D 23 7.70 21.00 -29.15
C SER D 23 6.43 20.26 -28.73
N ALA D 24 5.93 20.61 -27.55
CA ALA D 24 4.73 19.98 -27.02
C ALA D 24 4.12 20.90 -25.98
N SER D 25 2.91 21.38 -26.25
CA SER D 25 2.22 22.26 -25.32
C SER D 25 0.77 21.84 -25.19
N GLY D 26 0.28 21.71 -23.96
CA GLY D 26 -1.13 21.54 -23.70
C GLY D 26 -1.57 20.18 -23.20
N PHE D 27 -0.67 19.33 -22.75
CA PHE D 27 -1.08 18.04 -22.19
C PHE D 27 0.01 17.54 -21.24
N ALA D 28 -0.31 16.44 -20.56
CA ALA D 28 0.62 15.79 -19.64
C ALA D 28 1.68 15.05 -20.46
N PHE D 29 2.64 15.83 -20.95
CA PHE D 29 3.64 15.31 -21.88
C PHE D 29 4.49 14.18 -21.28
N SER D 30 4.56 14.09 -19.96
CA SER D 30 5.48 13.14 -19.34
C SER D 30 5.14 11.69 -19.62
N SER D 31 3.94 11.38 -20.11
CA SER D 31 3.50 10.00 -20.26
C SER D 31 2.97 9.71 -21.66
N PHE D 32 3.66 10.21 -22.69
CA PHE D 32 3.26 9.98 -24.07
C PHE D 32 4.46 9.51 -24.89
N GLY D 33 4.43 8.25 -25.33
CA GLY D 33 5.44 7.75 -26.23
C GLY D 33 5.29 8.34 -27.63
N MET D 34 6.28 9.11 -28.07
CA MET D 34 6.26 9.73 -29.39
C MET D 34 6.95 8.86 -30.43
N HIS D 35 6.67 9.16 -31.70
CA HIS D 35 7.29 8.49 -32.84
C HIS D 35 7.85 9.56 -33.77
N TRP D 36 8.37 9.14 -34.92
CA TRP D 36 8.66 10.06 -36.02
C TRP D 36 8.27 9.39 -37.33
N VAL D 37 7.76 10.17 -38.29
CA VAL D 37 7.25 9.60 -39.53
C VAL D 37 7.80 10.37 -40.72
N ARG D 38 8.37 9.64 -41.69
CA ARG D 38 8.85 10.20 -42.94
C ARG D 38 7.78 10.12 -44.01
N GLN D 39 7.80 11.08 -44.94
CA GLN D 39 6.90 11.07 -46.09
C GLN D 39 7.64 11.64 -47.30
N ALA D 40 8.05 10.76 -48.21
CA ALA D 40 8.69 11.22 -49.43
C ALA D 40 7.68 11.92 -50.34
N PRO D 41 8.11 12.94 -51.10
CA PRO D 41 7.18 13.68 -51.95
C PRO D 41 6.64 12.90 -53.13
N GLU D 42 7.12 11.67 -53.36
CA GLU D 42 6.67 10.91 -54.52
C GLU D 42 6.35 9.45 -54.17
N LYS D 43 6.30 9.11 -52.88
CA LYS D 43 6.06 7.75 -52.43
C LYS D 43 5.20 7.85 -51.16
N GLY D 44 4.93 6.73 -50.52
CA GLY D 44 4.03 6.74 -49.38
C GLY D 44 4.72 7.12 -48.08
N LEU D 45 4.60 6.26 -47.07
CA LEU D 45 5.11 6.56 -45.74
C LEU D 45 6.25 5.62 -45.37
N GLU D 46 7.05 6.05 -44.40
CA GLU D 46 8.17 5.25 -43.93
C GLU D 46 8.46 5.58 -42.47
N TRP D 47 8.58 4.54 -41.65
CA TRP D 47 8.86 4.70 -40.23
C TRP D 47 10.32 5.12 -40.02
N VAL D 48 10.54 6.10 -39.16
CA VAL D 48 11.90 6.56 -38.89
C VAL D 48 12.42 6.07 -37.54
N ALA D 49 11.78 6.46 -36.45
CA ALA D 49 12.28 6.12 -35.12
C ALA D 49 11.18 6.31 -34.09
N TYR D 50 11.52 6.06 -32.82
CA TYR D 50 10.55 5.98 -31.75
C TYR D 50 11.25 6.08 -30.40
N ILE D 51 10.63 6.81 -29.48
CA ILE D 51 11.10 6.94 -28.10
C ILE D 51 9.98 6.51 -27.16
N SER D 52 10.33 5.75 -26.13
CA SER D 52 9.36 5.28 -25.16
C SER D 52 9.18 6.33 -24.06
N SER D 53 8.52 5.93 -22.98
CA SER D 53 8.30 6.81 -21.84
C SER D 53 9.46 6.71 -20.86
N GLY D 54 10.00 7.87 -20.46
CA GLY D 54 11.12 7.87 -19.54
C GLY D 54 12.40 7.30 -20.08
N SER D 55 12.57 7.29 -21.41
CA SER D 55 13.78 6.81 -22.07
C SER D 55 14.11 5.36 -21.73
N GLY D 56 13.11 4.57 -21.33
CA GLY D 56 13.33 3.19 -21.00
C GLY D 56 13.46 2.24 -22.17
N THR D 57 13.23 2.73 -23.39
CA THR D 57 13.28 1.88 -24.57
C THR D 57 13.48 2.76 -25.80
N ILE D 58 14.40 2.37 -26.67
CA ILE D 58 14.61 3.06 -27.93
C ILE D 58 14.75 2.03 -29.04
N TYR D 59 14.04 2.26 -30.15
CA TYR D 59 14.15 1.42 -31.33
C TYR D 59 14.61 2.28 -32.50
N TYR D 60 14.97 1.61 -33.60
CA TYR D 60 15.33 2.31 -34.83
C TYR D 60 14.97 1.43 -36.02
N ALA D 61 14.71 2.09 -37.14
CA ALA D 61 14.62 1.36 -38.40
C ALA D 61 16.00 0.89 -38.83
N ASP D 62 16.03 -0.30 -39.46
CA ASP D 62 17.31 -0.88 -39.87
C ASP D 62 18.03 -0.02 -40.89
N THR D 63 17.29 0.65 -41.77
CA THR D 63 17.94 1.43 -42.83
C THR D 63 18.60 2.70 -42.30
N VAL D 64 18.38 3.06 -41.04
CA VAL D 64 18.88 4.32 -40.50
C VAL D 64 19.68 4.13 -39.21
N LYS D 65 19.90 2.90 -38.77
CA LYS D 65 20.62 2.68 -37.52
C LYS D 65 22.04 3.22 -37.61
N GLY D 66 22.47 3.87 -36.53
CA GLY D 66 23.81 4.40 -36.44
C GLY D 66 24.04 5.77 -37.04
N ARG D 67 22.99 6.45 -37.49
CA ARG D 67 23.13 7.79 -38.02
C ARG D 67 22.33 8.85 -37.28
N PHE D 68 21.32 8.46 -36.49
CA PHE D 68 20.42 9.41 -35.86
C PHE D 68 20.46 9.22 -34.35
N THR D 69 19.82 10.16 -33.64
CA THR D 69 19.59 9.96 -32.20
C THR D 69 18.49 10.90 -31.74
N ILE D 70 17.59 10.39 -30.90
CA ILE D 70 16.48 11.19 -30.36
C ILE D 70 16.57 11.21 -28.85
N SER D 71 16.46 12.40 -28.27
CA SER D 71 16.44 12.60 -26.82
C SER D 71 15.25 13.48 -26.44
N ARG D 72 14.58 13.11 -25.35
CA ARG D 72 13.42 13.86 -24.87
C ARG D 72 13.79 14.66 -23.62
N ASP D 73 13.45 15.94 -23.62
CA ASP D 73 13.65 16.83 -22.47
C ASP D 73 12.28 17.07 -21.84
N ASP D 74 11.91 16.23 -20.89
CA ASP D 74 10.63 16.35 -20.19
C ASP D 74 10.47 17.61 -19.32
N PRO D 75 11.51 18.15 -18.67
CA PRO D 75 11.25 19.31 -17.80
C PRO D 75 10.78 20.54 -18.55
N LYS D 76 11.20 20.71 -19.80
CA LYS D 76 10.80 21.84 -20.63
C LYS D 76 9.90 21.40 -21.77
N ASN D 77 9.56 20.11 -21.84
CA ASN D 77 8.62 19.55 -22.81
C ASN D 77 9.09 19.79 -24.25
N THR D 78 10.21 19.15 -24.60
CA THR D 78 10.73 19.21 -25.95
C THR D 78 11.31 17.87 -26.36
N LEU D 79 11.62 17.75 -27.66
CA LEU D 79 12.17 16.51 -28.20
C LEU D 79 13.14 16.84 -29.33
N PHE D 80 14.36 16.33 -29.26
CA PHE D 80 15.41 16.63 -30.23
C PHE D 80 15.80 15.38 -31.00
N LEU D 81 15.99 15.53 -32.31
CA LEU D 81 16.57 14.51 -33.16
C LEU D 81 17.82 15.08 -33.83
N GLN D 82 18.95 14.39 -33.63
CA GLN D 82 20.23 14.77 -34.21
C GLN D 82 20.57 13.85 -35.38
N MET D 83 20.83 14.45 -36.53
CA MET D 83 21.22 13.76 -37.75
C MET D 83 22.66 14.11 -38.12
N THR D 84 23.41 13.11 -38.57
CA THR D 84 24.75 13.33 -39.10
C THR D 84 24.92 12.52 -40.38
N SER D 85 25.70 13.08 -41.31
CA SER D 85 26.02 12.43 -42.59
C SER D 85 24.75 12.16 -43.41
N LEU D 86 24.03 13.24 -43.69
CA LEU D 86 22.80 13.13 -44.46
C LEU D 86 23.11 12.79 -45.93
N ARG D 87 22.36 11.83 -46.47
CA ARG D 87 22.52 11.39 -47.84
C ARG D 87 21.49 12.09 -48.73
N SER D 88 21.59 11.84 -50.04
CA SER D 88 20.72 12.52 -50.99
C SER D 88 19.28 12.05 -50.91
N GLU D 89 19.03 10.85 -50.38
CA GLU D 89 17.69 10.30 -50.29
C GLU D 89 16.92 10.76 -49.06
N ASP D 90 17.49 11.67 -48.27
CA ASP D 90 16.89 12.06 -47.00
C ASP D 90 15.97 13.26 -47.11
N THR D 91 15.70 13.76 -48.32
CA THR D 91 14.76 14.86 -48.48
C THR D 91 13.33 14.33 -48.41
N ALA D 92 12.52 14.94 -47.54
CA ALA D 92 11.17 14.44 -47.29
C ALA D 92 10.40 15.43 -46.45
N MET D 93 9.22 15.02 -46.03
CA MET D 93 8.35 15.72 -45.10
C MET D 93 8.40 14.94 -43.79
N TYR D 94 8.56 15.62 -42.66
CA TYR D 94 8.76 14.97 -41.37
C TYR D 94 7.60 15.31 -40.44
N TYR D 95 7.00 14.27 -39.86
CA TYR D 95 5.84 14.42 -38.98
C TYR D 95 6.15 13.91 -37.59
N CYS D 96 5.71 14.69 -36.60
CA CYS D 96 5.79 14.36 -35.19
C CYS D 96 4.41 13.93 -34.71
N VAL D 97 4.32 12.75 -34.10
CA VAL D 97 3.01 12.20 -33.73
C VAL D 97 2.94 11.91 -32.24
N ARG D 98 1.85 11.27 -31.81
CA ARG D 98 1.63 10.97 -30.40
C ARG D 98 0.96 9.62 -30.29
N SER D 99 1.16 8.95 -29.15
CA SER D 99 0.61 7.62 -28.95
C SER D 99 0.69 7.18 -27.51
N ILE D 100 -0.39 6.65 -26.95
CA ILE D 100 -0.40 6.10 -25.59
C ILE D 100 -0.92 4.67 -25.65
N TYR D 101 -0.22 3.75 -24.99
CA TYR D 101 -0.52 2.32 -25.09
C TYR D 101 -0.96 1.78 -23.73
N TYR D 102 -2.25 1.50 -23.60
CA TYR D 102 -2.72 0.65 -22.50
C TYR D 102 -3.97 -0.08 -23.00
N TYR D 103 -4.74 -0.63 -22.08
CA TYR D 103 -5.88 -1.46 -22.47
C TYR D 103 -7.06 -0.59 -22.89
N GLY D 104 -7.48 -0.74 -24.14
CA GLY D 104 -8.61 0.01 -24.67
C GLY D 104 -8.31 1.39 -25.19
N SER D 105 -7.06 1.84 -25.15
CA SER D 105 -6.73 3.14 -25.72
C SER D 105 -6.42 3.02 -27.20
N SER D 106 -6.44 4.17 -27.87
CA SER D 106 -6.24 4.26 -29.32
C SER D 106 -4.99 5.04 -29.66
N PRO D 107 -3.91 4.40 -30.08
CA PRO D 107 -2.70 5.14 -30.47
C PRO D 107 -2.92 5.97 -31.72
N PHE D 108 -1.96 6.86 -31.97
CA PHE D 108 -1.90 7.70 -33.17
C PHE D 108 -3.12 8.61 -33.30
N ASP D 109 -3.55 9.18 -32.19
CA ASP D 109 -4.70 10.08 -32.21
C ASP D 109 -4.39 11.37 -32.96
N PHE D 110 -3.28 12.02 -32.65
CA PHE D 110 -3.06 13.41 -33.06
C PHE D 110 -1.71 13.55 -33.74
N TRP D 111 -1.69 14.23 -34.89
CA TRP D 111 -0.49 14.38 -35.69
C TRP D 111 -0.09 15.86 -35.77
N GLY D 112 1.21 16.10 -35.76
CA GLY D 112 1.73 17.46 -35.83
C GLY D 112 1.57 18.08 -37.21
N GLN D 113 1.91 19.37 -37.27
CA GLN D 113 1.86 20.09 -38.54
C GLN D 113 2.94 19.61 -39.50
N GLY D 114 4.14 19.35 -39.00
CA GLY D 114 5.19 18.80 -39.82
C GLY D 114 6.15 19.84 -40.36
N THR D 115 7.38 19.39 -40.66
CA THR D 115 8.43 20.25 -41.20
C THR D 115 9.04 19.61 -42.44
N THR D 116 9.36 20.42 -43.45
CA THR D 116 9.98 19.94 -44.67
C THR D 116 11.50 19.99 -44.55
N LEU D 117 12.17 19.05 -45.23
CA LEU D 117 13.63 19.04 -45.26
C LEU D 117 14.09 18.61 -46.62
N THR D 118 14.88 19.45 -47.28
CA THR D 118 15.40 19.17 -48.61
C THR D 118 16.93 19.14 -48.57
N VAL D 119 17.51 18.45 -49.55
CA VAL D 119 18.95 18.36 -49.70
C VAL D 119 19.31 18.56 -51.16
N SER D 120 20.55 18.99 -51.40
CA SER D 120 21.05 19.20 -52.75
C SER D 120 22.48 18.66 -52.82
N SER D 121 23.06 18.73 -54.01
CA SER D 121 24.42 18.25 -54.23
C SER D 121 24.99 18.86 -55.51
N SER D 136 12.60 -11.94 -43.09
CA SER D 136 12.49 -10.51 -43.36
C SER D 136 11.45 -9.86 -42.45
N ASP D 137 10.83 -8.79 -42.95
CA ASP D 137 9.80 -8.07 -42.22
C ASP D 137 8.49 -8.12 -43.00
N ILE D 138 7.38 -8.01 -42.27
CA ILE D 138 6.06 -8.18 -42.85
C ILE D 138 5.82 -7.10 -43.89
N VAL D 139 5.61 -7.51 -45.15
CA VAL D 139 5.36 -6.59 -46.24
C VAL D 139 3.87 -6.61 -46.59
N MET D 140 3.26 -5.44 -46.61
CA MET D 140 1.86 -5.31 -46.99
C MET D 140 1.75 -4.99 -48.48
N THR D 141 0.55 -5.19 -49.02
CA THR D 141 0.33 -5.00 -50.45
C THR D 141 -1.01 -4.32 -50.70
N GLN D 142 -1.08 -3.62 -51.83
CA GLN D 142 -2.29 -2.98 -52.32
C GLN D 142 -2.63 -3.57 -53.68
N ALA D 143 -3.89 -3.94 -53.88
CA ALA D 143 -4.27 -4.57 -55.13
C ALA D 143 -4.80 -3.60 -56.19
N THR D 144 -5.06 -2.35 -55.82
CA THR D 144 -5.62 -1.38 -56.75
C THR D 144 -5.05 0.00 -56.47
N SER D 145 -5.08 0.85 -57.49
CA SER D 145 -4.61 2.22 -57.31
C SER D 145 -5.76 3.21 -57.53
N SER D 146 -6.03 3.55 -58.78
CA SER D 146 -7.14 4.46 -59.08
C SER D 146 -8.48 3.80 -58.82
N VAL D 147 -9.42 4.56 -58.26
CA VAL D 147 -10.79 4.11 -58.10
C VAL D 147 -11.73 5.25 -58.48
N PRO D 148 -12.43 5.17 -59.62
CA PRO D 148 -13.40 6.22 -59.97
C PRO D 148 -14.58 6.19 -59.01
N VAL D 149 -14.79 7.29 -58.29
CA VAL D 149 -15.80 7.29 -57.24
C VAL D 149 -17.20 7.34 -57.86
N THR D 150 -18.17 6.91 -57.08
CA THR D 150 -19.59 6.99 -57.45
C THR D 150 -20.34 7.61 -56.27
N PRO D 151 -20.60 8.91 -56.30
CA PRO D 151 -21.34 9.53 -55.20
C PRO D 151 -22.73 8.96 -55.07
N GLY D 152 -23.14 8.70 -53.82
CA GLY D 152 -24.45 8.16 -53.54
C GLY D 152 -24.51 6.67 -53.30
N GLU D 153 -23.39 5.97 -53.39
CA GLU D 153 -23.37 4.52 -53.28
C GLU D 153 -22.20 4.09 -52.41
N SER D 154 -22.00 2.78 -52.31
CA SER D 154 -20.96 2.22 -51.46
C SER D 154 -19.68 1.98 -52.25
N VAL D 155 -18.56 2.01 -51.55
CA VAL D 155 -17.24 1.78 -52.13
C VAL D 155 -16.49 0.84 -51.22
N SER D 156 -15.70 -0.06 -51.81
CA SER D 156 -14.94 -1.06 -51.07
C SER D 156 -13.45 -0.92 -51.38
N ILE D 157 -12.63 -0.95 -50.33
CA ILE D 157 -11.18 -0.92 -50.45
C ILE D 157 -10.64 -2.17 -49.77
N SER D 158 -9.56 -2.74 -50.33
CA SER D 158 -9.02 -4.00 -49.84
C SER D 158 -7.54 -3.88 -49.53
N CYS D 159 -7.08 -4.74 -48.60
CA CYS D 159 -5.66 -4.84 -48.26
C CYS D 159 -5.36 -6.28 -47.87
N ARG D 160 -4.49 -6.93 -48.64
CA ARG D 160 -3.96 -8.24 -48.30
C ARG D 160 -2.72 -8.08 -47.42
N SER D 161 -2.08 -9.19 -47.09
CA SER D 161 -0.92 -9.18 -46.21
C SER D 161 0.01 -10.31 -46.60
N SER D 162 0.99 -10.59 -45.74
CA SER D 162 1.93 -11.69 -45.95
C SER D 162 2.09 -12.56 -44.70
N LYS D 163 1.24 -12.38 -43.70
CA LYS D 163 1.29 -13.18 -42.49
C LYS D 163 -0.09 -13.15 -41.84
N SER D 164 -0.39 -14.18 -41.06
CA SER D 164 -1.64 -14.23 -40.32
C SER D 164 -1.58 -13.20 -39.20
N LEU D 165 -2.21 -12.05 -39.41
CA LEU D 165 -2.17 -10.97 -38.43
C LEU D 165 -2.96 -11.28 -37.17
N LEU D 166 -3.74 -12.36 -37.16
CA LEU D 166 -4.43 -12.76 -35.95
C LEU D 166 -3.43 -13.29 -34.94
N HIS D 167 -3.65 -12.97 -33.68
CA HIS D 167 -2.78 -13.41 -32.59
C HIS D 167 -3.57 -14.27 -31.61
N SER D 168 -2.84 -14.86 -30.66
CA SER D 168 -3.47 -15.77 -29.70
C SER D 168 -4.48 -15.05 -28.83
N ASN D 169 -4.23 -13.78 -28.49
CA ASN D 169 -5.15 -13.04 -27.63
C ASN D 169 -6.45 -12.66 -28.34
N GLY D 170 -6.54 -12.81 -29.65
CA GLY D 170 -7.79 -12.59 -30.36
C GLY D 170 -8.02 -11.19 -30.88
N ASN D 171 -6.96 -10.43 -31.15
CA ASN D 171 -7.09 -9.11 -31.73
C ASN D 171 -6.18 -9.00 -32.95
N THR D 172 -6.55 -8.12 -33.88
CA THR D 172 -5.83 -7.96 -35.15
C THR D 172 -5.30 -6.54 -35.26
N TYR D 173 -3.97 -6.41 -35.35
CA TYR D 173 -3.32 -5.10 -35.32
C TYR D 173 -3.21 -4.48 -36.71
N LEU D 174 -4.35 -4.25 -37.34
CA LEU D 174 -4.41 -3.51 -38.60
C LEU D 174 -5.17 -2.22 -38.39
N TYR D 175 -4.66 -1.13 -38.96
CA TYR D 175 -5.24 0.21 -38.81
C TYR D 175 -5.65 0.75 -40.17
N TRP D 176 -6.30 1.91 -40.16
CA TRP D 176 -6.82 2.53 -41.37
C TRP D 176 -6.82 4.04 -41.17
N PHE D 177 -6.13 4.76 -42.06
CA PHE D 177 -5.90 6.19 -41.96
C PHE D 177 -6.73 6.98 -42.97
N LEU D 178 -6.47 8.29 -43.03
CA LEU D 178 -7.05 9.20 -44.01
C LEU D 178 -6.15 10.42 -44.09
N GLN D 179 -6.01 11.01 -45.27
CA GLN D 179 -5.16 12.19 -45.44
C GLN D 179 -5.75 13.08 -46.52
N ARG D 180 -6.53 14.08 -46.11
CA ARG D 180 -7.06 15.06 -47.05
C ARG D 180 -5.91 15.84 -47.68
N PRO D 181 -6.09 16.32 -48.92
CA PRO D 181 -5.01 17.03 -49.60
C PRO D 181 -4.57 18.28 -48.86
N GLY D 182 -3.26 18.47 -48.78
CA GLY D 182 -2.69 19.63 -48.11
C GLY D 182 -2.98 19.70 -46.62
N GLN D 183 -3.02 18.57 -45.94
CA GLN D 183 -3.32 18.54 -44.51
C GLN D 183 -2.46 17.46 -43.85
N SER D 184 -2.80 17.14 -42.60
CA SER D 184 -2.15 16.12 -41.81
C SER D 184 -3.10 14.96 -41.56
N PRO D 185 -2.62 13.72 -41.67
CA PRO D 185 -3.52 12.56 -41.58
C PRO D 185 -4.05 12.35 -40.17
N GLN D 186 -5.32 11.95 -40.08
CA GLN D 186 -5.95 11.62 -38.82
C GLN D 186 -6.43 10.17 -38.84
N LEU D 187 -6.58 9.60 -37.65
CA LEU D 187 -6.98 8.20 -37.53
C LEU D 187 -8.41 7.99 -38.00
N LEU D 188 -8.66 6.85 -38.64
CA LEU D 188 -10.02 6.46 -39.01
C LEU D 188 -10.48 5.20 -38.29
N ILE D 189 -9.78 4.08 -38.44
CA ILE D 189 -10.20 2.81 -37.86
C ILE D 189 -9.01 2.15 -37.19
N TYR D 190 -9.17 1.73 -35.94
CA TYR D 190 -8.13 1.01 -35.23
C TYR D 190 -8.59 -0.40 -34.86
N ARG D 191 -7.70 -1.36 -35.09
CA ARG D 191 -7.90 -2.78 -34.76
C ARG D 191 -9.13 -3.37 -35.45
N MET D 192 -9.36 -2.93 -36.68
CA MET D 192 -10.18 -3.64 -37.67
C MET D 192 -11.67 -3.67 -37.36
N SER D 193 -12.09 -3.21 -36.18
CA SER D 193 -13.51 -3.21 -35.88
C SER D 193 -14.00 -1.90 -35.28
N ASN D 194 -13.14 -1.24 -34.51
CA ASN D 194 -13.54 -0.04 -33.80
C ASN D 194 -13.38 1.20 -34.68
N LEU D 195 -13.86 2.34 -34.18
CA LEU D 195 -13.74 3.62 -34.84
C LEU D 195 -13.29 4.67 -33.83
N ALA D 196 -12.41 5.56 -34.27
CA ALA D 196 -11.90 6.60 -33.39
C ALA D 196 -12.98 7.61 -33.07
N SER D 197 -12.98 8.09 -31.82
CA SER D 197 -13.99 9.04 -31.37
C SER D 197 -13.77 10.38 -32.04
N GLY D 198 -14.65 10.74 -32.97
CA GLY D 198 -14.53 11.99 -33.69
C GLY D 198 -14.81 11.85 -35.17
N VAL D 199 -15.23 10.64 -35.57
CA VAL D 199 -15.55 10.35 -36.97
C VAL D 199 -16.99 9.88 -37.05
N PRO D 200 -17.74 10.27 -38.09
CA PRO D 200 -19.11 9.77 -38.25
C PRO D 200 -19.13 8.26 -38.43
N ASP D 201 -20.23 7.64 -38.02
CA ASP D 201 -20.41 6.19 -37.98
C ASP D 201 -20.54 5.53 -39.35
N ARG D 202 -20.30 6.20 -40.48
CA ARG D 202 -20.44 5.52 -41.76
C ARG D 202 -19.38 4.45 -41.97
N PHE D 203 -18.20 4.63 -41.38
CA PHE D 203 -17.08 3.72 -41.60
C PHE D 203 -17.24 2.43 -40.82
N SER D 204 -16.79 1.32 -41.42
CA SER D 204 -16.86 -0.01 -40.83
C SER D 204 -16.00 -0.98 -41.61
N GLY D 205 -15.09 -1.69 -40.94
CA GLY D 205 -14.14 -2.57 -41.60
C GLY D 205 -14.37 -4.03 -41.23
N SER D 206 -14.40 -4.89 -42.25
CA SER D 206 -14.56 -6.33 -42.08
C SER D 206 -13.48 -7.06 -42.87
N GLY D 207 -12.85 -8.05 -42.26
CA GLY D 207 -11.93 -8.84 -43.05
C GLY D 207 -11.61 -10.20 -42.48
N SER D 208 -11.20 -11.09 -43.39
CA SER D 208 -10.64 -12.39 -43.04
C SER D 208 -9.16 -12.27 -42.70
N GLY D 209 -8.60 -13.32 -42.12
CA GLY D 209 -7.26 -13.25 -41.58
C GLY D 209 -6.23 -12.81 -42.61
N THR D 210 -6.34 -13.30 -43.83
CA THR D 210 -5.44 -12.87 -44.89
C THR D 210 -5.70 -11.44 -45.34
N ALA D 211 -6.97 -11.05 -45.53
CA ALA D 211 -7.27 -9.78 -46.18
C ALA D 211 -8.39 -9.04 -45.46
N PHE D 212 -8.20 -7.74 -45.27
CA PHE D 212 -9.19 -6.87 -44.64
C PHE D 212 -9.70 -5.83 -45.62
N THR D 213 -11.01 -5.57 -45.59
CA THR D 213 -11.65 -4.61 -46.48
C THR D 213 -12.44 -3.59 -45.69
N LEU D 214 -12.46 -2.36 -46.21
CA LEU D 214 -13.24 -1.26 -45.66
C LEU D 214 -14.34 -0.87 -46.63
N THR D 215 -15.52 -0.56 -46.09
CA THR D 215 -16.72 -0.31 -46.89
C THR D 215 -17.27 1.07 -46.56
N ILE D 216 -16.89 2.07 -47.36
CA ILE D 216 -17.42 3.42 -47.21
C ILE D 216 -18.84 3.43 -47.76
N SER D 217 -19.83 3.54 -46.87
CA SER D 217 -21.22 3.58 -47.28
C SER D 217 -21.68 5.02 -47.42
N ARG D 218 -22.39 5.31 -48.52
CA ARG D 218 -23.04 6.61 -48.76
C ARG D 218 -22.01 7.74 -48.71
N LEU D 219 -21.18 7.76 -49.76
CA LEU D 219 -20.14 8.76 -49.89
C LEU D 219 -20.72 10.17 -49.85
N GLU D 220 -19.94 11.09 -49.29
CA GLU D 220 -20.32 12.48 -49.18
C GLU D 220 -19.20 13.35 -49.74
N ALA D 221 -19.53 14.61 -50.02
CA ALA D 221 -18.56 15.54 -50.57
C ALA D 221 -17.44 15.79 -49.56
N GLU D 222 -16.25 16.07 -50.08
CA GLU D 222 -15.05 16.39 -49.30
C GLU D 222 -14.50 15.19 -48.55
N ASP D 223 -14.92 13.98 -48.90
CA ASP D 223 -14.41 12.77 -48.29
C ASP D 223 -13.22 12.19 -49.06
N VAL D 224 -12.86 12.81 -50.19
CA VAL D 224 -11.78 12.28 -51.02
C VAL D 224 -10.45 12.38 -50.29
N GLY D 225 -9.72 11.28 -50.23
CA GLY D 225 -8.42 11.27 -49.60
C GLY D 225 -7.65 10.01 -49.94
N VAL D 226 -6.33 10.09 -49.74
CA VAL D 226 -5.44 8.96 -49.94
C VAL D 226 -5.40 8.13 -48.68
N TYR D 227 -5.71 6.84 -48.80
CA TYR D 227 -5.80 5.96 -47.65
C TYR D 227 -4.48 5.23 -47.43
N TYR D 228 -4.35 4.60 -46.26
CA TYR D 228 -3.09 3.99 -45.87
C TYR D 228 -3.35 2.83 -44.91
N CYS D 229 -3.16 1.60 -45.39
CA CYS D 229 -3.12 0.44 -44.50
C CYS D 229 -1.83 0.43 -43.68
N MET D 230 -1.94 0.14 -42.39
CA MET D 230 -0.80 0.12 -41.47
C MET D 230 -0.93 -1.03 -40.49
N GLN D 231 0.16 -1.74 -40.25
CA GLN D 231 0.16 -2.85 -39.30
C GLN D 231 1.10 -2.54 -38.15
N HIS D 232 0.92 -3.26 -37.04
CA HIS D 232 1.74 -3.03 -35.86
C HIS D 232 2.10 -4.32 -35.13
N LEU D 233 2.20 -5.44 -35.84
CA LEU D 233 2.44 -6.72 -35.17
C LEU D 233 3.78 -6.71 -34.44
N GLU D 234 4.87 -6.59 -35.20
CA GLU D 234 6.19 -6.49 -34.60
C GLU D 234 6.98 -5.41 -35.31
N TYR D 235 7.80 -4.70 -34.55
CA TYR D 235 8.66 -3.67 -35.13
C TYR D 235 9.71 -4.33 -36.03
N PRO D 236 10.10 -3.66 -37.12
CA PRO D 236 9.68 -2.34 -37.59
C PRO D 236 8.39 -2.38 -38.42
N LEU D 237 7.36 -1.73 -37.89
CA LEU D 237 6.09 -1.64 -38.60
C LEU D 237 6.23 -0.81 -39.88
N THR D 238 5.61 -1.30 -40.95
CA THR D 238 5.65 -0.64 -42.26
C THR D 238 4.24 -0.23 -42.68
N PHE D 239 4.15 0.42 -43.83
CA PHE D 239 2.90 0.93 -44.39
C PHE D 239 2.62 0.26 -45.74
N GLY D 240 1.59 0.76 -46.42
CA GLY D 240 1.23 0.30 -47.74
C GLY D 240 1.03 1.49 -48.66
N ALA D 241 1.16 1.23 -49.95
CA ALA D 241 1.08 2.31 -50.93
C ALA D 241 -0.26 3.02 -50.88
N GLY D 242 -1.35 2.28 -50.72
CA GLY D 242 -2.66 2.88 -50.58
C GLY D 242 -3.29 3.22 -51.92
N THR D 243 -4.48 3.81 -51.84
CA THR D 243 -5.27 4.15 -53.01
C THR D 243 -5.63 5.62 -53.01
N LYS D 244 -5.77 6.18 -54.22
CA LYS D 244 -6.16 7.57 -54.42
C LYS D 244 -7.56 7.62 -55.02
N LEU D 245 -8.51 8.18 -54.29
CA LEU D 245 -9.84 8.41 -54.85
C LEU D 245 -9.83 9.63 -55.77
N GLU D 246 -10.51 9.49 -56.91
CA GLU D 246 -10.56 10.55 -57.92
C GLU D 246 -11.94 10.55 -58.57
N LEU D 247 -12.28 11.70 -59.16
CA LEU D 247 -13.53 11.85 -59.90
C LEU D 247 -13.43 12.92 -60.97
N HIS E 2 44.50 -23.45 2.14
CA HIS E 2 43.95 -23.21 3.46
C HIS E 2 44.03 -24.48 4.30
N HIS E 3 44.11 -24.32 5.61
CA HIS E 3 44.37 -25.46 6.48
C HIS E 3 43.23 -26.47 6.39
N GLY E 4 43.58 -27.74 6.60
CA GLY E 4 42.64 -28.84 6.51
C GLY E 4 42.97 -29.82 5.40
N VAL E 5 43.63 -29.35 4.35
CA VAL E 5 44.13 -30.22 3.29
C VAL E 5 45.64 -30.01 3.22
N THR E 6 46.40 -30.97 3.72
CA THR E 6 47.86 -30.93 3.67
C THR E 6 48.38 -32.35 3.55
N LYS E 7 49.03 -32.66 2.42
CA LYS E 7 49.44 -34.03 2.16
C LYS E 7 50.88 -34.35 2.55
N CYS E 8 51.75 -33.36 2.72
CA CYS E 8 53.10 -33.66 3.18
C CYS E 8 53.13 -33.75 4.70
N ASN E 9 54.02 -34.60 5.22
CA ASN E 9 54.08 -34.84 6.65
C ASN E 9 55.43 -34.50 7.29
N ILE E 10 56.49 -34.31 6.51
CA ILE E 10 57.81 -34.02 7.04
C ILE E 10 58.03 -32.51 7.07
N THR E 11 58.40 -31.99 8.24
CA THR E 11 58.62 -30.57 8.47
C THR E 11 60.00 -30.33 9.06
N CYS E 12 61.02 -30.89 8.41
CA CYS E 12 62.39 -30.81 8.92
C CYS E 12 62.90 -29.38 8.95
N SER E 13 63.83 -29.13 9.87
CA SER E 13 64.51 -27.85 10.00
C SER E 13 66.01 -27.95 9.80
N LYS E 14 66.67 -28.88 10.49
CA LYS E 14 68.13 -28.95 10.52
C LYS E 14 68.65 -29.81 9.39
N MET E 15 69.64 -29.30 8.66
CA MET E 15 70.29 -30.06 7.60
C MET E 15 71.39 -30.95 8.16
N THR E 16 71.42 -32.21 7.71
CA THR E 16 72.45 -33.15 8.11
C THR E 16 73.76 -32.86 7.38
N SER E 17 74.89 -33.12 8.06
CA SER E 17 76.20 -32.87 7.49
C SER E 17 76.76 -34.07 6.73
N LYS E 18 76.98 -35.19 7.43
CA LYS E 18 77.70 -36.32 6.86
C LYS E 18 77.22 -37.62 7.47
N ILE E 19 76.97 -38.62 6.63
CA ILE E 19 76.47 -39.91 7.08
C ILE E 19 77.38 -41.02 6.56
N PRO E 20 77.71 -42.04 7.35
CA PRO E 20 78.41 -43.22 6.81
C PRO E 20 77.49 -44.00 5.88
N VAL E 21 77.96 -44.21 4.64
CA VAL E 21 77.13 -44.81 3.61
C VAL E 21 76.74 -46.24 3.97
N ALA E 22 77.54 -46.93 4.77
CA ALA E 22 77.26 -48.32 5.09
C ALA E 22 75.94 -48.48 5.84
N LEU E 23 75.66 -47.58 6.79
CA LEU E 23 74.44 -47.69 7.57
C LEU E 23 73.18 -47.37 6.79
N LEU E 24 73.29 -46.83 5.59
CA LEU E 24 72.14 -46.40 4.81
C LEU E 24 71.57 -47.57 4.02
N ILE E 25 70.25 -47.73 4.04
CA ILE E 25 69.58 -48.83 3.37
C ILE E 25 68.58 -48.35 2.32
N HIS E 26 67.82 -47.29 2.60
CA HIS E 26 66.71 -46.93 1.73
C HIS E 26 66.71 -45.43 1.41
N TYR E 27 66.46 -45.13 0.15
CA TYR E 27 66.46 -43.77 -0.37
C TYR E 27 65.04 -43.40 -0.77
N GLN E 28 64.54 -42.30 -0.20
CA GLN E 28 63.28 -41.71 -0.60
C GLN E 28 63.48 -40.26 -1.02
N GLN E 29 62.45 -39.69 -1.62
CA GLN E 29 62.45 -38.29 -1.99
C GLN E 29 61.33 -37.61 -1.23
N ASN E 30 61.62 -36.44 -0.66
CA ASN E 30 60.66 -35.76 0.19
C ASN E 30 59.42 -35.41 -0.62
N GLN E 31 58.28 -35.39 0.06
CA GLN E 31 57.03 -35.06 -0.61
C GLN E 31 57.11 -33.67 -1.21
N ALA E 32 56.67 -33.55 -2.45
CA ALA E 32 56.77 -32.31 -3.20
C ALA E 32 55.53 -31.44 -3.07
N SER E 33 54.53 -31.87 -2.30
CA SER E 33 53.30 -31.09 -2.21
C SER E 33 53.55 -29.75 -1.54
N CYS E 34 54.03 -29.76 -0.28
CA CYS E 34 54.36 -28.51 0.39
C CYS E 34 55.68 -27.92 -0.09
N GLY E 35 56.49 -28.68 -0.83
CA GLY E 35 57.68 -28.13 -1.46
C GLY E 35 58.86 -27.90 -0.54
N LYS E 36 58.88 -28.54 0.63
CA LYS E 36 60.06 -28.45 1.48
C LYS E 36 61.27 -29.03 0.75
N ARG E 37 62.37 -28.29 0.79
CA ARG E 37 63.57 -28.63 0.03
C ARG E 37 64.48 -29.62 0.77
N ALA E 38 63.93 -30.74 1.21
CA ALA E 38 64.68 -31.76 1.94
C ALA E 38 64.72 -33.06 1.15
N ILE E 39 65.44 -34.04 1.70
CA ILE E 39 65.51 -35.38 1.13
C ILE E 39 65.54 -36.39 2.27
N ILE E 40 64.70 -37.41 2.17
CA ILE E 40 64.54 -38.42 3.22
C ILE E 40 65.45 -39.60 2.93
N LEU E 41 66.14 -40.08 3.98
CA LEU E 41 66.99 -41.26 3.87
C LEU E 41 66.80 -42.12 5.11
N GLU E 42 66.46 -43.39 4.90
CA GLU E 42 66.31 -44.35 6.00
C GLU E 42 67.55 -45.22 6.09
N THR E 43 68.08 -45.35 7.30
CA THR E 43 69.32 -46.08 7.53
C THR E 43 69.00 -47.47 8.09
N ARG E 44 70.06 -48.23 8.39
CA ARG E 44 69.89 -49.56 8.97
C ARG E 44 69.31 -49.49 10.38
N GLN E 45 69.34 -48.32 11.01
CA GLN E 45 68.78 -48.13 12.34
C GLN E 45 67.27 -48.00 12.33
N HIS E 46 66.65 -48.07 11.15
CA HIS E 46 65.19 -47.92 10.99
C HIS E 46 64.72 -46.57 11.51
N ARG E 47 65.56 -45.55 11.37
CA ARG E 47 65.19 -44.17 11.62
C ARG E 47 65.46 -43.36 10.36
N LEU E 48 64.72 -42.27 10.21
CA LEU E 48 64.76 -41.45 9.00
C LEU E 48 65.48 -40.15 9.30
N PHE E 49 66.34 -39.74 8.38
CA PHE E 49 67.08 -38.48 8.49
C PHE E 49 66.88 -37.69 7.22
N CYS E 50 66.79 -36.37 7.36
CA CYS E 50 66.56 -35.47 6.24
C CYS E 50 67.80 -34.64 5.96
N ALA E 51 68.21 -34.61 4.69
CA ALA E 51 69.38 -33.87 4.23
C ALA E 51 69.04 -32.99 3.05
N ASP E 52 70.06 -32.41 2.41
CA ASP E 52 69.89 -31.52 1.28
C ASP E 52 70.47 -32.16 0.02
N PRO E 53 69.76 -32.11 -1.11
CA PRO E 53 70.24 -32.82 -2.32
C PRO E 53 71.56 -32.30 -2.87
N LYS E 54 71.97 -31.08 -2.53
CA LYS E 54 73.19 -30.52 -3.14
C LYS E 54 74.45 -31.28 -2.76
N GLU E 55 74.47 -31.99 -1.63
CA GLU E 55 75.61 -32.81 -1.28
C GLU E 55 75.77 -33.95 -2.29
N GLN E 56 77.02 -34.26 -2.63
CA GLN E 56 77.29 -35.36 -3.56
C GLN E 56 76.86 -36.70 -2.99
N TRP E 57 76.92 -36.84 -1.66
CA TRP E 57 76.70 -38.14 -1.03
C TRP E 57 75.30 -38.69 -1.33
N VAL E 58 74.30 -37.82 -1.47
CA VAL E 58 72.97 -38.32 -1.82
C VAL E 58 72.95 -38.88 -3.24
N LYS E 59 73.70 -38.25 -4.16
CA LYS E 59 73.82 -38.81 -5.49
C LYS E 59 74.54 -40.15 -5.48
N ASP E 60 75.59 -40.26 -4.66
CA ASP E 60 76.28 -41.55 -4.53
C ASP E 60 75.32 -42.60 -3.97
N ALA E 61 74.48 -42.21 -3.01
CA ALA E 61 73.51 -43.13 -2.43
C ALA E 61 72.48 -43.57 -3.46
N MET E 62 71.98 -42.63 -4.27
CA MET E 62 71.00 -43.00 -5.29
C MET E 62 71.62 -43.92 -6.33
N GLN E 63 72.89 -43.69 -6.66
CA GLN E 63 73.59 -44.63 -7.54
C GLN E 63 73.70 -46.00 -6.89
N HIS E 64 73.97 -46.04 -5.58
CA HIS E 64 74.10 -47.33 -4.89
C HIS E 64 72.79 -48.09 -4.88
N LEU E 65 71.68 -47.41 -4.61
CA LEU E 65 70.37 -48.06 -4.66
C LEU E 65 70.00 -48.46 -6.08
N ASP E 66 70.36 -47.64 -7.08
CA ASP E 66 70.04 -47.97 -8.46
C ASP E 66 70.72 -49.26 -8.89
N ARG E 67 71.99 -49.45 -8.51
CA ARG E 67 72.73 -50.66 -8.84
C ARG E 67 72.13 -51.89 -8.19
N ASP F 23 75.74 -41.78 12.19
CA ASP F 23 75.97 -42.86 13.14
C ASP F 23 76.23 -42.35 14.54
N TYR F 24 77.46 -41.90 14.78
CA TYR F 24 77.89 -41.40 16.08
C TYR F 24 76.93 -40.36 16.65
N ASP F 25 76.81 -39.20 16.00
CA ASP F 25 76.01 -38.11 16.55
C ASP F 25 74.96 -37.66 15.52
N GLU F 26 73.68 -37.66 15.94
CA GLU F 26 72.57 -37.22 15.11
C GLU F 26 71.58 -36.46 16.01
N ASP F 27 71.84 -35.16 16.21
CA ASP F 27 70.98 -34.37 17.09
C ASP F 27 69.59 -34.18 16.49
N ALA F 28 69.52 -33.96 15.17
CA ALA F 28 68.23 -33.75 14.51
C ALA F 28 67.40 -35.02 14.56
N THR F 29 66.11 -34.85 14.88
CA THR F 29 65.19 -35.98 15.02
C THR F 29 63.83 -35.56 14.47
N PRO F 30 63.52 -35.90 13.23
CA PRO F 30 62.22 -35.52 12.65
C PRO F 30 61.11 -36.39 13.20
N CYS F 31 59.89 -35.87 13.12
CA CYS F 31 58.71 -36.59 13.54
C CYS F 31 57.68 -36.66 12.41
N VAL F 32 56.74 -37.60 12.56
CA VAL F 32 55.68 -37.83 11.58
C VAL F 32 54.35 -37.83 12.31
N PHE F 33 53.30 -37.45 11.59
CA PHE F 33 51.96 -37.31 12.18
C PHE F 33 50.89 -37.82 11.22
N THR F 34 51.16 -38.95 10.56
CA THR F 34 50.17 -39.51 9.63
C THR F 34 48.90 -39.94 10.34
N ASP F 35 49.02 -40.53 11.54
CA ASP F 35 47.85 -41.08 12.22
C ASP F 35 46.83 -40.01 12.56
N VAL F 36 47.28 -38.85 13.04
CA VAL F 36 46.34 -37.79 13.41
C VAL F 36 45.63 -37.26 12.17
N LEU F 37 46.35 -37.15 11.04
CA LEU F 37 45.70 -36.72 9.81
C LEU F 37 44.65 -37.73 9.36
N ASN F 38 44.99 -39.02 9.42
CA ASN F 38 44.04 -40.05 9.01
C ASN F 38 42.80 -40.04 9.88
N GLN F 39 42.98 -39.92 11.20
CA GLN F 39 41.81 -39.88 12.08
C GLN F 39 41.00 -38.60 11.88
N SER F 40 41.67 -37.48 11.60
CA SER F 40 40.95 -36.22 11.42
C SER F 40 40.12 -36.19 10.15
N LYS F 41 40.57 -36.85 9.09
CA LYS F 41 39.91 -36.69 7.79
C LYS F 41 38.42 -37.01 7.79
N PRO F 42 37.93 -38.12 8.36
CA PRO F 42 36.50 -38.43 8.25
C PRO F 42 35.58 -37.39 8.86
N VAL F 43 35.91 -36.84 10.03
CA VAL F 43 34.98 -35.92 10.69
C VAL F 43 34.87 -34.63 9.90
N THR F 44 35.99 -34.08 9.42
CA THR F 44 35.91 -32.87 8.62
C THR F 44 35.22 -33.13 7.29
N LEU F 45 35.35 -34.34 6.75
CA LEU F 45 34.67 -34.65 5.50
C LEU F 45 33.15 -34.67 5.70
N PHE F 46 32.69 -35.33 6.77
CA PHE F 46 31.27 -35.36 7.07
C PHE F 46 30.73 -33.96 7.37
N LEU F 47 31.50 -33.15 8.10
CA LEU F 47 31.05 -31.79 8.39
C LEU F 47 30.93 -30.97 7.12
N TYR F 48 31.87 -31.14 6.18
CA TYR F 48 31.75 -30.47 4.90
C TYR F 48 30.47 -30.87 4.19
N GLY F 49 30.18 -32.17 4.17
CA GLY F 49 28.96 -32.62 3.50
C GLY F 49 27.70 -32.03 4.10
N VAL F 50 27.60 -32.06 5.43
CA VAL F 50 26.37 -31.60 6.07
C VAL F 50 26.22 -30.09 5.92
N VAL F 51 27.31 -29.32 6.06
CA VAL F 51 27.19 -27.88 5.92
C VAL F 51 26.81 -27.51 4.51
N PHE F 52 27.36 -28.24 3.52
CA PHE F 52 26.97 -27.97 2.13
C PHE F 52 25.48 -28.21 1.92
N LEU F 53 24.99 -29.35 2.41
CA LEU F 53 23.58 -29.67 2.18
C LEU F 53 22.67 -28.62 2.80
N PHE F 54 22.91 -28.28 4.07
CA PHE F 54 22.01 -27.34 4.74
C PHE F 54 22.13 -25.93 4.16
N GLY F 55 23.35 -25.48 3.82
CA GLY F 55 23.48 -24.16 3.23
C GLY F 55 22.79 -24.06 1.89
N SER F 56 22.94 -25.09 1.04
CA SER F 56 22.25 -25.08 -0.25
C SER F 56 20.74 -25.08 -0.08
N ILE F 57 20.23 -25.84 0.90
CA ILE F 57 18.78 -25.93 1.08
C ILE F 57 18.23 -24.80 1.93
N GLY F 58 19.07 -23.92 2.46
CA GLY F 58 18.58 -22.87 3.32
C GLY F 58 18.92 -21.48 2.85
N ASN F 59 19.65 -21.36 1.74
CA ASN F 59 19.85 -20.06 1.12
C ASN F 59 19.03 -19.85 -0.14
N PHE F 60 18.69 -20.92 -0.86
CA PHE F 60 17.82 -20.78 -2.03
C PHE F 60 16.47 -20.21 -1.64
N LEU F 61 15.94 -20.59 -0.47
CA LEU F 61 14.63 -20.11 -0.06
C LEU F 61 14.64 -18.59 0.13
N VAL F 62 15.67 -18.06 0.79
CA VAL F 62 15.72 -16.61 0.98
C VAL F 62 15.99 -15.90 -0.34
N ILE F 63 16.88 -16.44 -1.19
CA ILE F 63 17.13 -15.76 -2.46
C ILE F 63 15.91 -15.85 -3.38
N PHE F 64 14.97 -16.73 -3.08
CA PHE F 64 13.77 -16.85 -3.91
C PHE F 64 12.62 -16.00 -3.38
N THR F 65 12.29 -16.12 -2.10
CA THR F 65 11.08 -15.54 -1.53
C THR F 65 11.10 -14.02 -1.48
N ILE F 66 12.26 -13.39 -1.64
CA ILE F 66 12.39 -11.95 -1.47
C ILE F 66 12.54 -11.21 -2.79
N THR F 67 12.73 -11.90 -3.90
CA THR F 67 12.80 -11.20 -5.18
C THR F 67 11.77 -11.65 -6.20
N TRP F 68 11.49 -12.94 -6.29
CA TRP F 68 10.65 -13.44 -7.38
C TRP F 68 9.25 -12.83 -7.31
N ARG F 69 8.55 -13.05 -6.19
CA ARG F 69 7.20 -12.50 -6.04
C ARG F 69 7.22 -11.16 -5.32
N ARG F 70 7.63 -11.15 -4.05
CA ARG F 70 7.70 -9.93 -3.25
C ARG F 70 8.79 -9.02 -3.79
N ARG F 71 8.41 -7.85 -4.26
CA ARG F 71 9.38 -6.95 -4.87
C ARG F 71 10.23 -6.28 -3.79
N ILE F 72 11.23 -5.52 -4.23
CA ILE F 72 12.22 -4.93 -3.34
C ILE F 72 11.66 -3.65 -2.74
N GLN F 73 11.66 -3.56 -1.41
CA GLN F 73 11.06 -2.44 -0.68
C GLN F 73 12.05 -1.36 -0.30
N CYS F 74 13.17 -1.73 0.32
CA CYS F 74 14.12 -0.73 0.81
C CYS F 74 15.50 -1.36 0.90
N SER F 75 16.44 -0.63 1.53
CA SER F 75 17.84 -1.05 1.55
C SER F 75 18.03 -2.42 2.19
N GLY F 76 17.21 -2.73 3.20
CA GLY F 76 17.40 -3.98 3.92
C GLY F 76 17.27 -5.19 3.02
N ASP F 77 16.32 -5.17 2.09
CA ASP F 77 16.13 -6.35 1.26
C ASP F 77 17.24 -6.47 0.22
N VAL F 78 17.80 -5.36 -0.24
CA VAL F 78 18.93 -5.43 -1.15
C VAL F 78 20.12 -6.06 -0.43
N TYR F 79 20.39 -5.62 0.80
CA TYR F 79 21.49 -6.22 1.54
C TYR F 79 21.26 -7.70 1.81
N PHE F 80 20.02 -8.07 2.15
CA PHE F 80 19.75 -9.49 2.40
C PHE F 80 20.00 -10.31 1.14
N ILE F 81 19.56 -9.82 -0.02
CA ILE F 81 19.77 -10.57 -1.26
C ILE F 81 21.26 -10.73 -1.53
N ASN F 82 22.03 -9.66 -1.37
CA ASN F 82 23.45 -9.73 -1.68
C ASN F 82 24.17 -10.69 -0.73
N LEU F 83 23.79 -10.65 0.56
CA LEU F 83 24.37 -11.56 1.53
C LEU F 83 24.11 -13.02 1.16
N ALA F 84 22.83 -13.36 0.99
CA ALA F 84 22.47 -14.71 0.57
C ALA F 84 23.23 -15.15 -0.68
N ALA F 85 23.43 -14.25 -1.64
CA ALA F 85 24.17 -14.60 -2.84
C ALA F 85 25.63 -14.94 -2.52
N ALA F 86 26.27 -14.13 -1.67
CA ALA F 86 27.65 -14.43 -1.29
C ALA F 86 27.74 -15.78 -0.58
N ASP F 87 26.79 -16.07 0.30
CA ASP F 87 26.81 -17.34 1.02
C ASP F 87 26.59 -18.52 0.07
N LEU F 88 25.70 -18.36 -0.92
CA LEU F 88 25.49 -19.44 -1.88
C LEU F 88 26.75 -19.68 -2.70
N LEU F 89 27.45 -18.62 -3.09
CA LEU F 89 28.72 -18.80 -3.79
C LEU F 89 29.73 -19.52 -2.92
N PHE F 90 29.76 -19.20 -1.62
CA PHE F 90 30.62 -19.93 -0.70
C PHE F 90 30.32 -21.41 -0.68
N VAL F 91 29.03 -21.77 -0.59
CA VAL F 91 28.69 -23.18 -0.45
C VAL F 91 28.79 -23.95 -1.76
N CYS F 92 28.79 -23.27 -2.90
CA CYS F 92 28.77 -23.99 -4.16
C CYS F 92 30.11 -24.62 -4.54
N THR F 93 31.20 -24.20 -3.92
CA THR F 93 32.51 -24.78 -4.25
C THR F 93 32.81 -26.08 -3.50
N LEU F 94 32.15 -26.32 -2.38
CA LEU F 94 32.61 -27.36 -1.45
C LEU F 94 32.73 -28.78 -2.03
N PRO F 95 31.80 -29.28 -2.85
CA PRO F 95 32.00 -30.64 -3.40
C PRO F 95 33.27 -30.79 -4.20
N LEU F 96 33.79 -29.70 -4.80
CA LEU F 96 35.08 -29.80 -5.48
C LEU F 96 36.18 -30.18 -4.50
N TRP F 97 36.22 -29.53 -3.34
CA TRP F 97 37.18 -29.93 -2.31
C TRP F 97 36.90 -31.33 -1.80
N MET F 98 35.63 -31.71 -1.72
CA MET F 98 35.29 -33.04 -1.23
C MET F 98 35.84 -34.11 -2.17
N GLN F 99 35.74 -33.90 -3.47
CA GLN F 99 36.35 -34.82 -4.43
C GLN F 99 37.86 -34.77 -4.37
N TYR F 100 38.44 -33.56 -4.26
CA TYR F 100 39.88 -33.41 -4.24
C TYR F 100 40.53 -34.08 -3.05
N LEU F 101 39.81 -34.16 -1.92
CA LEU F 101 40.39 -34.73 -0.71
C LEU F 101 40.74 -36.19 -0.88
N LEU F 102 39.74 -37.04 -1.11
CA LEU F 102 39.98 -38.48 -1.17
C LEU F 102 40.84 -38.87 -2.38
N ASP F 103 40.59 -38.26 -3.54
CA ASP F 103 41.36 -38.55 -4.75
C ASP F 103 41.91 -37.25 -5.33
N HIS F 104 43.16 -37.30 -5.77
CA HIS F 104 43.85 -36.13 -6.30
C HIS F 104 43.99 -36.16 -7.83
N ASN F 105 43.22 -37.01 -8.51
CA ASN F 105 43.24 -37.08 -9.96
C ASN F 105 42.42 -35.94 -10.58
N SER F 106 42.50 -35.86 -11.90
CA SER F 106 41.77 -34.88 -12.71
C SER F 106 42.12 -33.44 -12.33
N LEU F 107 43.40 -33.18 -12.07
CA LEU F 107 43.84 -31.80 -11.84
C LEU F 107 43.59 -30.90 -13.05
N ALA F 108 43.55 -31.48 -14.25
CA ALA F 108 43.41 -30.67 -15.45
C ALA F 108 42.09 -29.93 -15.53
N SER F 109 41.11 -30.30 -14.69
CA SER F 109 39.79 -29.69 -14.79
C SER F 109 39.85 -28.19 -14.48
N VAL F 110 40.57 -27.82 -13.43
CA VAL F 110 40.63 -26.41 -13.02
C VAL F 110 41.94 -26.12 -12.27
N PRO F 111 42.58 -24.99 -12.51
CA PRO F 111 43.69 -24.56 -11.66
C PRO F 111 43.21 -24.11 -10.29
N CYS F 112 44.05 -24.37 -9.28
CA CYS F 112 43.65 -24.13 -7.89
C CYS F 112 43.43 -22.65 -7.61
N THR F 113 44.12 -21.78 -8.35
CA THR F 113 44.06 -20.34 -8.11
C THR F 113 42.62 -19.83 -8.04
N LEU F 114 41.80 -20.24 -9.01
CA LEU F 114 40.41 -19.79 -9.03
C LEU F 114 39.66 -20.27 -7.79
N LEU F 115 39.91 -21.51 -7.37
CA LEU F 115 39.21 -22.04 -6.20
C LEU F 115 39.56 -21.24 -4.96
N THR F 116 40.85 -21.00 -4.72
CA THR F 116 41.24 -20.24 -3.54
C THR F 116 40.70 -18.82 -3.61
N ALA F 117 40.73 -18.21 -4.79
CA ALA F 117 40.27 -16.84 -4.93
C ALA F 117 38.79 -16.72 -4.61
N CYS F 118 37.95 -17.55 -5.24
CA CYS F 118 36.52 -17.48 -4.98
C CYS F 118 36.23 -17.76 -3.51
N PHE F 119 36.90 -18.75 -2.93
CA PHE F 119 36.68 -19.10 -1.54
C PHE F 119 36.93 -17.91 -0.61
N TYR F 120 38.11 -17.31 -0.71
CA TYR F 120 38.45 -16.23 0.21
C TYR F 120 37.61 -14.98 -0.03
N VAL F 121 37.32 -14.66 -1.30
CA VAL F 121 36.52 -13.47 -1.52
C VAL F 121 35.09 -13.67 -1.00
N ALA F 122 34.58 -14.90 -1.08
CA ALA F 122 33.25 -15.16 -0.54
C ALA F 122 33.23 -14.99 0.97
N MET F 123 34.25 -15.51 1.65
CA MET F 123 34.29 -15.37 3.11
C MET F 123 34.33 -13.90 3.52
N PHE F 124 35.20 -13.12 2.87
CA PHE F 124 35.32 -11.71 3.25
C PHE F 124 34.07 -10.92 2.91
N ALA F 125 33.41 -11.24 1.79
CA ALA F 125 32.17 -10.54 1.47
C ALA F 125 31.08 -10.82 2.49
N SER F 126 30.94 -12.08 2.92
CA SER F 126 29.95 -12.37 3.94
C SER F 126 30.22 -11.60 5.22
N LEU F 127 31.48 -11.56 5.65
CA LEU F 127 31.80 -10.84 6.88
C LEU F 127 31.51 -9.34 6.75
N CYS F 128 31.89 -8.75 5.61
CA CYS F 128 31.68 -7.31 5.46
C CYS F 128 30.20 -6.96 5.39
N PHE F 129 29.36 -7.84 4.84
CA PHE F 129 27.93 -7.53 4.86
C PHE F 129 27.32 -7.71 6.23
N ILE F 130 27.82 -8.67 7.02
CA ILE F 130 27.38 -8.74 8.41
C ILE F 130 27.67 -7.42 9.12
N THR F 131 28.83 -6.82 8.83
CA THR F 131 29.09 -5.49 9.39
C THR F 131 28.12 -4.44 8.87
N GLU F 132 27.93 -4.40 7.55
CA GLU F 132 27.25 -3.26 6.95
C GLU F 132 25.76 -3.22 7.31
N ILE F 133 25.11 -4.39 7.40
CA ILE F 133 23.70 -4.38 7.73
C ILE F 133 23.48 -3.76 9.11
N ALA F 134 24.36 -4.08 10.06
CA ALA F 134 24.25 -3.48 11.38
C ALA F 134 24.53 -1.97 11.34
N LEU F 135 25.52 -1.56 10.55
CA LEU F 135 25.79 -0.12 10.48
C LEU F 135 24.59 0.67 9.95
N ASP F 136 23.95 0.15 8.91
CA ASP F 136 22.81 0.85 8.36
C ASP F 136 21.61 0.81 9.32
N ARG F 137 21.42 -0.32 10.00
CA ARG F 137 20.36 -0.38 11.00
C ARG F 137 20.60 0.56 12.15
N TYR F 138 21.86 0.93 12.40
CA TYR F 138 22.13 1.96 13.40
C TYR F 138 21.75 3.34 12.88
N TYR F 139 22.27 3.72 11.71
CA TYR F 139 21.96 5.06 11.20
C TYR F 139 20.46 5.28 11.00
N ALA F 140 19.73 4.26 10.58
CA ALA F 140 18.35 4.49 10.18
C ALA F 140 17.46 4.89 11.34
N ILE F 141 17.49 4.13 12.45
CA ILE F 141 16.46 4.28 13.46
C ILE F 141 16.63 5.57 14.27
N VAL F 142 17.86 5.87 14.72
CA VAL F 142 18.04 6.98 15.65
C VAL F 142 17.85 8.32 14.95
N TYR F 143 18.36 8.46 13.73
CA TYR F 143 18.32 9.73 13.02
C TYR F 143 17.21 9.82 11.97
N MET F 144 16.32 8.83 11.92
CA MET F 144 15.21 8.82 10.96
C MET F 144 15.68 9.02 9.52
N ARG F 145 16.86 8.52 9.19
CA ARG F 145 17.40 8.58 7.84
C ARG F 145 17.03 7.34 7.04
N TYR F 146 16.48 7.54 5.85
CA TYR F 146 16.09 6.44 4.95
C TYR F 146 16.69 6.72 3.58
N ARG F 147 17.77 6.03 3.24
CA ARG F 147 18.42 6.32 1.98
C ARG F 147 17.71 5.64 0.80
N PRO F 148 17.77 6.25 -0.38
CA PRO F 148 17.14 5.65 -1.56
C PRO F 148 17.86 4.38 -2.02
N VAL F 149 17.14 3.60 -2.83
CA VAL F 149 17.59 2.27 -3.22
C VAL F 149 18.85 2.33 -4.08
N LYS F 150 18.93 3.31 -4.99
CA LYS F 150 20.03 3.33 -5.95
C LYS F 150 21.37 3.50 -5.25
N GLN F 151 21.43 4.38 -4.25
CA GLN F 151 22.66 4.53 -3.49
C GLN F 151 23.00 3.25 -2.75
N ALA F 152 21.99 2.50 -2.30
CA ALA F 152 22.25 1.21 -1.69
C ALA F 152 22.90 0.25 -2.68
N CYS F 153 22.45 0.27 -3.93
CA CYS F 153 23.08 -0.57 -4.94
C CYS F 153 24.55 -0.18 -5.13
N LEU F 154 24.82 1.12 -5.20
CA LEU F 154 26.21 1.55 -5.36
C LEU F 154 27.07 1.14 -4.16
N PHE F 155 26.54 1.28 -2.95
CA PHE F 155 27.30 0.85 -1.78
C PHE F 155 27.55 -0.66 -1.80
N SER F 156 26.58 -1.44 -2.28
CA SER F 156 26.78 -2.88 -2.38
C SER F 156 27.91 -3.23 -3.35
N ILE F 157 27.93 -2.55 -4.51
CA ILE F 157 29.01 -2.80 -5.46
C ILE F 157 30.36 -2.39 -4.87
N PHE F 158 30.39 -1.28 -4.13
CA PHE F 158 31.62 -0.87 -3.47
C PHE F 158 32.09 -1.92 -2.47
N TRP F 159 31.17 -2.51 -1.70
CA TRP F 159 31.58 -3.50 -0.73
C TRP F 159 32.11 -4.75 -1.40
N TRP F 160 31.50 -5.17 -2.51
CA TRP F 160 32.03 -6.32 -3.24
C TRP F 160 33.43 -6.03 -3.78
N ILE F 161 33.64 -4.84 -4.32
CA ILE F 161 34.96 -4.49 -4.85
C ILE F 161 36.00 -4.48 -3.72
N PHE F 162 35.62 -3.96 -2.55
CA PHE F 162 36.54 -3.97 -1.41
C PHE F 162 36.89 -5.39 -1.00
N ALA F 163 35.90 -6.27 -0.97
CA ALA F 163 36.16 -7.66 -0.64
C ALA F 163 37.11 -8.31 -1.65
N VAL F 164 36.94 -7.99 -2.93
CA VAL F 164 37.85 -8.52 -3.94
C VAL F 164 39.26 -8.00 -3.73
N ILE F 165 39.40 -6.69 -3.51
CA ILE F 165 40.72 -6.07 -3.45
C ILE F 165 41.45 -6.32 -2.14
N ILE F 166 40.78 -6.86 -1.13
CA ILE F 166 41.46 -7.14 0.13
C ILE F 166 42.02 -8.57 0.19
N ALA F 167 41.61 -9.43 -0.73
CA ALA F 167 42.05 -10.82 -0.74
C ALA F 167 43.23 -11.06 -1.66
N ILE F 168 43.85 -9.99 -2.17
CA ILE F 168 44.97 -10.16 -3.11
C ILE F 168 46.15 -10.92 -2.52
N PRO F 169 46.55 -10.74 -1.25
CA PRO F 169 47.77 -11.44 -0.79
C PRO F 169 47.72 -12.95 -0.93
N HIS F 170 46.55 -13.58 -0.75
CA HIS F 170 46.48 -15.03 -0.89
C HIS F 170 46.39 -15.49 -2.33
N PHE F 171 46.19 -14.59 -3.29
CA PHE F 171 45.99 -15.01 -4.68
C PHE F 171 47.23 -15.64 -5.30
N MET F 172 48.43 -15.19 -4.90
CA MET F 172 49.67 -15.74 -5.47
C MET F 172 49.88 -17.15 -4.94
N VAL F 173 49.23 -18.10 -5.60
CA VAL F 173 49.37 -19.52 -5.28
C VAL F 173 49.76 -20.27 -6.55
N VAL F 174 50.85 -21.03 -6.49
CA VAL F 174 51.23 -21.88 -7.61
C VAL F 174 50.22 -23.00 -7.74
N THR F 175 49.86 -23.34 -8.97
CA THR F 175 48.80 -24.29 -9.24
C THR F 175 49.34 -25.53 -9.93
N LYS F 176 48.95 -26.71 -9.41
CA LYS F 176 49.23 -28.03 -9.98
C LYS F 176 50.69 -28.17 -10.41
N LYS F 177 51.59 -27.67 -9.58
CA LYS F 177 53.03 -27.82 -9.81
C LYS F 177 53.47 -29.14 -9.20
N ASP F 178 54.00 -30.03 -10.05
CA ASP F 178 54.39 -31.37 -9.61
C ASP F 178 53.21 -32.16 -9.05
N ASN F 179 52.05 -32.00 -9.68
CA ASN F 179 50.82 -32.76 -9.41
C ASN F 179 50.17 -32.32 -8.10
N GLN F 180 50.62 -31.21 -7.51
CA GLN F 180 50.01 -30.66 -6.32
C GLN F 180 50.02 -29.13 -6.41
N CYS F 181 49.04 -28.49 -5.76
CA CYS F 181 48.92 -27.04 -5.84
C CYS F 181 49.06 -26.41 -4.46
N MET F 182 50.05 -25.53 -4.31
CA MET F 182 50.20 -24.70 -3.12
C MET F 182 51.20 -23.60 -3.46
N THR F 183 51.11 -22.49 -2.73
CA THR F 183 52.07 -21.41 -2.92
C THR F 183 53.43 -21.77 -2.34
N ASP F 184 54.48 -21.62 -3.15
CA ASP F 184 55.81 -22.02 -2.73
C ASP F 184 56.37 -21.06 -1.70
N TYR F 185 56.93 -21.60 -0.63
CA TYR F 185 57.59 -20.79 0.39
C TYR F 185 59.03 -20.53 -0.02
N ASP F 186 59.17 -19.67 -1.03
CA ASP F 186 60.46 -19.32 -1.59
C ASP F 186 60.65 -17.81 -1.70
N TYR F 187 59.60 -17.02 -1.47
CA TYR F 187 59.72 -15.57 -1.45
C TYR F 187 60.77 -15.16 -0.44
N LEU F 188 61.58 -14.15 -0.78
CA LEU F 188 62.70 -13.77 0.07
C LEU F 188 62.25 -13.45 1.49
N GLU F 189 61.09 -12.84 1.64
CA GLU F 189 60.62 -12.43 2.95
C GLU F 189 60.19 -13.64 3.77
N VAL F 190 60.82 -13.84 4.92
CA VAL F 190 60.53 -14.99 5.78
C VAL F 190 59.30 -14.76 6.64
N SER F 191 58.82 -13.51 6.71
CA SER F 191 57.67 -13.15 7.53
C SER F 191 56.36 -13.20 6.76
N TYR F 192 56.37 -13.65 5.52
CA TYR F 192 55.14 -13.64 4.72
C TYR F 192 54.03 -14.47 5.36
N PRO F 193 54.26 -15.69 5.86
CA PRO F 193 53.16 -16.40 6.53
C PRO F 193 52.64 -15.69 7.77
N ILE F 194 53.53 -15.14 8.60
CA ILE F 194 53.06 -14.44 9.81
C ILE F 194 52.25 -13.21 9.42
N ILE F 195 52.70 -12.45 8.42
CA ILE F 195 51.95 -11.26 8.05
C ILE F 195 50.57 -11.63 7.53
N LEU F 196 50.49 -12.72 6.73
CA LEU F 196 49.17 -13.14 6.26
C LEU F 196 48.29 -13.53 7.44
N ASN F 197 48.84 -14.29 8.40
CA ASN F 197 48.02 -14.75 9.51
C ASN F 197 47.53 -13.57 10.35
N VAL F 198 48.43 -12.63 10.66
CA VAL F 198 48.04 -11.50 11.51
C VAL F 198 47.02 -10.63 10.79
N GLU F 199 47.20 -10.39 9.49
CA GLU F 199 46.22 -9.58 8.79
C GLU F 199 44.87 -10.27 8.80
N LEU F 200 44.86 -11.59 8.59
CA LEU F 200 43.59 -12.30 8.55
C LEU F 200 42.88 -12.19 9.89
N MET F 201 43.59 -12.42 10.99
CA MET F 201 42.91 -12.39 12.28
C MET F 201 42.43 -10.98 12.61
N LEU F 202 43.29 -9.97 12.40
CA LEU F 202 42.93 -8.61 12.77
C LEU F 202 41.77 -8.10 11.92
N GLY F 203 41.84 -8.32 10.61
CA GLY F 203 40.79 -7.85 9.74
C GLY F 203 39.48 -8.57 9.96
N ALA F 204 39.53 -9.88 10.18
CA ALA F 204 38.32 -10.68 10.23
C ALA F 204 37.71 -10.82 11.61
N PHE F 205 38.33 -10.33 12.68
CA PHE F 205 37.75 -10.57 14.00
C PHE F 205 37.39 -9.30 14.76
N VAL F 206 38.36 -8.45 15.12
CA VAL F 206 38.08 -7.34 16.02
C VAL F 206 37.10 -6.35 15.41
N ILE F 207 37.28 -6.00 14.13
CA ILE F 207 36.46 -4.95 13.53
C ILE F 207 34.97 -5.31 13.47
N PRO F 208 34.57 -6.50 12.99
CA PRO F 208 33.14 -6.81 13.03
C PRO F 208 32.58 -6.86 14.43
N LEU F 209 33.30 -7.47 15.37
CA LEU F 209 32.78 -7.57 16.73
C LEU F 209 32.62 -6.19 17.32
N SER F 210 33.59 -5.31 17.11
CA SER F 210 33.53 -3.99 17.71
C SER F 210 32.36 -3.20 17.14
N VAL F 211 32.21 -3.19 15.82
CA VAL F 211 31.13 -2.40 15.20
C VAL F 211 29.77 -2.94 15.60
N ILE F 212 29.60 -4.26 15.54
CA ILE F 212 28.30 -4.84 15.86
C ILE F 212 27.96 -4.56 17.31
N SER F 213 28.91 -4.75 18.22
CA SER F 213 28.63 -4.57 19.63
C SER F 213 28.27 -3.12 19.92
N TYR F 214 29.03 -2.19 19.36
CA TYR F 214 28.76 -0.77 19.66
C TYR F 214 27.41 -0.35 19.12
N CYS F 215 27.10 -0.71 17.87
CA CYS F 215 25.83 -0.27 17.29
C CYS F 215 24.65 -0.89 18.02
N TYR F 216 24.70 -2.20 18.28
CA TYR F 216 23.58 -2.82 18.97
C TYR F 216 23.45 -2.30 20.39
N TYR F 217 24.57 -2.08 21.09
CA TYR F 217 24.47 -1.56 22.44
C TYR F 217 23.81 -0.19 22.43
N ARG F 218 24.17 0.65 21.45
CA ARG F 218 23.57 1.98 21.39
C ARG F 218 22.06 1.88 21.14
N ILE F 219 21.68 1.05 20.17
CA ILE F 219 20.25 0.92 19.83
C ILE F 219 19.47 0.33 21.00
N SER F 220 20.13 -0.45 21.86
CA SER F 220 19.43 -1.18 22.91
C SER F 220 18.78 -0.24 23.90
N ARG F 221 19.44 0.86 24.27
CA ARG F 221 18.88 1.77 25.24
C ARG F 221 17.60 2.43 24.71
N ILE F 222 17.64 2.89 23.45
CA ILE F 222 16.49 3.56 22.87
C ILE F 222 15.32 2.59 22.75
N VAL F 223 15.59 1.36 22.33
CA VAL F 223 14.48 0.41 22.24
C VAL F 223 14.02 -0.05 23.62
N ALA F 224 14.87 0.08 24.65
CA ALA F 224 14.49 -0.27 26.01
C ALA F 224 13.73 0.82 26.73
N VAL F 225 13.70 2.04 26.20
CA VAL F 225 12.97 3.12 26.87
C VAL F 225 11.53 3.23 26.35
N SER F 226 11.35 3.30 25.04
CA SER F 226 10.04 3.53 24.46
C SER F 226 9.11 2.33 24.67
N GLN F 227 7.81 2.58 24.51
CA GLN F 227 6.78 1.56 24.66
C GLN F 227 6.42 1.01 23.30
N SER F 228 6.63 -0.30 23.10
CA SER F 228 6.33 -0.94 21.84
C SER F 228 5.49 -2.21 21.96
N ARG F 229 5.22 -2.66 23.17
CA ARG F 229 4.40 -3.85 23.46
C ARG F 229 5.08 -5.16 23.06
N HIS F 230 6.24 -5.09 22.39
CA HIS F 230 6.98 -6.32 22.12
C HIS F 230 8.49 -6.11 22.08
N LYS F 231 9.00 -5.08 22.77
CA LYS F 231 10.44 -4.82 22.77
C LYS F 231 11.25 -6.03 23.20
N GLY F 232 10.74 -6.79 24.16
CA GLY F 232 11.40 -8.00 24.65
C GLY F 232 11.94 -8.90 23.57
N ARG F 233 11.14 -9.15 22.54
CA ARG F 233 11.61 -9.98 21.44
C ARG F 233 12.81 -9.33 20.75
N ILE F 234 12.78 -8.01 20.58
CA ILE F 234 13.87 -7.33 19.89
C ILE F 234 15.17 -7.46 20.69
N VAL F 235 15.11 -7.21 21.99
CA VAL F 235 16.33 -7.28 22.79
C VAL F 235 16.84 -8.71 22.87
N ARG F 236 15.94 -9.70 22.98
CA ARG F 236 16.39 -11.09 23.00
C ARG F 236 17.05 -11.47 21.68
N VAL F 237 16.50 -11.01 20.55
CA VAL F 237 17.10 -11.31 19.25
C VAL F 237 18.50 -10.72 19.15
N LEU F 238 18.67 -9.47 19.61
CA LEU F 238 19.99 -8.86 19.53
C LEU F 238 21.01 -9.62 20.37
N ILE F 239 20.64 -9.99 21.59
CA ILE F 239 21.59 -10.74 22.43
C ILE F 239 21.88 -12.11 21.82
N ALA F 240 20.88 -12.74 21.20
CA ALA F 240 21.12 -14.00 20.53
C ALA F 240 22.11 -13.84 19.39
N VAL F 241 21.98 -12.76 18.62
CA VAL F 241 22.87 -12.57 17.47
C VAL F 241 24.31 -12.44 17.94
N VAL F 242 24.53 -11.62 18.97
CA VAL F 242 25.91 -11.42 19.39
C VAL F 242 26.49 -12.66 20.05
N LEU F 243 25.69 -13.38 20.86
CA LEU F 243 26.18 -14.59 21.49
C LEU F 243 26.51 -15.67 20.47
N VAL F 244 25.70 -15.76 19.40
CA VAL F 244 25.99 -16.76 18.37
C VAL F 244 27.28 -16.39 17.66
N PHE F 245 27.38 -15.15 17.19
CA PHE F 245 28.57 -14.83 16.40
C PHE F 245 29.82 -15.06 17.24
N ILE F 246 29.80 -14.63 18.51
CA ILE F 246 31.00 -14.73 19.34
C ILE F 246 31.40 -16.20 19.55
N ILE F 247 30.45 -17.06 19.92
CA ILE F 247 30.81 -18.44 20.28
C ILE F 247 31.53 -19.16 19.14
N PHE F 248 30.96 -19.15 17.94
CA PHE F 248 31.50 -19.99 16.87
C PHE F 248 32.91 -19.60 16.45
N TRP F 249 33.21 -18.30 16.35
CA TRP F 249 34.50 -17.89 15.79
C TRP F 249 35.66 -17.84 16.77
N LEU F 250 35.42 -17.73 18.07
CA LEU F 250 36.50 -17.60 19.05
C LEU F 250 37.57 -18.69 18.93
N PRO F 251 37.22 -19.98 19.18
CA PRO F 251 38.28 -21.01 19.25
C PRO F 251 39.23 -21.02 18.06
N TYR F 252 38.73 -20.82 16.85
CA TYR F 252 39.59 -20.85 15.68
C TYR F 252 40.63 -19.74 15.75
N HIS F 253 40.21 -18.54 16.15
CA HIS F 253 41.16 -17.44 16.20
C HIS F 253 42.13 -17.58 17.38
N LEU F 254 41.70 -18.17 18.49
CA LEU F 254 42.66 -18.40 19.56
C LEU F 254 43.72 -19.42 19.14
N THR F 255 43.31 -20.50 18.48
CA THR F 255 44.27 -21.49 18.03
C THR F 255 45.23 -20.91 16.99
N LEU F 256 44.70 -20.13 16.05
CA LEU F 256 45.57 -19.48 15.08
C LEU F 256 46.53 -18.51 15.76
N PHE F 257 46.07 -17.84 16.82
CA PHE F 257 46.97 -16.97 17.57
C PHE F 257 48.11 -17.75 18.18
N VAL F 258 47.81 -18.91 18.78
CA VAL F 258 48.87 -19.69 19.40
C VAL F 258 49.85 -20.18 18.34
N ASP F 259 49.35 -20.52 17.16
CA ASP F 259 50.26 -20.90 16.08
C ASP F 259 51.12 -19.73 15.63
N THR F 260 50.55 -18.51 15.62
CA THR F 260 51.34 -17.34 15.26
C THR F 260 52.46 -17.10 16.28
N LEU F 261 52.16 -17.25 17.56
CA LEU F 261 53.24 -17.16 18.56
C LEU F 261 54.28 -18.25 18.35
N LYS F 262 53.84 -19.46 17.99
CA LYS F 262 54.82 -20.51 17.73
C LYS F 262 55.73 -20.16 16.56
N LEU F 263 55.17 -19.61 15.48
CA LEU F 263 55.99 -19.27 14.33
C LEU F 263 57.02 -18.19 14.63
N LEU F 264 56.80 -17.40 15.67
CA LEU F 264 57.80 -16.43 16.09
C LEU F 264 58.91 -17.07 16.91
N LYS F 265 58.81 -18.37 17.18
CA LYS F 265 59.84 -19.17 17.84
C LYS F 265 60.10 -18.73 19.27
N TRP F 266 59.26 -17.86 19.82
CA TRP F 266 59.44 -17.40 21.20
C TRP F 266 59.26 -18.56 22.18
N ILE F 267 58.24 -19.37 21.98
CA ILE F 267 57.95 -20.51 22.84
C ILE F 267 58.75 -21.71 22.34
N SER F 268 59.06 -22.63 23.26
CA SER F 268 59.78 -23.85 22.91
C SER F 268 58.93 -24.72 21.98
N SER F 269 59.62 -25.47 21.12
CA SER F 269 58.99 -26.29 20.10
C SER F 269 59.22 -27.77 20.39
N SER F 270 58.15 -28.56 20.38
CA SER F 270 58.23 -30.00 20.54
C SER F 270 57.24 -30.67 19.59
N CYS F 271 57.57 -31.90 19.19
CA CYS F 271 56.76 -32.58 18.18
C CYS F 271 55.35 -32.89 18.68
N GLU F 272 55.21 -33.31 19.94
CA GLU F 272 53.87 -33.60 20.44
C GLU F 272 53.02 -32.33 20.45
N PHE F 273 53.65 -31.20 20.78
CA PHE F 273 52.98 -29.91 20.68
C PHE F 273 52.51 -29.66 19.25
N GLU F 274 53.36 -29.96 18.27
CA GLU F 274 53.00 -29.73 16.88
C GLU F 274 51.81 -30.58 16.46
N ARG F 275 51.86 -31.89 16.74
CA ARG F 275 50.78 -32.76 16.29
C ARG F 275 49.47 -32.44 16.99
N SER F 276 49.51 -32.15 18.29
CA SER F 276 48.27 -31.84 18.97
C SER F 276 47.72 -30.48 18.53
N LEU F 277 48.61 -29.54 18.22
CA LEU F 277 48.17 -28.25 17.71
C LEU F 277 47.52 -28.41 16.34
N LYS F 278 48.10 -29.24 15.48
CA LYS F 278 47.49 -29.48 14.17
C LYS F 278 46.13 -30.15 14.32
N ARG F 279 46.02 -31.11 15.24
CA ARG F 279 44.72 -31.76 15.47
C ARG F 279 43.66 -30.75 15.89
N ALA F 280 43.97 -29.93 16.90
CA ALA F 280 43.00 -28.96 17.37
C ALA F 280 42.67 -27.95 16.28
N LEU F 281 43.68 -27.53 15.52
CA LEU F 281 43.47 -26.51 14.50
C LEU F 281 42.56 -27.02 13.40
N ILE F 282 42.81 -28.23 12.90
CA ILE F 282 41.96 -28.76 11.84
C ILE F 282 40.54 -28.98 12.34
N LEU F 283 40.39 -29.48 13.58
CA LEU F 283 39.04 -29.73 14.07
C LEU F 283 38.25 -28.44 14.24
N THR F 284 38.87 -27.41 14.82
CA THR F 284 38.13 -26.16 15.03
C THR F 284 37.91 -25.42 13.72
N GLU F 285 38.81 -25.57 12.75
CA GLU F 285 38.55 -25.00 11.44
C GLU F 285 37.35 -25.67 10.78
N SER F 286 37.23 -26.99 10.93
CA SER F 286 36.06 -27.67 10.39
C SER F 286 34.79 -27.20 11.07
N LEU F 287 34.84 -26.97 12.38
CA LEU F 287 33.65 -26.48 13.07
C LEU F 287 33.28 -25.07 12.60
N ALA F 288 34.30 -24.22 12.35
CA ALA F 288 34.04 -22.80 12.07
C ALA F 288 33.12 -22.58 10.89
N PHE F 289 33.24 -23.40 9.83
CA PHE F 289 32.46 -23.17 8.62
C PHE F 289 30.96 -23.36 8.84
N CYS F 290 30.54 -24.01 9.92
CA CYS F 290 29.12 -24.22 10.15
C CYS F 290 28.37 -22.91 10.35
N HIS F 291 29.08 -21.84 10.71
CA HIS F 291 28.43 -20.56 10.99
C HIS F 291 27.76 -19.96 9.76
N CYS F 292 28.31 -20.20 8.57
CA CYS F 292 27.79 -19.54 7.37
C CYS F 292 26.35 -19.93 7.10
N CYS F 293 26.00 -21.21 7.30
CA CYS F 293 24.67 -21.69 6.94
C CYS F 293 23.59 -21.11 7.84
N LEU F 294 23.93 -20.72 9.07
CA LEU F 294 22.93 -20.31 10.05
C LEU F 294 22.39 -18.90 9.83
N ASN F 295 23.03 -18.09 8.97
CA ASN F 295 22.63 -16.69 8.80
C ASN F 295 21.15 -16.48 8.48
N PRO F 296 20.54 -17.19 7.53
CA PRO F 296 19.12 -16.92 7.21
C PRO F 296 18.15 -17.15 8.37
N LEU F 297 18.40 -18.15 9.21
CA LEU F 297 17.51 -18.33 10.35
C LEU F 297 17.65 -17.20 11.35
N LEU F 298 18.86 -16.65 11.49
CA LEU F 298 19.09 -15.62 12.48
C LEU F 298 18.57 -14.25 12.04
N TYR F 299 18.73 -13.92 10.76
CA TYR F 299 18.36 -12.57 10.30
C TYR F 299 16.94 -12.47 9.76
N VAL F 300 16.61 -13.27 8.73
CA VAL F 300 15.41 -13.03 7.94
C VAL F 300 14.17 -13.67 8.56
N PHE F 301 14.23 -14.97 8.86
CA PHE F 301 13.00 -15.71 9.14
C PHE F 301 12.31 -15.30 10.44
N VAL F 302 13.03 -14.72 11.40
CA VAL F 302 12.36 -14.30 12.64
C VAL F 302 11.25 -13.30 12.33
N GLY F 303 11.38 -12.54 11.25
CA GLY F 303 10.37 -11.59 10.85
C GLY F 303 9.06 -12.26 10.48
N THR F 304 7.93 -11.72 10.98
CA THR F 304 6.64 -12.34 10.73
C THR F 304 6.26 -12.33 9.25
N LYS F 305 6.53 -11.20 8.57
CA LYS F 305 6.06 -11.06 7.20
C LYS F 305 6.66 -12.13 6.29
N PHE F 306 7.97 -12.38 6.43
CA PHE F 306 8.60 -13.37 5.58
C PHE F 306 8.03 -14.76 5.84
N ARG F 307 7.77 -15.08 7.10
CA ARG F 307 7.18 -16.39 7.40
C ARG F 307 5.82 -16.53 6.75
N GLN F 308 5.01 -15.47 6.77
CA GLN F 308 3.69 -15.58 6.15
C GLN F 308 3.79 -15.68 4.64
N GLU F 309 4.72 -14.95 4.03
CA GLU F 309 4.93 -15.10 2.58
C GLU F 309 5.39 -16.51 2.23
N LEU F 310 6.22 -17.11 3.09
CA LEU F 310 6.64 -18.49 2.86
C LEU F 310 5.44 -19.43 2.91
N HIS F 311 4.51 -19.19 3.83
CA HIS F 311 3.28 -19.99 3.81
C HIS F 311 2.50 -19.78 2.52
N CYS F 312 2.40 -18.53 2.06
CA CYS F 312 1.68 -18.23 0.83
C CYS F 312 2.37 -18.83 -0.40
N LEU F 313 3.66 -19.14 -0.31
CA LEU F 313 4.36 -19.77 -1.41
C LEU F 313 4.34 -21.28 -1.32
N LEU F 314 4.31 -21.82 -0.10
CA LEU F 314 4.10 -23.25 0.09
C LEU F 314 2.71 -23.67 -0.37
N ALA F 315 1.75 -22.75 -0.32
CA ALA F 315 0.39 -23.10 -0.73
C ALA F 315 0.31 -23.39 -2.23
N GLU F 316 0.86 -22.50 -3.06
CA GLU F 316 0.62 -22.58 -4.50
C GLU F 316 1.29 -23.79 -5.13
N PHE F 317 2.59 -24.00 -4.87
CA PHE F 317 3.31 -25.06 -5.54
C PHE F 317 2.86 -26.46 -5.14
N ARG F 318 2.06 -26.60 -4.09
CA ARG F 318 1.56 -27.92 -3.71
C ARG F 318 0.03 -27.93 -3.73
#